data_1ONV
#
_entry.id   1ONV
#
loop_
_entity.id
_entity.type
_entity.pdbx_description
1 polymer 'Transcription initiation factor IIF, alpha subunit'
2 polymer 'serine phosphatase FCP1a'
#
loop_
_entity_poly.entity_id
_entity_poly.type
_entity_poly.pdbx_seq_one_letter_code
_entity_poly.pdbx_strand_id
1 'polypeptide(L)'
;STPQPPSGKTTPNSGDVQVTEDAVRRYLTRKPMTTKDLLKKFQTKKTGLSSEQTVNVLAQILKRLNPERKMINDKMHFSL
KE
;
A
2 'polypeptide(L)'
;PEEQEEEPQPRKPGTRRERTLGAPASSERSAAGGRGPRGHKRKLNEEDAASESSRESSNEDEGSSSEADEMAKALEAELN
DLM
;
B
#
# COMPACT_ATOMS: atom_id res chain seq x y z
N ASP A 16 5.90 -15.75 -12.02
CA ASP A 16 6.99 -14.74 -12.08
C ASP A 16 6.43 -13.33 -11.88
N VAL A 17 6.21 -12.96 -10.62
CA VAL A 17 5.69 -11.64 -10.29
C VAL A 17 6.69 -10.83 -9.48
N GLN A 18 6.90 -9.58 -9.89
CA GLN A 18 7.83 -8.70 -9.20
C GLN A 18 7.15 -7.40 -8.79
N VAL A 19 7.65 -6.79 -7.72
CA VAL A 19 7.09 -5.54 -7.23
C VAL A 19 8.05 -4.38 -7.43
N THR A 20 7.55 -3.29 -8.00
CA THR A 20 8.37 -2.11 -8.26
C THR A 20 7.62 -0.82 -7.93
N GLU A 21 8.36 0.24 -7.66
CA GLU A 21 7.75 1.53 -7.33
C GLU A 21 6.89 2.03 -8.48
N ASP A 22 7.37 1.82 -9.70
CA ASP A 22 6.63 2.27 -10.89
C ASP A 22 5.27 1.60 -10.96
N ALA A 23 5.21 0.32 -10.58
CA ALA A 23 3.96 -0.42 -10.61
C ALA A 23 2.95 0.15 -9.61
N VAL A 24 3.42 0.44 -8.41
CA VAL A 24 2.56 1.00 -7.37
C VAL A 24 2.05 2.38 -7.75
N ARG A 25 2.97 3.23 -8.23
CA ARG A 25 2.62 4.58 -8.64
C ARG A 25 1.64 4.56 -9.81
N ARG A 26 1.77 3.55 -10.66
CA ARG A 26 0.89 3.42 -11.83
C ARG A 26 -0.57 3.36 -11.40
N TYR A 27 -0.84 2.60 -10.35
CA TYR A 27 -2.21 2.46 -9.85
C TYR A 27 -2.73 3.78 -9.29
N LEU A 28 -1.89 4.46 -8.51
CA LEU A 28 -2.27 5.73 -7.91
C LEU A 28 -2.47 6.79 -8.99
N THR A 29 -1.65 6.74 -10.03
CA THR A 29 -1.75 7.70 -11.13
C THR A 29 -3.04 7.51 -11.91
N ARG A 30 -3.48 6.26 -12.01
CA ARG A 30 -4.71 5.94 -12.74
C ARG A 30 -5.93 6.15 -11.86
N LYS A 31 -5.91 5.55 -10.67
CA LYS A 31 -7.02 5.67 -9.73
C LYS A 31 -6.50 5.66 -8.29
N PRO A 32 -7.07 6.52 -7.42
CA PRO A 32 -6.67 6.60 -6.01
C PRO A 32 -6.95 5.31 -5.26
N MET A 33 -5.98 4.87 -4.46
CA MET A 33 -6.12 3.66 -3.68
C MET A 33 -5.60 3.84 -2.26
N THR A 34 -5.91 2.89 -1.39
CA THR A 34 -5.48 2.94 0.00
C THR A 34 -4.34 1.95 0.25
N THR A 35 -3.65 2.12 1.37
CA THR A 35 -2.55 1.24 1.73
C THR A 35 -3.01 -0.21 1.82
N LYS A 36 -4.18 -0.42 2.43
CA LYS A 36 -4.73 -1.76 2.58
C LYS A 36 -5.01 -2.39 1.21
N ASP A 37 -5.52 -1.59 0.28
CA ASP A 37 -5.82 -2.07 -1.05
C ASP A 37 -4.56 -2.43 -1.81
N LEU A 38 -3.54 -1.60 -1.66
CA LEU A 38 -2.26 -1.81 -2.32
C LEU A 38 -1.61 -3.11 -1.85
N LEU A 39 -1.62 -3.33 -0.54
CA LEU A 39 -1.02 -4.53 0.03
C LEU A 39 -1.81 -5.77 -0.39
N LYS A 40 -3.13 -5.64 -0.49
CA LYS A 40 -3.99 -6.75 -0.88
C LYS A 40 -3.62 -7.26 -2.27
N LYS A 41 -3.11 -6.37 -3.11
CA LYS A 41 -2.72 -6.74 -4.47
C LYS A 41 -1.68 -7.86 -4.46
N PHE A 42 -0.76 -7.80 -3.51
CA PHE A 42 0.28 -8.81 -3.40
C PHE A 42 0.43 -9.31 -1.97
N GLN A 43 -0.69 -9.29 -1.23
CA GLN A 43 -0.68 -9.75 0.16
C GLN A 43 -0.34 -11.23 0.25
N THR A 44 -1.01 -12.04 -0.57
CA THR A 44 -0.78 -13.48 -0.58
C THR A 44 -1.50 -14.13 -1.76
N LYS A 45 -1.57 -13.41 -2.87
CA LYS A 45 -2.23 -13.93 -4.07
C LYS A 45 -1.41 -15.03 -4.72
N LYS A 46 -0.22 -14.67 -5.20
CA LYS A 46 0.67 -15.63 -5.85
C LYS A 46 2.08 -15.54 -5.29
N THR A 47 2.57 -14.31 -5.13
CA THR A 47 3.90 -14.08 -4.59
C THR A 47 4.07 -14.75 -3.23
N GLY A 48 5.02 -15.69 -3.16
CA GLY A 48 5.26 -16.39 -1.91
C GLY A 48 6.19 -15.64 -0.99
N LEU A 49 5.85 -14.38 -0.68
CA LEU A 49 6.67 -13.56 0.18
C LEU A 49 6.04 -13.44 1.57
N SER A 50 6.88 -13.37 2.60
CA SER A 50 6.40 -13.26 3.97
C SER A 50 5.57 -11.99 4.15
N SER A 51 4.66 -12.02 5.12
CA SER A 51 3.81 -10.87 5.40
C SER A 51 4.64 -9.64 5.72
N GLU A 52 5.69 -9.83 6.51
CA GLU A 52 6.57 -8.74 6.89
C GLU A 52 7.41 -8.27 5.71
N GLN A 53 7.88 -9.22 4.91
CA GLN A 53 8.69 -8.91 3.74
C GLN A 53 7.89 -8.12 2.70
N THR A 54 6.64 -8.54 2.49
CA THR A 54 5.77 -7.87 1.52
C THR A 54 5.56 -6.41 1.92
N VAL A 55 5.33 -6.17 3.20
CA VAL A 55 5.10 -4.82 3.70
C VAL A 55 6.40 -4.01 3.71
N ASN A 56 7.49 -4.67 4.10
CA ASN A 56 8.80 -4.02 4.16
C ASN A 56 9.21 -3.48 2.78
N VAL A 57 9.00 -4.28 1.75
CA VAL A 57 9.35 -3.88 0.39
C VAL A 57 8.53 -2.68 -0.06
N LEU A 58 7.20 -2.80 0.06
CA LEU A 58 6.31 -1.71 -0.34
C LEU A 58 6.45 -0.52 0.60
N ALA A 59 6.79 -0.79 1.85
CA ALA A 59 6.96 0.27 2.84
C ALA A 59 8.13 1.18 2.48
N GLN A 60 9.25 0.57 2.15
CA GLN A 60 10.46 1.31 1.79
C GLN A 60 10.21 2.17 0.56
N ILE A 61 9.45 1.64 -0.39
CA ILE A 61 9.14 2.36 -1.61
C ILE A 61 8.05 3.40 -1.36
N LEU A 62 6.96 2.98 -0.74
CA LEU A 62 5.84 3.87 -0.45
C LEU A 62 6.24 4.95 0.53
N LYS A 63 6.87 4.57 1.63
CA LYS A 63 7.31 5.53 2.65
C LYS A 63 8.02 6.73 2.01
N ARG A 64 8.85 6.45 1.02
CA ARG A 64 9.58 7.51 0.34
C ARG A 64 8.70 8.23 -0.69
N LEU A 65 7.59 7.59 -1.05
CA LEU A 65 6.67 8.14 -2.04
C LEU A 65 6.18 9.54 -1.68
N ASN A 66 5.95 9.77 -0.40
CA ASN A 66 5.46 11.08 0.06
C ASN A 66 4.33 11.60 -0.82
N PRO A 67 3.32 10.76 -1.10
CA PRO A 67 2.18 11.15 -1.94
C PRO A 67 1.20 12.06 -1.22
N GLU A 68 0.04 12.26 -1.82
CA GLU A 68 -0.99 13.11 -1.22
C GLU A 68 -2.17 12.26 -0.73
N ARG A 69 -2.92 12.79 0.23
CA ARG A 69 -4.06 12.08 0.78
C ARG A 69 -5.36 12.81 0.46
N LYS A 70 -6.38 12.05 0.08
CA LYS A 70 -7.68 12.62 -0.26
C LYS A 70 -8.81 11.88 0.46
N MET A 71 -9.85 12.62 0.82
CA MET A 71 -10.98 12.03 1.53
C MET A 71 -12.02 11.50 0.54
N ILE A 72 -12.02 10.19 0.34
CA ILE A 72 -12.95 9.55 -0.58
C ILE A 72 -13.86 8.56 0.16
N ASN A 73 -15.17 8.79 0.06
CA ASN A 73 -16.14 7.92 0.72
C ASN A 73 -15.87 7.84 2.22
N ASP A 74 -15.58 8.99 2.83
CA ASP A 74 -15.30 9.05 4.26
C ASP A 74 -14.10 8.18 4.61
N LYS A 75 -13.11 8.14 3.72
CA LYS A 75 -11.90 7.36 3.94
C LYS A 75 -10.70 8.02 3.31
N MET A 76 -9.51 7.71 3.81
CA MET A 76 -8.27 8.28 3.29
C MET A 76 -7.74 7.45 2.14
N HIS A 77 -7.41 8.11 1.03
CA HIS A 77 -6.88 7.42 -0.14
C HIS A 77 -5.59 8.09 -0.63
N PHE A 78 -4.84 7.38 -1.46
CA PHE A 78 -3.59 7.90 -2.00
C PHE A 78 -3.75 8.27 -3.48
N SER A 79 -3.30 9.47 -3.83
CA SER A 79 -3.39 9.92 -5.21
C SER A 79 -2.07 10.54 -5.67
N LEU A 80 -1.75 10.38 -6.94
CA LEU A 80 -0.51 10.92 -7.51
C LEU A 80 -0.79 11.65 -8.82
N LYS A 81 -0.16 12.82 -8.98
CA LYS A 81 -0.33 13.62 -10.18
C LYS A 81 1.02 13.97 -10.79
N GLU A 82 1.45 13.17 -11.75
CA GLU A 82 2.74 13.40 -12.42
C GLU A 82 2.74 14.75 -13.11
N GLY B 63 -13.51 -10.28 14.81
CA GLY B 63 -14.47 -10.72 13.76
C GLY B 63 -13.86 -11.71 12.80
N SER B 64 -14.36 -11.73 11.57
CA SER B 64 -13.86 -12.64 10.54
C SER B 64 -12.39 -12.37 10.26
N SER B 65 -11.98 -11.12 10.42
CA SER B 65 -10.59 -10.74 10.17
C SER B 65 -10.06 -9.86 11.31
N SER B 66 -8.74 -9.85 11.47
CA SER B 66 -8.11 -9.05 12.52
C SER B 66 -6.60 -8.94 12.28
N GLU B 67 -5.91 -10.07 12.37
CA GLU B 67 -4.46 -10.09 12.16
C GLU B 67 -4.11 -9.59 10.76
N ALA B 68 -4.95 -9.94 9.79
CA ALA B 68 -4.72 -9.53 8.41
C ALA B 68 -4.76 -8.01 8.26
N ASP B 69 -5.68 -7.38 8.98
CA ASP B 69 -5.82 -5.93 8.94
C ASP B 69 -4.53 -5.24 9.39
N GLU B 70 -3.92 -5.78 10.44
CA GLU B 70 -2.68 -5.24 10.98
C GLU B 70 -1.56 -5.29 9.95
N MET B 71 -1.62 -6.30 9.08
CA MET B 71 -0.61 -6.47 8.04
C MET B 71 -0.50 -5.22 7.16
N ALA B 72 -1.64 -4.58 6.93
CA ALA B 72 -1.67 -3.36 6.12
C ALA B 72 -1.38 -2.13 6.94
N LYS B 73 -1.71 -2.19 8.24
CA LYS B 73 -1.49 -1.06 9.14
C LYS B 73 -0.02 -0.66 9.16
N ALA B 74 0.85 -1.66 9.08
CA ALA B 74 2.29 -1.41 9.10
C ALA B 74 2.71 -0.51 7.94
N LEU B 75 2.13 -0.74 6.77
CA LEU B 75 2.43 0.05 5.58
C LEU B 75 1.99 1.49 5.76
N GLU B 76 0.79 1.68 6.29
CA GLU B 76 0.24 3.01 6.51
C GLU B 76 1.03 3.76 7.59
N ALA B 77 1.51 3.02 8.58
CA ALA B 77 2.28 3.60 9.67
C ALA B 77 3.52 4.32 9.15
N GLU B 78 4.09 3.80 8.06
CA GLU B 78 5.29 4.39 7.47
C GLU B 78 4.97 5.72 6.80
N LEU B 79 4.10 5.67 5.79
CA LEU B 79 3.70 6.88 5.06
C LEU B 79 3.05 7.90 5.98
N ASN B 80 2.57 7.44 7.14
CA ASN B 80 1.92 8.31 8.09
C ASN B 80 2.83 9.48 8.48
N ASP B 81 4.14 9.26 8.40
CA ASP B 81 5.11 10.29 8.74
C ASP B 81 5.08 11.43 7.73
N LEU B 82 5.41 11.12 6.48
CA LEU B 82 5.43 12.12 5.42
C LEU B 82 4.06 12.80 5.29
N MET B 83 3.01 12.08 5.66
CA MET B 83 1.66 12.62 5.58
C MET B 83 1.54 13.92 6.38
N ASP A 16 12.40 -16.22 -7.86
CA ASP A 16 11.73 -15.35 -6.85
C ASP A 16 10.94 -14.24 -7.52
N VAL A 17 9.92 -13.74 -6.82
CA VAL A 17 9.07 -12.68 -7.36
C VAL A 17 9.21 -11.41 -6.53
N GLN A 18 9.36 -10.27 -7.21
CA GLN A 18 9.50 -8.99 -6.54
C GLN A 18 8.46 -7.99 -7.04
N VAL A 19 8.23 -6.94 -6.27
CA VAL A 19 7.26 -5.92 -6.63
C VAL A 19 7.96 -4.65 -7.14
N THR A 20 7.46 -4.12 -8.24
CA THR A 20 8.03 -2.91 -8.84
C THR A 20 7.24 -1.67 -8.40
N GLU A 21 7.97 -0.61 -8.08
CA GLU A 21 7.35 0.64 -7.64
C GLU A 21 6.42 1.18 -8.74
N ASP A 22 6.82 1.00 -9.99
CA ASP A 22 6.02 1.47 -11.12
C ASP A 22 4.63 0.85 -11.11
N ALA A 23 4.56 -0.43 -10.74
CA ALA A 23 3.30 -1.13 -10.68
C ALA A 23 2.35 -0.52 -9.65
N VAL A 24 2.88 -0.29 -8.45
CA VAL A 24 2.09 0.29 -7.38
C VAL A 24 1.70 1.74 -7.71
N ARG A 25 2.67 2.51 -8.18
CA ARG A 25 2.44 3.90 -8.53
C ARG A 25 1.39 4.03 -9.62
N ARG A 26 1.41 3.09 -10.57
CA ARG A 26 0.46 3.09 -11.67
C ARG A 26 -0.98 3.05 -11.16
N TYR A 27 -1.20 2.25 -10.13
CA TYR A 27 -2.54 2.11 -9.55
C TYR A 27 -2.99 3.42 -8.89
N LEU A 28 -2.11 4.00 -8.08
CA LEU A 28 -2.41 5.25 -7.39
C LEU A 28 -2.54 6.40 -8.37
N THR A 29 -1.66 6.41 -9.38
CA THR A 29 -1.68 7.46 -10.39
C THR A 29 -2.95 7.38 -11.23
N ARG A 30 -3.46 6.17 -11.42
CA ARG A 30 -4.68 5.97 -12.20
C ARG A 30 -5.91 6.35 -11.39
N LYS A 31 -5.99 5.83 -10.18
CA LYS A 31 -7.13 6.11 -9.30
C LYS A 31 -6.68 6.16 -7.84
N PRO A 32 -7.31 7.03 -7.03
CA PRO A 32 -6.97 7.16 -5.61
C PRO A 32 -7.48 5.98 -4.78
N MET A 33 -6.56 5.30 -4.10
CA MET A 33 -6.91 4.15 -3.27
C MET A 33 -6.19 4.20 -1.93
N THR A 34 -6.72 3.47 -0.95
CA THR A 34 -6.12 3.43 0.38
C THR A 34 -5.06 2.33 0.45
N THR A 35 -4.26 2.37 1.52
CA THR A 35 -3.20 1.39 1.72
C THR A 35 -3.75 -0.03 1.67
N LYS A 36 -4.88 -0.25 2.33
CA LYS A 36 -5.52 -1.56 2.36
C LYS A 36 -5.82 -2.05 0.95
N ASP A 37 -6.28 -1.14 0.10
CA ASP A 37 -6.61 -1.50 -1.28
C ASP A 37 -5.37 -1.99 -2.03
N LEU A 38 -4.25 -1.33 -1.81
CA LEU A 38 -3.00 -1.70 -2.46
C LEU A 38 -2.52 -3.07 -2.00
N LEU A 39 -2.60 -3.32 -0.69
CA LEU A 39 -2.17 -4.58 -0.12
C LEU A 39 -3.02 -5.74 -0.67
N LYS A 40 -4.33 -5.54 -0.71
CA LYS A 40 -5.24 -6.57 -1.21
C LYS A 40 -4.85 -7.02 -2.61
N LYS A 41 -4.36 -6.09 -3.42
CA LYS A 41 -3.95 -6.41 -4.79
C LYS A 41 -2.84 -7.44 -4.80
N PHE A 42 -1.91 -7.33 -3.85
CA PHE A 42 -0.79 -8.26 -3.76
C PHE A 42 -0.75 -8.94 -2.39
N GLN A 43 -1.93 -9.16 -1.82
CA GLN A 43 -2.02 -9.80 -0.51
C GLN A 43 -1.42 -11.20 -0.54
N THR A 44 -1.73 -11.95 -1.58
CA THR A 44 -1.21 -13.30 -1.74
C THR A 44 -1.55 -13.86 -3.12
N LYS A 45 -1.55 -12.97 -4.12
CA LYS A 45 -1.85 -13.38 -5.50
C LYS A 45 -0.84 -14.40 -6.01
N LYS A 46 0.40 -13.95 -6.20
CA LYS A 46 1.46 -14.83 -6.68
C LYS A 46 2.83 -14.23 -6.41
N THR A 47 2.93 -13.44 -5.34
CA THR A 47 4.19 -12.80 -4.98
C THR A 47 5.12 -13.79 -4.29
N GLY A 48 4.53 -14.76 -3.60
CA GLY A 48 5.32 -15.76 -2.90
C GLY A 48 5.96 -15.21 -1.63
N LEU A 49 5.45 -14.08 -1.16
CA LEU A 49 5.99 -13.46 0.05
C LEU A 49 4.91 -13.35 1.12
N SER A 50 5.31 -13.51 2.39
CA SER A 50 4.38 -13.43 3.50
C SER A 50 3.82 -12.01 3.64
N SER A 51 2.77 -11.88 4.44
CA SER A 51 2.14 -10.59 4.66
C SER A 51 3.15 -9.56 5.18
N GLU A 52 4.02 -10.00 6.07
CA GLU A 52 5.04 -9.13 6.64
C GLU A 52 6.08 -8.75 5.59
N GLN A 53 6.49 -9.73 4.80
CA GLN A 53 7.48 -9.50 3.76
C GLN A 53 6.93 -8.58 2.67
N THR A 54 5.68 -8.82 2.27
CA THR A 54 5.05 -8.01 1.23
C THR A 54 4.91 -6.57 1.68
N VAL A 55 4.47 -6.37 2.92
CA VAL A 55 4.31 -5.03 3.48
C VAL A 55 5.65 -4.37 3.73
N ASN A 56 6.65 -5.18 4.10
CA ASN A 56 7.98 -4.67 4.38
C ASN A 56 8.56 -3.94 3.18
N VAL A 57 8.39 -4.53 2.00
CA VAL A 57 8.89 -3.93 0.76
C VAL A 57 8.05 -2.73 0.35
N LEU A 58 6.74 -2.91 0.32
CA LEU A 58 5.82 -1.85 -0.07
C LEU A 58 5.89 -0.68 0.92
N ALA A 59 6.06 -1.01 2.20
CA ALA A 59 6.14 0.01 3.24
C ALA A 59 7.36 0.90 3.03
N GLN A 60 8.51 0.28 2.76
CA GLN A 60 9.75 1.02 2.55
C GLN A 60 9.72 1.75 1.20
N ILE A 61 9.21 1.10 0.18
CA ILE A 61 9.14 1.69 -1.15
C ILE A 61 8.15 2.85 -1.18
N LEU A 62 6.99 2.65 -0.57
CA LEU A 62 5.96 3.68 -0.52
C LEU A 62 6.34 4.82 0.43
N LYS A 63 7.01 4.47 1.52
CA LYS A 63 7.42 5.47 2.51
C LYS A 63 8.10 6.66 1.84
N ARG A 64 9.01 6.38 0.90
CA ARG A 64 9.72 7.43 0.18
C ARG A 64 8.86 8.04 -0.92
N LEU A 65 7.78 7.35 -1.28
CA LEU A 65 6.88 7.83 -2.34
C LEU A 65 6.37 9.23 -2.05
N ASN A 66 6.03 9.48 -0.79
CA ASN A 66 5.52 10.79 -0.39
C ASN A 66 4.31 11.20 -1.23
N PRO A 67 3.30 10.32 -1.34
CA PRO A 67 2.09 10.59 -2.11
C PRO A 67 1.15 11.54 -1.40
N GLU A 68 0.11 11.98 -2.11
CA GLU A 68 -0.87 12.90 -1.54
C GLU A 68 -1.96 12.13 -0.80
N ARG A 69 -2.67 12.82 0.08
CA ARG A 69 -3.75 12.19 0.85
C ARG A 69 -5.04 13.00 0.74
N LYS A 70 -6.12 12.31 0.42
CA LYS A 70 -7.42 12.95 0.27
C LYS A 70 -8.49 12.21 1.08
N MET A 71 -9.47 12.95 1.58
CA MET A 71 -10.55 12.36 2.36
C MET A 71 -11.70 11.91 1.46
N ILE A 72 -11.83 10.60 1.29
CA ILE A 72 -12.89 10.04 0.46
C ILE A 72 -13.85 9.19 1.29
N ASN A 73 -15.10 9.63 1.36
CA ASN A 73 -16.13 8.92 2.12
C ASN A 73 -15.69 8.73 3.56
N ASP A 74 -15.18 9.79 4.18
CA ASP A 74 -14.73 9.74 5.56
C ASP A 74 -13.59 8.73 5.72
N LYS A 75 -12.73 8.66 4.71
CA LYS A 75 -11.60 7.74 4.74
C LYS A 75 -10.38 8.35 4.05
N MET A 76 -9.20 7.88 4.42
CA MET A 76 -7.96 8.38 3.83
C MET A 76 -7.61 7.62 2.55
N HIS A 77 -7.39 8.36 1.48
CA HIS A 77 -7.05 7.76 0.19
C HIS A 77 -5.71 8.28 -0.31
N PHE A 78 -5.01 7.45 -1.08
CA PHE A 78 -3.71 7.81 -1.62
C PHE A 78 -3.81 8.08 -3.13
N SER A 79 -3.31 9.25 -3.54
CA SER A 79 -3.35 9.63 -4.95
C SER A 79 -2.00 10.17 -5.40
N LEU A 80 -1.62 9.85 -6.63
CA LEU A 80 -0.34 10.30 -7.18
C LEU A 80 -0.55 11.03 -8.51
N LYS A 81 0.21 12.10 -8.70
CA LYS A 81 0.12 12.88 -9.93
C LYS A 81 1.40 12.79 -10.74
N GLU A 82 1.42 11.87 -11.70
CA GLU A 82 2.59 11.68 -12.56
C GLU A 82 2.28 12.08 -13.99
N GLY B 63 -14.00 -16.64 11.00
CA GLY B 63 -13.14 -15.94 10.02
C GLY B 63 -12.63 -14.60 10.54
N SER B 64 -12.03 -14.61 11.72
CA SER B 64 -11.51 -13.39 12.33
C SER B 64 -10.40 -12.78 11.47
N SER B 65 -10.22 -11.47 11.58
CA SER B 65 -9.20 -10.77 10.81
C SER B 65 -8.25 -10.01 11.73
N SER B 66 -7.02 -9.81 11.27
CA SER B 66 -6.02 -9.09 12.06
C SER B 66 -4.76 -8.84 11.23
N GLU B 67 -4.22 -9.90 10.64
CA GLU B 67 -3.02 -9.79 9.81
C GLU B 67 -3.26 -8.88 8.61
N ALA B 68 -4.49 -8.93 8.09
CA ALA B 68 -4.86 -8.11 6.93
C ALA B 68 -4.77 -6.63 7.26
N ASP B 69 -5.28 -6.25 8.41
CA ASP B 69 -5.26 -4.86 8.84
C ASP B 69 -3.83 -4.37 9.06
N GLU B 70 -2.99 -5.26 9.58
CA GLU B 70 -1.59 -4.92 9.84
C GLU B 70 -0.86 -4.62 8.54
N MET B 71 -1.28 -5.26 7.46
CA MET B 71 -0.65 -5.05 6.16
C MET B 71 -0.74 -3.58 5.73
N ALA B 72 -1.94 -3.02 5.85
CA ALA B 72 -2.15 -1.62 5.48
C ALA B 72 -1.82 -0.68 6.65
N LYS B 73 -2.06 -1.16 7.87
CA LYS B 73 -1.79 -0.36 9.06
C LYS B 73 -0.33 0.06 9.11
N ALA B 74 0.57 -0.90 8.94
CA ALA B 74 2.00 -0.61 8.96
C ALA B 74 2.44 0.15 7.72
N LEU B 75 1.76 -0.11 6.61
CA LEU B 75 2.07 0.56 5.35
C LEU B 75 1.82 2.06 5.44
N GLU B 76 0.69 2.42 6.03
CA GLU B 76 0.32 3.83 6.19
C GLU B 76 1.20 4.51 7.24
N ALA B 77 1.61 3.74 8.24
CA ALA B 77 2.45 4.27 9.32
C ALA B 77 3.75 4.85 8.76
N GLU B 78 4.36 4.14 7.82
CA GLU B 78 5.61 4.58 7.22
C GLU B 78 5.39 5.82 6.35
N LEU B 79 4.29 5.83 5.61
CA LEU B 79 3.97 6.95 4.73
C LEU B 79 3.46 8.14 5.53
N ASN B 80 2.91 7.87 6.72
CA ASN B 80 2.38 8.93 7.58
C ASN B 80 3.48 9.91 7.99
N ASP B 81 4.74 9.50 7.83
CA ASP B 81 5.87 10.35 8.19
C ASP B 81 5.96 11.57 7.27
N LEU B 82 5.87 11.33 5.96
CA LEU B 82 5.95 12.41 4.98
C LEU B 82 4.82 13.42 5.20
N MET B 83 3.66 12.93 5.61
CA MET B 83 2.51 13.78 5.85
C MET B 83 2.09 14.51 4.56
N ASP A 16 7.68 -15.69 -12.17
CA ASP A 16 7.78 -15.01 -10.85
C ASP A 16 7.47 -13.52 -10.97
N VAL A 17 6.48 -13.06 -10.20
CA VAL A 17 6.09 -11.66 -10.22
C VAL A 17 6.53 -10.95 -8.95
N GLN A 18 7.03 -9.72 -9.10
CA GLN A 18 7.48 -8.93 -7.96
C GLN A 18 6.81 -7.57 -7.95
N VAL A 19 6.90 -6.89 -6.81
CA VAL A 19 6.30 -5.56 -6.65
C VAL A 19 7.32 -4.47 -6.89
N THR A 20 6.96 -3.48 -7.70
CA THR A 20 7.85 -2.36 -8.01
C THR A 20 7.18 -1.03 -7.69
N GLU A 21 8.00 -0.02 -7.42
CA GLU A 21 7.49 1.31 -7.10
C GLU A 21 6.76 1.92 -8.29
N ASP A 22 7.33 1.74 -9.48
CA ASP A 22 6.74 2.28 -10.69
C ASP A 22 5.35 1.68 -10.94
N ALA A 23 5.22 0.38 -10.69
CA ALA A 23 3.95 -0.31 -10.87
C ALA A 23 2.86 0.27 -9.98
N VAL A 24 3.21 0.48 -8.71
CA VAL A 24 2.27 1.02 -7.74
C VAL A 24 1.93 2.47 -8.08
N ARG A 25 2.92 3.22 -8.53
CA ARG A 25 2.73 4.62 -8.88
C ARG A 25 1.65 4.78 -9.95
N ARG A 26 1.64 3.86 -10.92
CA ARG A 26 0.67 3.90 -12.00
C ARG A 26 -0.75 3.84 -11.46
N TYR A 27 -0.94 3.10 -10.37
CA TYR A 27 -2.26 2.97 -9.75
C TYR A 27 -2.75 4.32 -9.22
N LEU A 28 -1.85 5.06 -8.58
CA LEU A 28 -2.19 6.36 -8.01
C LEU A 28 -2.44 7.38 -9.12
N THR A 29 -1.65 7.29 -10.19
CA THR A 29 -1.78 8.21 -11.31
C THR A 29 -3.16 8.09 -11.95
N ARG A 30 -3.71 6.88 -11.93
CA ARG A 30 -5.03 6.64 -12.51
C ARG A 30 -6.14 7.09 -11.57
N LYS A 31 -6.18 6.47 -10.40
CA LYS A 31 -7.19 6.80 -9.40
C LYS A 31 -6.61 6.67 -7.98
N PRO A 32 -7.12 7.47 -7.03
CA PRO A 32 -6.66 7.43 -5.64
C PRO A 32 -6.99 6.11 -4.96
N MET A 33 -5.99 5.50 -4.34
CA MET A 33 -6.17 4.23 -3.64
C MET A 33 -5.45 4.22 -2.31
N THR A 34 -5.87 3.34 -1.41
CA THR A 34 -5.26 3.23 -0.09
C THR A 34 -4.32 2.04 -0.03
N THR A 35 -3.40 2.06 0.93
CA THR A 35 -2.45 0.97 1.10
C THR A 35 -3.15 -0.37 1.26
N LYS A 36 -4.20 -0.38 2.08
CA LYS A 36 -4.96 -1.60 2.33
C LYS A 36 -5.49 -2.19 1.02
N ASP A 37 -5.91 -1.32 0.12
CA ASP A 37 -6.43 -1.76 -1.18
C ASP A 37 -5.38 -2.53 -1.96
N LEU A 38 -4.13 -2.10 -1.85
CA LEU A 38 -3.03 -2.75 -2.55
C LEU A 38 -2.79 -4.16 -1.99
N LEU A 39 -2.87 -4.29 -0.68
CA LEU A 39 -2.66 -5.58 -0.02
C LEU A 39 -3.66 -6.62 -0.53
N LYS A 40 -4.90 -6.18 -0.72
CA LYS A 40 -5.95 -7.08 -1.20
C LYS A 40 -5.61 -7.61 -2.58
N LYS A 41 -5.01 -6.77 -3.41
CA LYS A 41 -4.64 -7.16 -4.76
C LYS A 41 -3.63 -8.29 -4.75
N PHE A 42 -2.69 -8.23 -3.80
CA PHE A 42 -1.66 -9.26 -3.68
C PHE A 42 -2.14 -10.39 -2.79
N GLN A 43 -2.22 -10.13 -1.49
CA GLN A 43 -2.67 -11.13 -0.53
C GLN A 43 -1.78 -12.37 -0.57
N THR A 44 -0.48 -12.15 -0.45
CA THR A 44 0.50 -13.24 -0.47
C THR A 44 0.35 -14.08 -1.73
N LYS A 45 0.22 -13.42 -2.88
CA LYS A 45 0.08 -14.11 -4.15
C LYS A 45 1.42 -14.20 -4.88
N LYS A 46 1.88 -15.42 -5.12
CA LYS A 46 3.14 -15.64 -5.81
C LYS A 46 4.27 -14.87 -5.12
N THR A 47 5.36 -14.64 -5.86
CA THR A 47 6.51 -13.91 -5.32
C THR A 47 7.28 -14.75 -4.30
N GLY A 48 6.60 -15.15 -3.23
CA GLY A 48 7.24 -15.95 -2.20
C GLY A 48 7.53 -15.17 -0.94
N LEU A 49 6.82 -14.06 -0.76
CA LEU A 49 7.01 -13.22 0.41
C LEU A 49 5.81 -13.31 1.35
N SER A 50 6.07 -13.46 2.65
CA SER A 50 5.00 -13.55 3.63
C SER A 50 4.27 -12.23 3.76
N SER A 51 3.13 -12.25 4.45
CA SER A 51 2.33 -11.04 4.64
C SER A 51 3.15 -9.95 5.32
N GLU A 52 3.95 -10.34 6.31
CA GLU A 52 4.79 -9.40 7.04
C GLU A 52 5.90 -8.87 6.13
N GLN A 53 6.49 -9.75 5.35
CA GLN A 53 7.57 -9.37 4.44
C GLN A 53 7.07 -8.40 3.37
N THR A 54 5.85 -8.64 2.90
CA THR A 54 5.25 -7.78 1.88
C THR A 54 5.14 -6.34 2.36
N VAL A 55 4.76 -6.18 3.63
CA VAL A 55 4.62 -4.85 4.21
C VAL A 55 5.96 -4.14 4.29
N ASN A 56 7.02 -4.90 4.57
CA ASN A 56 8.36 -4.35 4.67
C ASN A 56 8.77 -3.66 3.37
N VAL A 57 8.52 -4.32 2.24
CA VAL A 57 8.87 -3.77 0.93
C VAL A 57 7.96 -2.60 0.58
N LEU A 58 6.65 -2.80 0.71
CA LEU A 58 5.68 -1.76 0.40
C LEU A 58 5.86 -0.56 1.32
N ALA A 59 6.14 -0.83 2.60
CA ALA A 59 6.33 0.24 3.57
C ALA A 59 7.53 1.11 3.22
N GLN A 60 8.63 0.46 2.86
CA GLN A 60 9.86 1.16 2.50
C GLN A 60 9.70 1.86 1.15
N ILE A 61 9.05 1.18 0.21
CA ILE A 61 8.84 1.73 -1.12
C ILE A 61 7.82 2.86 -1.10
N LEU A 62 6.73 2.63 -0.36
CA LEU A 62 5.67 3.62 -0.24
C LEU A 62 6.15 4.85 0.54
N LYS A 63 7.07 4.63 1.46
CA LYS A 63 7.60 5.72 2.28
C LYS A 63 8.10 6.86 1.40
N ARG A 64 8.94 6.53 0.43
CA ARG A 64 9.49 7.53 -0.48
C ARG A 64 8.50 7.90 -1.59
N LEU A 65 7.47 7.08 -1.77
CA LEU A 65 6.48 7.31 -2.82
C LEU A 65 6.01 8.77 -2.89
N ASN A 66 6.06 9.46 -1.76
CA ASN A 66 5.64 10.86 -1.72
C ASN A 66 4.25 11.05 -2.36
N PRO A 67 3.27 10.20 -1.99
CA PRO A 67 1.91 10.29 -2.52
C PRO A 67 1.06 11.34 -1.81
N GLU A 68 0.29 12.10 -2.57
CA GLU A 68 -0.57 13.14 -2.01
C GLU A 68 -1.69 12.51 -1.20
N ARG A 69 -1.98 13.10 -0.03
CA ARG A 69 -3.04 12.61 0.83
C ARG A 69 -4.39 13.16 0.40
N LYS A 70 -5.37 12.27 0.22
CA LYS A 70 -6.70 12.67 -0.18
C LYS A 70 -7.77 11.83 0.53
N MET A 71 -8.76 12.50 1.09
CA MET A 71 -9.84 11.81 1.80
C MET A 71 -11.03 11.56 0.88
N ILE A 72 -11.43 10.31 0.77
CA ILE A 72 -12.56 9.93 -0.08
C ILE A 72 -13.70 9.37 0.75
N ASN A 73 -14.85 10.03 0.69
CA ASN A 73 -16.03 9.61 1.44
C ASN A 73 -15.77 9.69 2.95
N ASP A 74 -15.06 8.70 3.46
CA ASP A 74 -14.73 8.65 4.89
C ASP A 74 -13.56 7.73 5.15
N LYS A 75 -12.67 7.62 4.17
CA LYS A 75 -11.49 6.76 4.28
C LYS A 75 -10.24 7.49 3.78
N MET A 76 -9.08 7.07 4.27
CA MET A 76 -7.82 7.67 3.86
C MET A 76 -7.29 7.00 2.60
N HIS A 77 -7.00 7.81 1.59
CA HIS A 77 -6.47 7.30 0.33
C HIS A 77 -5.25 8.10 -0.11
N PHE A 78 -4.52 7.55 -1.09
CA PHE A 78 -3.33 8.21 -1.61
C PHE A 78 -3.48 8.51 -3.10
N SER A 79 -2.73 9.50 -3.57
CA SER A 79 -2.77 9.89 -4.98
C SER A 79 -1.41 10.37 -5.45
N LEU A 80 -1.16 10.24 -6.75
CA LEU A 80 0.10 10.66 -7.34
C LEU A 80 -0.10 11.32 -8.69
N LYS A 81 0.43 12.53 -8.85
CA LYS A 81 0.31 13.27 -10.09
C LYS A 81 1.54 13.10 -10.97
N GLU A 82 1.32 12.75 -12.23
CA GLU A 82 2.42 12.55 -13.16
C GLU A 82 2.95 13.87 -13.68
N GLY B 63 -12.65 -13.96 13.91
CA GLY B 63 -11.35 -14.67 13.76
C GLY B 63 -10.85 -14.67 12.32
N SER B 64 -11.79 -14.60 11.37
CA SER B 64 -11.45 -14.60 9.96
C SER B 64 -10.55 -13.42 9.61
N SER B 65 -10.79 -12.28 10.27
CA SER B 65 -10.00 -11.08 10.04
C SER B 65 -9.43 -10.54 11.35
N SER B 66 -8.19 -10.07 11.30
CA SER B 66 -7.53 -9.54 12.48
C SER B 66 -6.15 -9.01 12.14
N GLU B 67 -5.26 -9.91 11.73
CA GLU B 67 -3.89 -9.54 11.36
C GLU B 67 -3.88 -8.69 10.10
N ALA B 68 -4.86 -8.91 9.23
CA ALA B 68 -4.97 -8.16 7.98
C ALA B 68 -5.10 -6.66 8.24
N ASP B 69 -5.84 -6.31 9.29
CA ASP B 69 -6.05 -4.91 9.66
C ASP B 69 -4.72 -4.24 9.96
N GLU B 70 -3.86 -4.93 10.71
CA GLU B 70 -2.55 -4.39 11.06
C GLU B 70 -1.66 -4.26 9.84
N MET B 71 -1.86 -5.15 8.88
CA MET B 71 -1.07 -5.14 7.64
C MET B 71 -1.19 -3.81 6.93
N ALA B 72 -2.39 -3.23 6.97
CA ALA B 72 -2.64 -1.95 6.31
C ALA B 72 -2.29 -0.79 7.23
N LYS B 73 -2.80 -0.82 8.45
CA LYS B 73 -2.54 0.23 9.43
C LYS B 73 -1.05 0.38 9.68
N ALA B 74 -0.34 -0.75 9.78
CA ALA B 74 1.09 -0.74 10.02
C ALA B 74 1.84 -0.12 8.85
N LEU B 75 1.42 -0.45 7.63
CA LEU B 75 2.05 0.09 6.43
C LEU B 75 1.80 1.59 6.30
N GLU B 76 0.58 2.00 6.62
CA GLU B 76 0.21 3.42 6.54
C GLU B 76 1.02 4.26 7.51
N ALA B 77 1.26 3.72 8.70
CA ALA B 77 2.02 4.42 9.72
C ALA B 77 3.40 4.85 9.20
N GLU B 78 3.91 4.11 8.22
CA GLU B 78 5.21 4.42 7.65
C GLU B 78 5.11 5.56 6.63
N LEU B 79 4.32 5.33 5.59
CA LEU B 79 4.15 6.34 4.54
C LEU B 79 3.46 7.58 5.09
N ASN B 80 2.59 7.39 6.07
CA ASN B 80 1.86 8.51 6.67
C ASN B 80 2.82 9.56 7.23
N ASP B 81 4.06 9.15 7.49
CA ASP B 81 5.07 10.05 8.03
C ASP B 81 5.44 11.14 7.01
N LEU B 82 5.27 10.84 5.73
CA LEU B 82 5.59 11.79 4.67
C LEU B 82 4.84 13.11 4.89
N MET B 83 3.60 13.01 5.32
CA MET B 83 2.77 14.19 5.57
C MET B 83 2.12 14.11 6.95
N ASP A 16 7.86 -15.83 -12.24
CA ASP A 16 8.05 -15.21 -10.91
C ASP A 16 7.50 -13.79 -10.86
N VAL A 17 6.79 -13.47 -9.79
CA VAL A 17 6.20 -12.15 -9.63
C VAL A 17 6.97 -11.33 -8.59
N GLN A 18 7.18 -10.05 -8.89
CA GLN A 18 7.90 -9.16 -7.97
C GLN A 18 7.16 -7.84 -7.82
N VAL A 19 7.50 -7.10 -6.76
CA VAL A 19 6.86 -5.82 -6.49
C VAL A 19 7.75 -4.67 -6.91
N THR A 20 7.20 -3.74 -7.67
CA THR A 20 7.96 -2.58 -8.14
C THR A 20 7.19 -1.28 -7.88
N GLU A 21 7.93 -0.23 -7.56
CA GLU A 21 7.32 1.07 -7.28
C GLU A 21 6.52 1.57 -8.47
N ASP A 22 7.02 1.28 -9.68
CA ASP A 22 6.35 1.69 -10.90
C ASP A 22 4.94 1.10 -10.99
N ALA A 23 4.81 -0.15 -10.56
CA ALA A 23 3.52 -0.83 -10.58
C ALA A 23 2.54 -0.16 -9.64
N VAL A 24 3.01 0.22 -8.45
CA VAL A 24 2.16 0.86 -7.46
C VAL A 24 1.70 2.23 -7.95
N ARG A 25 2.63 2.99 -8.53
CA ARG A 25 2.32 4.32 -9.04
C ARG A 25 1.22 4.27 -10.09
N ARG A 26 1.25 3.21 -10.90
CA ARG A 26 0.26 3.03 -11.97
C ARG A 26 -1.16 3.02 -11.40
N TYR A 27 -1.33 2.32 -10.28
CA TYR A 27 -2.64 2.22 -9.64
C TYR A 27 -3.05 3.57 -9.06
N LEU A 28 -2.12 4.24 -8.37
CA LEU A 28 -2.40 5.54 -7.77
C LEU A 28 -2.65 6.59 -8.84
N THR A 29 -1.94 6.47 -9.96
CA THR A 29 -2.10 7.42 -11.06
C THR A 29 -3.48 7.30 -11.68
N ARG A 30 -4.03 6.10 -11.67
CA ARG A 30 -5.35 5.87 -12.23
C ARG A 30 -6.45 6.36 -11.29
N LYS A 31 -6.43 5.84 -10.06
CA LYS A 31 -7.42 6.23 -9.06
C LYS A 31 -6.80 6.23 -7.66
N PRO A 32 -7.29 7.10 -6.77
CA PRO A 32 -6.79 7.20 -5.40
C PRO A 32 -7.19 5.99 -4.55
N MET A 33 -6.23 5.43 -3.83
CA MET A 33 -6.48 4.27 -2.98
C MET A 33 -5.70 4.38 -1.67
N THR A 34 -6.21 3.71 -0.64
CA THR A 34 -5.56 3.73 0.67
C THR A 34 -4.47 2.66 0.75
N THR A 35 -3.64 2.74 1.79
CA THR A 35 -2.55 1.79 1.96
C THR A 35 -3.09 0.36 2.05
N LYS A 36 -4.24 0.20 2.69
CA LYS A 36 -4.86 -1.11 2.83
C LYS A 36 -5.15 -1.73 1.47
N ASP A 37 -5.67 -0.91 0.56
CA ASP A 37 -6.00 -1.37 -0.78
C ASP A 37 -4.75 -1.83 -1.53
N LEU A 38 -3.63 -1.15 -1.27
CA LEU A 38 -2.37 -1.50 -1.91
C LEU A 38 -1.96 -2.94 -1.60
N LEU A 39 -2.15 -3.34 -0.34
CA LEU A 39 -1.81 -4.68 0.09
C LEU A 39 -2.75 -5.71 -0.54
N LYS A 40 -3.99 -5.31 -0.76
CA LYS A 40 -4.99 -6.20 -1.35
C LYS A 40 -4.52 -6.76 -2.69
N LYS A 41 -3.64 -6.01 -3.36
CA LYS A 41 -3.11 -6.43 -4.65
C LYS A 41 -2.43 -7.79 -4.54
N PHE A 42 -1.75 -8.03 -3.43
CA PHE A 42 -1.05 -9.29 -3.20
C PHE A 42 -0.85 -9.54 -1.72
N GLN A 43 -1.92 -9.37 -0.94
CA GLN A 43 -1.86 -9.59 0.50
C GLN A 43 -1.76 -11.06 0.84
N THR A 44 -2.54 -11.88 0.14
CA THR A 44 -2.53 -13.32 0.36
C THR A 44 -2.30 -14.09 -0.94
N LYS A 45 -1.61 -13.44 -1.88
CA LYS A 45 -1.32 -14.06 -3.17
C LYS A 45 0.08 -14.65 -3.19
N LYS A 46 0.24 -15.73 -3.95
CA LYS A 46 1.54 -16.41 -4.05
C LYS A 46 2.56 -15.50 -4.74
N THR A 47 3.17 -14.61 -3.97
CA THR A 47 4.17 -13.70 -4.50
C THR A 47 5.56 -14.00 -3.94
N GLY A 48 5.76 -15.26 -3.54
CA GLY A 48 7.04 -15.66 -2.99
C GLY A 48 7.23 -15.20 -1.56
N LEU A 49 7.21 -13.89 -1.35
CA LEU A 49 7.37 -13.32 -0.02
C LEU A 49 6.07 -13.40 0.77
N SER A 50 6.19 -13.62 2.07
CA SER A 50 5.02 -13.71 2.94
C SER A 50 4.31 -12.36 3.05
N SER A 51 3.07 -12.39 3.52
CA SER A 51 2.29 -11.16 3.68
C SER A 51 2.99 -10.18 4.60
N GLU A 52 3.62 -10.69 5.65
CA GLU A 52 4.33 -9.86 6.61
C GLU A 52 5.55 -9.21 5.97
N GLN A 53 6.33 -10.02 5.25
CA GLN A 53 7.53 -9.51 4.59
C GLN A 53 7.18 -8.53 3.49
N THR A 54 6.02 -8.74 2.86
CA THR A 54 5.56 -7.86 1.79
C THR A 54 5.44 -6.42 2.28
N VAL A 55 4.94 -6.25 3.49
CA VAL A 55 4.78 -4.92 4.07
C VAL A 55 6.13 -4.23 4.24
N ASN A 56 7.12 -4.99 4.69
CA ASN A 56 8.47 -4.45 4.89
C ASN A 56 9.04 -3.93 3.58
N VAL A 57 8.92 -4.73 2.53
CA VAL A 57 9.43 -4.35 1.22
C VAL A 57 8.59 -3.22 0.61
N LEU A 58 7.28 -3.38 0.67
CA LEU A 58 6.36 -2.38 0.13
C LEU A 58 6.52 -1.05 0.85
N ALA A 59 6.62 -1.10 2.17
CA ALA A 59 6.78 0.10 2.98
C ALA A 59 8.02 0.88 2.56
N GLN A 60 9.07 0.17 2.18
CA GLN A 60 10.31 0.81 1.77
C GLN A 60 10.09 1.70 0.55
N ILE A 61 9.29 1.22 -0.39
CA ILE A 61 8.98 1.96 -1.59
C ILE A 61 7.94 3.04 -1.32
N LEU A 62 6.93 2.68 -0.54
CA LEU A 62 5.86 3.61 -0.20
C LEU A 62 6.37 4.73 0.71
N LYS A 63 7.30 4.39 1.59
CA LYS A 63 7.87 5.36 2.53
C LYS A 63 8.26 6.65 1.83
N ARG A 64 9.09 6.53 0.80
CA ARG A 64 9.56 7.69 0.05
C ARG A 64 8.52 8.17 -0.97
N LEU A 65 7.53 7.33 -1.24
CA LEU A 65 6.49 7.68 -2.22
C LEU A 65 5.97 9.09 -2.02
N ASN A 66 5.50 9.38 -0.82
CA ASN A 66 4.97 10.70 -0.50
C ASN A 66 3.85 11.10 -1.46
N PRO A 67 2.86 10.22 -1.65
CA PRO A 67 1.72 10.48 -2.54
C PRO A 67 0.72 11.45 -1.93
N GLU A 68 -0.07 12.10 -2.78
CA GLU A 68 -1.07 13.05 -2.32
C GLU A 68 -2.05 12.37 -1.35
N ARG A 69 -2.32 13.03 -0.23
CA ARG A 69 -3.23 12.49 0.77
C ARG A 69 -4.62 13.07 0.62
N LYS A 70 -5.51 12.32 -0.02
CA LYS A 70 -6.88 12.77 -0.22
C LYS A 70 -7.84 11.99 0.67
N MET A 71 -8.92 12.64 1.09
CA MET A 71 -9.91 12.00 1.95
C MET A 71 -11.08 11.47 1.13
N ILE A 72 -11.17 10.15 1.01
CA ILE A 72 -12.25 9.52 0.26
C ILE A 72 -13.05 8.56 1.13
N ASN A 73 -14.35 8.81 1.24
CA ASN A 73 -15.23 7.96 2.04
C ASN A 73 -14.74 7.90 3.48
N ASP A 74 -14.36 9.05 4.02
CA ASP A 74 -13.88 9.12 5.40
C ASP A 74 -12.64 8.24 5.59
N LYS A 75 -11.87 8.07 4.53
CA LYS A 75 -10.67 7.26 4.57
C LYS A 75 -9.51 7.98 3.89
N MET A 76 -8.29 7.70 4.36
CA MET A 76 -7.09 8.32 3.79
C MET A 76 -6.67 7.61 2.51
N HIS A 77 -6.79 8.30 1.39
CA HIS A 77 -6.43 7.74 0.09
C HIS A 77 -5.18 8.41 -0.46
N PHE A 78 -4.35 7.64 -1.15
CA PHE A 78 -3.12 8.16 -1.74
C PHE A 78 -3.26 8.30 -3.25
N SER A 79 -2.77 9.41 -3.78
CA SER A 79 -2.84 9.66 -5.21
C SER A 79 -1.59 10.38 -5.71
N LEU A 80 -1.12 9.99 -6.89
CA LEU A 80 0.07 10.59 -7.48
C LEU A 80 -0.24 11.20 -8.85
N LYS A 81 0.31 12.38 -9.10
CA LYS A 81 0.09 13.06 -10.37
C LYS A 81 1.41 13.28 -11.10
N GLU A 82 1.75 12.36 -12.00
CA GLU A 82 2.98 12.45 -12.76
C GLU A 82 3.01 13.73 -13.59
N GLY B 63 -13.00 -16.64 6.33
CA GLY B 63 -13.14 -16.83 7.80
C GLY B 63 -13.02 -15.53 8.57
N SER B 64 -11.97 -15.40 9.36
CA SER B 64 -11.75 -14.19 10.15
C SER B 64 -10.42 -13.53 9.78
N SER B 65 -10.38 -12.21 9.85
CA SER B 65 -9.17 -11.46 9.53
C SER B 65 -8.72 -10.61 10.71
N SER B 66 -7.40 -10.45 10.84
CA SER B 66 -6.84 -9.66 11.94
C SER B 66 -5.42 -9.22 11.61
N GLU B 67 -4.55 -10.18 11.35
CA GLU B 67 -3.16 -9.89 11.02
C GLU B 67 -3.06 -9.04 9.76
N ALA B 68 -3.97 -9.28 8.82
CA ALA B 68 -3.98 -8.54 7.57
C ALA B 68 -4.24 -7.06 7.81
N ASP B 69 -5.13 -6.76 8.76
CA ASP B 69 -5.46 -5.39 9.09
C ASP B 69 -4.24 -4.62 9.57
N GLU B 70 -3.40 -5.29 10.36
CA GLU B 70 -2.19 -4.68 10.88
C GLU B 70 -1.24 -4.30 9.75
N MET B 71 -1.17 -5.15 8.73
CA MET B 71 -0.30 -4.91 7.59
C MET B 71 -0.67 -3.61 6.88
N ALA B 72 -1.97 -3.34 6.79
CA ALA B 72 -2.46 -2.13 6.14
C ALA B 72 -2.26 -0.91 7.03
N LYS B 73 -2.62 -1.03 8.30
CA LYS B 73 -2.48 0.06 9.25
C LYS B 73 -1.02 0.50 9.36
N ALA B 74 -0.11 -0.47 9.30
CA ALA B 74 1.32 -0.18 9.40
C ALA B 74 1.78 0.71 8.25
N LEU B 75 1.42 0.34 7.03
CA LEU B 75 1.80 1.10 5.86
C LEU B 75 1.09 2.46 5.82
N GLU B 76 -0.15 2.48 6.30
CA GLU B 76 -0.94 3.70 6.33
C GLU B 76 -0.23 4.80 7.12
N ALA B 77 0.11 4.50 8.36
CA ALA B 77 0.79 5.45 9.23
C ALA B 77 2.25 5.65 8.80
N GLU B 78 2.79 4.66 8.09
CA GLU B 78 4.17 4.72 7.62
C GLU B 78 4.41 5.97 6.78
N LEU B 79 3.43 6.33 5.96
CA LEU B 79 3.55 7.51 5.09
C LEU B 79 3.04 8.76 5.79
N ASN B 80 2.40 8.59 6.95
CA ASN B 80 1.87 9.71 7.71
C ASN B 80 2.97 10.74 7.99
N ASP B 81 4.20 10.26 8.14
CA ASP B 81 5.33 11.14 8.41
C ASP B 81 5.64 12.02 7.19
N LEU B 82 5.37 11.49 6.01
CA LEU B 82 5.62 12.23 4.77
C LEU B 82 4.84 13.54 4.75
N MET B 83 3.65 13.52 5.35
CA MET B 83 2.80 14.70 5.40
C MET B 83 2.45 15.17 3.99
N ASP A 16 5.71 -16.10 -10.81
CA ASP A 16 6.69 -15.23 -10.12
C ASP A 16 6.34 -13.75 -10.29
N VAL A 17 5.86 -13.14 -9.21
CA VAL A 17 5.48 -11.73 -9.25
C VAL A 17 6.36 -10.90 -8.32
N GLN A 18 6.91 -9.81 -8.84
CA GLN A 18 7.77 -8.93 -8.06
C GLN A 18 7.18 -7.53 -7.97
N VAL A 19 6.92 -7.09 -6.74
CA VAL A 19 6.35 -5.77 -6.51
C VAL A 19 7.36 -4.67 -6.82
N THR A 20 6.91 -3.64 -7.53
CA THR A 20 7.77 -2.52 -7.90
C THR A 20 7.08 -1.19 -7.67
N GLU A 21 7.86 -0.15 -7.40
CA GLU A 21 7.32 1.18 -7.16
C GLU A 21 6.60 1.70 -8.40
N ASP A 22 7.14 1.38 -9.57
CA ASP A 22 6.55 1.82 -10.83
C ASP A 22 5.12 1.31 -10.97
N ALA A 23 4.88 0.07 -10.54
CA ALA A 23 3.56 -0.53 -10.63
C ALA A 23 2.56 0.24 -9.76
N VAL A 24 3.00 0.63 -8.57
CA VAL A 24 2.14 1.37 -7.65
C VAL A 24 1.78 2.74 -8.21
N ARG A 25 2.76 3.40 -8.81
CA ARG A 25 2.55 4.73 -9.40
C ARG A 25 1.47 4.68 -10.47
N ARG A 26 1.49 3.63 -11.28
CA ARG A 26 0.51 3.47 -12.34
C ARG A 26 -0.91 3.40 -11.78
N TYR A 27 -1.07 2.69 -10.67
CA TYR A 27 -2.37 2.55 -10.03
C TYR A 27 -2.83 3.88 -9.43
N LEU A 28 -1.92 4.56 -8.74
CA LEU A 28 -2.24 5.84 -8.13
C LEU A 28 -2.52 6.91 -9.18
N THR A 29 -1.80 6.83 -10.30
CA THR A 29 -1.96 7.78 -11.39
C THR A 29 -3.36 7.66 -12.00
N ARG A 30 -3.92 6.45 -11.97
CA ARG A 30 -5.24 6.21 -12.52
C ARG A 30 -6.32 6.61 -11.52
N LYS A 31 -6.30 5.98 -10.35
CA LYS A 31 -7.27 6.26 -9.31
C LYS A 31 -6.64 6.12 -7.93
N PRO A 32 -7.13 6.89 -6.94
CA PRO A 32 -6.60 6.84 -5.57
C PRO A 32 -6.90 5.52 -4.87
N MET A 33 -5.92 5.00 -4.15
CA MET A 33 -6.08 3.74 -3.44
C MET A 33 -5.58 3.86 -1.99
N THR A 34 -6.17 3.07 -1.11
CA THR A 34 -5.80 3.09 0.30
C THR A 34 -4.71 2.05 0.58
N THR A 35 -4.07 2.18 1.74
CA THR A 35 -3.00 1.26 2.13
C THR A 35 -3.50 -0.19 2.13
N LYS A 36 -4.68 -0.40 2.69
CA LYS A 36 -5.28 -1.73 2.76
C LYS A 36 -5.49 -2.30 1.36
N ASP A 37 -6.01 -1.47 0.46
CA ASP A 37 -6.25 -1.90 -0.91
C ASP A 37 -4.97 -2.36 -1.59
N LEU A 38 -3.87 -1.67 -1.28
CA LEU A 38 -2.57 -2.02 -1.86
C LEU A 38 -2.10 -3.38 -1.36
N LEU A 39 -2.28 -3.63 -0.06
CA LEU A 39 -1.87 -4.89 0.53
C LEU A 39 -2.81 -6.03 0.10
N LYS A 40 -4.11 -5.74 0.07
CA LYS A 40 -5.10 -6.73 -0.32
C LYS A 40 -4.83 -7.24 -1.73
N LYS A 41 -4.34 -6.36 -2.59
CA LYS A 41 -4.04 -6.72 -3.97
C LYS A 41 -2.99 -7.84 -4.02
N PHE A 42 -2.07 -7.81 -3.07
CA PHE A 42 -1.02 -8.83 -2.99
C PHE A 42 -0.93 -9.40 -1.58
N GLN A 43 -2.09 -9.60 -0.94
CA GLN A 43 -2.14 -10.14 0.41
C GLN A 43 -1.42 -11.47 0.50
N THR A 44 -1.64 -12.34 -0.50
CA THR A 44 -1.00 -13.65 -0.53
C THR A 44 -0.97 -14.20 -1.94
N LYS A 45 0.09 -13.85 -2.68
CA LYS A 45 0.24 -14.32 -4.05
C LYS A 45 1.58 -15.03 -4.23
N LYS A 46 1.72 -15.74 -5.34
CA LYS A 46 2.95 -16.48 -5.63
C LYS A 46 4.09 -15.52 -5.97
N THR A 47 4.50 -14.72 -4.98
CA THR A 47 5.58 -13.76 -5.16
C THR A 47 6.91 -14.35 -4.72
N GLY A 48 6.86 -15.33 -3.82
CA GLY A 48 8.07 -15.95 -3.33
C GLY A 48 8.41 -15.53 -1.91
N LEU A 49 7.97 -14.35 -1.52
CA LEU A 49 8.22 -13.83 -0.19
C LEU A 49 6.98 -13.94 0.69
N SER A 50 7.19 -14.16 1.98
CA SER A 50 6.08 -14.29 2.93
C SER A 50 5.23 -13.03 2.94
N SER A 51 4.00 -13.15 3.43
CA SER A 51 3.08 -12.03 3.50
C SER A 51 3.68 -10.88 4.32
N GLU A 52 4.35 -11.24 5.41
CA GLU A 52 4.97 -10.24 6.27
C GLU A 52 6.11 -9.53 5.55
N GLN A 53 6.89 -10.29 4.80
CA GLN A 53 8.01 -9.74 4.05
C GLN A 53 7.54 -8.73 3.02
N THR A 54 6.39 -9.01 2.41
CA THR A 54 5.82 -8.12 1.40
C THR A 54 5.59 -6.73 1.96
N VAL A 55 5.09 -6.67 3.20
CA VAL A 55 4.81 -5.40 3.86
C VAL A 55 6.11 -4.60 4.05
N ASN A 56 7.18 -5.30 4.39
CA ASN A 56 8.47 -4.65 4.61
C ASN A 56 8.93 -3.89 3.36
N VAL A 57 8.79 -4.54 2.21
CA VAL A 57 9.19 -3.92 0.95
C VAL A 57 8.23 -2.80 0.55
N LEU A 58 6.93 -3.10 0.59
CA LEU A 58 5.91 -2.12 0.24
C LEU A 58 5.91 -0.95 1.21
N ALA A 59 6.21 -1.23 2.47
CA ALA A 59 6.25 -0.19 3.49
C ALA A 59 7.40 0.78 3.26
N GLN A 60 8.57 0.22 2.97
CA GLN A 60 9.76 1.02 2.73
C GLN A 60 9.66 1.76 1.39
N ILE A 61 9.08 1.09 0.39
CA ILE A 61 8.93 1.69 -0.92
C ILE A 61 7.87 2.79 -0.92
N LEU A 62 6.75 2.49 -0.28
CA LEU A 62 5.63 3.44 -0.20
C LEU A 62 5.97 4.61 0.73
N LYS A 63 6.55 4.30 1.88
CA LYS A 63 6.92 5.33 2.85
C LYS A 63 7.64 6.49 2.19
N ARG A 64 8.57 6.20 1.31
CA ARG A 64 9.31 7.25 0.61
C ARG A 64 8.49 7.82 -0.55
N LEU A 65 7.45 7.10 -0.95
CA LEU A 65 6.60 7.51 -2.05
C LEU A 65 6.04 8.92 -1.89
N ASN A 66 5.63 9.24 -0.66
CA ASN A 66 5.06 10.55 -0.39
C ASN A 66 3.81 10.81 -1.23
N PRO A 67 2.85 9.85 -1.24
CA PRO A 67 1.62 9.99 -2.02
C PRO A 67 0.68 11.03 -1.41
N GLU A 68 0.00 11.77 -2.27
CA GLU A 68 -0.94 12.79 -1.81
C GLU A 68 -2.06 12.16 -0.99
N ARG A 69 -2.34 12.75 0.17
CA ARG A 69 -3.39 12.23 1.04
C ARG A 69 -4.70 12.98 0.84
N LYS A 70 -5.74 12.24 0.46
CA LYS A 70 -7.06 12.81 0.22
C LYS A 70 -8.14 11.98 0.89
N MET A 71 -9.22 12.65 1.30
CA MET A 71 -10.33 11.96 1.96
C MET A 71 -11.48 11.74 0.98
N ILE A 72 -11.69 10.48 0.60
CA ILE A 72 -12.76 10.14 -0.34
C ILE A 72 -13.75 9.17 0.31
N ASN A 73 -15.03 9.52 0.25
CA ASN A 73 -16.07 8.68 0.84
C ASN A 73 -15.83 8.47 2.32
N ASP A 74 -15.46 9.54 3.02
CA ASP A 74 -15.20 9.47 4.45
C ASP A 74 -14.09 8.45 4.76
N LYS A 75 -13.12 8.37 3.86
CA LYS A 75 -12.00 7.44 4.03
C LYS A 75 -10.71 8.05 3.51
N MET A 76 -9.58 7.60 4.07
CA MET A 76 -8.28 8.10 3.66
C MET A 76 -7.75 7.33 2.46
N HIS A 77 -7.43 8.06 1.40
CA HIS A 77 -6.91 7.45 0.18
C HIS A 77 -5.60 8.10 -0.25
N PHE A 78 -4.83 7.38 -1.06
CA PHE A 78 -3.55 7.90 -1.55
C PHE A 78 -3.62 8.20 -3.04
N SER A 79 -3.07 9.34 -3.43
CA SER A 79 -3.07 9.76 -4.83
C SER A 79 -1.68 10.20 -5.27
N LEU A 80 -1.38 10.02 -6.56
CA LEU A 80 -0.08 10.40 -7.10
C LEU A 80 -0.24 11.05 -8.47
N LYS A 81 0.08 12.34 -8.54
CA LYS A 81 -0.03 13.09 -9.79
C LYS A 81 1.27 13.00 -10.59
N GLU A 82 1.15 12.69 -11.87
CA GLU A 82 2.32 12.58 -12.74
C GLU A 82 2.00 13.10 -14.15
N GLY B 63 -14.82 -12.64 10.03
CA GLY B 63 -13.61 -12.25 9.26
C GLY B 63 -13.02 -10.94 9.76
N SER B 64 -12.42 -10.96 10.94
CA SER B 64 -11.82 -9.76 11.53
C SER B 64 -10.70 -9.23 10.63
N SER B 65 -10.04 -10.14 9.91
CA SER B 65 -8.95 -9.76 9.02
C SER B 65 -7.86 -9.00 9.78
N SER B 66 -7.62 -9.40 11.02
CA SER B 66 -6.60 -8.77 11.85
C SER B 66 -5.23 -8.87 11.20
N GLU B 67 -5.00 -9.96 10.48
CA GLU B 67 -3.73 -10.18 9.81
C GLU B 67 -3.49 -9.12 8.75
N ALA B 68 -4.55 -8.75 8.03
CA ALA B 68 -4.44 -7.74 6.99
C ALA B 68 -4.27 -6.35 7.58
N ASP B 69 -4.98 -6.09 8.68
CA ASP B 69 -4.91 -4.79 9.35
C ASP B 69 -3.47 -4.49 9.80
N GLU B 70 -2.78 -5.52 10.27
CA GLU B 70 -1.40 -5.37 10.72
C GLU B 70 -0.48 -4.98 9.57
N MET B 71 -0.68 -5.62 8.42
CA MET B 71 0.13 -5.33 7.25
C MET B 71 -0.16 -3.95 6.70
N ALA B 72 -1.44 -3.57 6.73
CA ALA B 72 -1.85 -2.25 6.24
C ALA B 72 -1.54 -1.15 7.25
N LYS B 73 -1.71 -1.47 8.53
CA LYS B 73 -1.44 -0.51 9.60
C LYS B 73 0.00 -0.03 9.55
N ALA B 74 0.92 -0.97 9.42
CA ALA B 74 2.35 -0.64 9.36
C ALA B 74 2.68 0.13 8.08
N LEU B 75 2.00 -0.22 7.00
CA LEU B 75 2.22 0.43 5.71
C LEU B 75 1.73 1.88 5.75
N GLU B 76 0.56 2.09 6.31
CA GLU B 76 -0.02 3.43 6.41
C GLU B 76 0.71 4.27 7.45
N ALA B 77 1.13 3.62 8.54
CA ALA B 77 1.83 4.30 9.62
C ALA B 77 3.10 4.97 9.11
N GLU B 78 3.71 4.37 8.08
CA GLU B 78 4.94 4.89 7.51
C GLU B 78 4.66 6.13 6.66
N LEU B 79 3.70 6.02 5.74
CA LEU B 79 3.34 7.12 4.87
C LEU B 79 2.76 8.28 5.67
N ASN B 80 2.12 7.97 6.79
CA ASN B 80 1.52 8.99 7.65
C ASN B 80 2.56 10.01 8.10
N ASP B 81 3.82 9.59 8.15
CA ASP B 81 4.90 10.47 8.56
C ASP B 81 5.13 11.58 7.53
N LEU B 82 4.96 11.24 6.26
CA LEU B 82 5.16 12.20 5.18
C LEU B 82 4.13 13.32 5.26
N MET B 83 2.97 13.03 5.84
CA MET B 83 1.90 14.01 5.97
C MET B 83 2.42 15.30 6.59
N ASP A 16 7.63 -16.68 -10.31
CA ASP A 16 7.75 -15.73 -9.18
C ASP A 16 7.57 -14.29 -9.65
N VAL A 17 6.68 -13.56 -8.98
CA VAL A 17 6.40 -12.17 -9.33
C VAL A 17 7.01 -11.22 -8.31
N GLN A 18 7.57 -10.11 -8.80
CA GLN A 18 8.19 -9.12 -7.93
C GLN A 18 7.40 -7.81 -7.96
N VAL A 19 7.56 -7.01 -6.90
CA VAL A 19 6.87 -5.73 -6.80
C VAL A 19 7.81 -4.57 -7.08
N THR A 20 7.37 -3.64 -7.91
CA THR A 20 8.17 -2.48 -8.27
C THR A 20 7.43 -1.19 -7.94
N GLU A 21 8.17 -0.20 -7.45
CA GLU A 21 7.59 1.09 -7.09
C GLU A 21 6.93 1.74 -8.30
N ASP A 22 7.55 1.56 -9.47
CA ASP A 22 7.02 2.14 -10.71
C ASP A 22 5.61 1.62 -10.98
N ALA A 23 5.41 0.32 -10.75
CA ALA A 23 4.11 -0.29 -10.97
C ALA A 23 3.06 0.27 -10.03
N VAL A 24 3.45 0.48 -8.77
CA VAL A 24 2.53 1.02 -7.77
C VAL A 24 2.11 2.44 -8.11
N ARG A 25 3.06 3.25 -8.57
CA ARG A 25 2.79 4.63 -8.94
C ARG A 25 1.75 4.71 -10.04
N ARG A 26 1.86 3.81 -11.02
CA ARG A 26 0.93 3.79 -12.14
C ARG A 26 -0.51 3.57 -11.65
N TYR A 27 -0.68 2.72 -10.66
CA TYR A 27 -1.99 2.42 -10.11
C TYR A 27 -2.55 3.63 -9.37
N LEU A 28 -1.72 4.24 -8.53
CA LEU A 28 -2.14 5.41 -7.75
C LEU A 28 -2.40 6.60 -8.67
N THR A 29 -1.59 6.74 -9.71
CA THR A 29 -1.73 7.83 -10.65
C THR A 29 -3.07 7.75 -11.39
N ARG A 30 -3.55 6.53 -11.59
CA ARG A 30 -4.82 6.30 -12.28
C ARG A 30 -5.99 6.68 -11.39
N LYS A 31 -6.07 6.04 -10.22
CA LYS A 31 -7.14 6.31 -9.28
C LYS A 31 -6.63 6.17 -7.84
N PRO A 32 -7.17 6.99 -6.91
CA PRO A 32 -6.77 6.96 -5.51
C PRO A 32 -6.92 5.57 -4.90
N MET A 33 -5.88 5.14 -4.18
CA MET A 33 -5.90 3.82 -3.55
C MET A 33 -5.50 3.92 -2.08
N THR A 34 -6.02 3.01 -1.26
CA THR A 34 -5.72 2.99 0.16
C THR A 34 -4.60 2.00 0.47
N THR A 35 -4.09 2.07 1.69
CA THR A 35 -3.02 1.17 2.11
C THR A 35 -3.43 -0.29 1.97
N LYS A 36 -4.62 -0.61 2.47
CA LYS A 36 -5.14 -1.97 2.40
C LYS A 36 -5.34 -2.40 0.94
N ASP A 37 -5.74 -1.45 0.11
CA ASP A 37 -5.98 -1.72 -1.30
C ASP A 37 -4.72 -2.27 -1.97
N LEU A 38 -3.57 -1.75 -1.56
CA LEU A 38 -2.29 -2.18 -2.12
C LEU A 38 -2.07 -3.67 -1.89
N LEU A 39 -2.33 -4.12 -0.67
CA LEU A 39 -2.17 -5.52 -0.32
C LEU A 39 -3.20 -6.39 -1.04
N LYS A 40 -4.40 -5.84 -1.20
CA LYS A 40 -5.49 -6.56 -1.86
C LYS A 40 -5.11 -6.90 -3.31
N LYS A 41 -4.46 -5.96 -3.98
CA LYS A 41 -4.03 -6.15 -5.36
C LYS A 41 -3.04 -7.31 -5.46
N PHE A 42 -2.21 -7.44 -4.43
CA PHE A 42 -1.21 -8.50 -4.40
C PHE A 42 -1.16 -9.17 -3.03
N GLN A 43 -2.20 -9.94 -2.72
CA GLN A 43 -2.27 -10.64 -1.44
C GLN A 43 -1.33 -11.83 -1.41
N THR A 44 -1.36 -12.56 -0.30
CA THR A 44 -0.50 -13.74 -0.14
C THR A 44 -0.71 -14.73 -1.27
N LYS A 45 0.10 -14.62 -2.31
CA LYS A 45 0.00 -15.50 -3.47
C LYS A 45 1.38 -16.04 -3.86
N LYS A 46 1.43 -16.72 -5.00
CA LYS A 46 2.69 -17.28 -5.49
C LYS A 46 3.64 -16.19 -5.95
N THR A 47 4.09 -15.38 -5.00
CA THR A 47 5.01 -14.29 -5.30
C THR A 47 6.43 -14.62 -4.82
N GLY A 48 6.52 -15.47 -3.82
CA GLY A 48 7.83 -15.85 -3.29
C GLY A 48 8.15 -15.17 -1.99
N LEU A 49 7.56 -14.00 -1.76
CA LEU A 49 7.78 -13.25 -0.54
C LEU A 49 6.60 -13.40 0.43
N SER A 50 6.91 -13.52 1.71
CA SER A 50 5.88 -13.67 2.74
C SER A 50 5.02 -12.42 2.83
N SER A 51 3.83 -12.57 3.41
CA SER A 51 2.91 -11.44 3.56
C SER A 51 3.56 -10.32 4.36
N GLU A 52 4.33 -10.69 5.38
CA GLU A 52 5.00 -9.71 6.23
C GLU A 52 6.15 -9.04 5.47
N GLN A 53 6.89 -9.83 4.70
CA GLN A 53 8.00 -9.31 3.93
C GLN A 53 7.53 -8.32 2.87
N THR A 54 6.39 -8.62 2.26
CA THR A 54 5.82 -7.75 1.23
C THR A 54 5.49 -6.37 1.80
N VAL A 55 4.92 -6.35 3.01
CA VAL A 55 4.57 -5.10 3.66
C VAL A 55 5.79 -4.23 3.88
N ASN A 56 6.88 -4.85 4.33
CA ASN A 56 8.12 -4.12 4.57
C ASN A 56 8.65 -3.47 3.30
N VAL A 57 8.56 -4.20 2.19
CA VAL A 57 9.02 -3.70 0.90
C VAL A 57 8.16 -2.53 0.43
N LEU A 58 6.84 -2.72 0.48
CA LEU A 58 5.91 -1.68 0.07
C LEU A 58 5.93 -0.50 1.03
N ALA A 59 6.15 -0.79 2.32
CA ALA A 59 6.19 0.24 3.33
C ALA A 59 7.37 1.19 3.11
N GLN A 60 8.53 0.62 2.85
CA GLN A 60 9.74 1.40 2.62
C GLN A 60 9.63 2.20 1.32
N ILE A 61 9.01 1.59 0.32
CA ILE A 61 8.83 2.24 -0.98
C ILE A 61 7.72 3.28 -0.91
N LEU A 62 6.58 2.89 -0.36
CA LEU A 62 5.44 3.79 -0.23
C LEU A 62 5.78 5.02 0.61
N LYS A 63 6.61 4.83 1.62
CA LYS A 63 7.02 5.93 2.49
C LYS A 63 7.54 7.11 1.69
N ARG A 64 8.53 6.86 0.84
CA ARG A 64 9.11 7.90 0.01
C ARG A 64 8.19 8.29 -1.13
N LEU A 65 7.19 7.45 -1.40
CA LEU A 65 6.23 7.70 -2.48
C LEU A 65 5.68 9.13 -2.44
N ASN A 66 5.45 9.63 -1.23
CA ASN A 66 4.92 10.98 -1.08
C ASN A 66 3.56 11.12 -1.77
N PRO A 67 2.61 10.23 -1.46
CA PRO A 67 1.27 10.25 -2.04
C PRO A 67 0.38 11.30 -1.39
N GLU A 68 -0.68 11.68 -2.10
CA GLU A 68 -1.62 12.68 -1.58
C GLU A 68 -2.78 11.99 -0.85
N ARG A 69 -3.06 12.46 0.36
CA ARG A 69 -4.14 11.90 1.16
C ARG A 69 -5.45 12.65 0.92
N LYS A 70 -6.48 11.91 0.53
CA LYS A 70 -7.79 12.50 0.27
C LYS A 70 -8.89 11.75 1.03
N MET A 71 -9.92 12.49 1.44
CA MET A 71 -11.02 11.90 2.17
C MET A 71 -12.14 11.43 1.22
N ILE A 72 -12.13 10.14 0.90
CA ILE A 72 -13.13 9.59 0.00
C ILE A 72 -13.94 8.51 0.70
N ASN A 73 -15.26 8.71 0.75
CA ASN A 73 -16.16 7.75 1.40
C ASN A 73 -15.77 7.54 2.85
N ASP A 74 -15.43 8.63 3.54
CA ASP A 74 -15.05 8.57 4.94
C ASP A 74 -13.83 7.66 5.13
N LYS A 75 -12.92 7.72 4.17
CA LYS A 75 -11.70 6.91 4.23
C LYS A 75 -10.54 7.61 3.54
N MET A 76 -9.36 7.48 4.12
CA MET A 76 -8.16 8.10 3.56
C MET A 76 -7.67 7.33 2.32
N HIS A 77 -7.55 8.04 1.21
CA HIS A 77 -7.09 7.42 -0.03
C HIS A 77 -5.83 8.11 -0.55
N PHE A 78 -4.92 7.33 -1.12
CA PHE A 78 -3.68 7.87 -1.66
C PHE A 78 -3.75 7.99 -3.18
N SER A 79 -3.41 9.17 -3.69
CA SER A 79 -3.44 9.42 -5.13
C SER A 79 -2.29 10.33 -5.55
N LEU A 80 -1.70 10.02 -6.70
CA LEU A 80 -0.59 10.81 -7.22
C LEU A 80 -0.97 11.51 -8.51
N LYS A 81 -0.55 12.77 -8.64
CA LYS A 81 -0.84 13.54 -9.84
C LYS A 81 0.43 14.07 -10.49
N GLU A 82 0.93 13.33 -11.48
CA GLU A 82 2.15 13.72 -12.18
C GLU A 82 1.99 15.08 -12.84
N GLY B 63 -16.01 -9.48 8.87
CA GLY B 63 -15.27 -10.75 9.16
C GLY B 63 -13.96 -10.49 9.88
N SER B 64 -12.86 -10.87 9.25
CA SER B 64 -11.53 -10.69 9.84
C SER B 64 -11.23 -9.21 10.03
N SER B 65 -10.42 -8.90 11.04
CA SER B 65 -10.05 -7.52 11.33
C SER B 65 -8.94 -7.46 12.38
N SER B 66 -8.03 -8.44 12.32
CA SER B 66 -6.92 -8.49 13.26
C SER B 66 -5.58 -8.56 12.52
N GLU B 67 -5.27 -9.72 11.96
CA GLU B 67 -4.03 -9.90 11.23
C GLU B 67 -3.98 -9.00 10.00
N ALA B 68 -5.12 -8.82 9.36
CA ALA B 68 -5.22 -7.98 8.18
C ALA B 68 -4.94 -6.52 8.52
N ASP B 69 -5.49 -6.06 9.63
CA ASP B 69 -5.31 -4.68 10.07
C ASP B 69 -3.84 -4.39 10.34
N GLU B 70 -3.13 -5.37 10.90
CA GLU B 70 -1.71 -5.21 11.20
C GLU B 70 -0.90 -5.02 9.92
N MET B 71 -1.31 -5.73 8.86
CA MET B 71 -0.61 -5.64 7.58
C MET B 71 -0.65 -4.21 7.03
N ALA B 72 -1.81 -3.57 7.18
CA ALA B 72 -1.97 -2.20 6.70
C ALA B 72 -1.50 -1.19 7.74
N LYS B 73 -1.60 -1.56 9.01
CA LYS B 73 -1.18 -0.69 10.10
C LYS B 73 0.29 -0.32 9.97
N ALA B 74 1.13 -1.30 9.64
CA ALA B 74 2.55 -1.07 9.47
C ALA B 74 2.84 -0.24 8.23
N LEU B 75 2.15 -0.57 7.13
CA LEU B 75 2.34 0.14 5.88
C LEU B 75 1.85 1.59 6.00
N GLU B 76 0.69 1.77 6.60
CA GLU B 76 0.11 3.09 6.79
C GLU B 76 0.98 3.94 7.72
N ALA B 77 1.50 3.30 8.76
CA ALA B 77 2.35 3.99 9.73
C ALA B 77 3.65 4.45 9.09
N GLU B 78 4.10 3.73 8.08
CA GLU B 78 5.34 4.06 7.39
C GLU B 78 5.22 5.41 6.68
N LEU B 79 4.27 5.52 5.76
CA LEU B 79 4.05 6.75 5.01
C LEU B 79 3.64 7.88 5.95
N ASN B 80 3.07 7.52 7.10
CA ASN B 80 2.63 8.51 8.07
C ASN B 80 3.77 9.45 8.45
N ASP B 81 5.00 8.93 8.43
CA ASP B 81 6.17 9.72 8.77
C ASP B 81 6.43 10.79 7.70
N LEU B 82 6.32 10.39 6.43
CA LEU B 82 6.53 11.32 5.33
C LEU B 82 5.36 12.29 5.20
N MET B 83 4.15 11.78 5.44
CA MET B 83 2.93 12.58 5.35
C MET B 83 2.95 13.50 4.13
N ASP A 16 7.57 -15.57 -10.52
CA ASP A 16 7.31 -14.79 -9.27
C ASP A 16 7.01 -13.33 -9.59
N VAL A 17 6.45 -12.63 -8.60
CA VAL A 17 6.10 -11.22 -8.78
C VAL A 17 6.99 -10.33 -7.92
N GLN A 18 7.54 -9.29 -8.52
CA GLN A 18 8.40 -8.35 -7.81
C GLN A 18 7.74 -6.99 -7.68
N VAL A 19 7.50 -6.57 -6.44
CA VAL A 19 6.88 -5.28 -6.17
C VAL A 19 7.82 -4.13 -6.51
N THR A 20 7.31 -3.15 -7.25
CA THR A 20 8.11 -1.99 -7.65
C THR A 20 7.31 -0.71 -7.51
N GLU A 21 8.02 0.42 -7.38
CA GLU A 21 7.39 1.71 -7.23
C GLU A 21 6.54 2.06 -8.45
N ASP A 22 7.04 1.68 -9.63
CA ASP A 22 6.33 1.94 -10.88
C ASP A 22 4.95 1.29 -10.88
N ALA A 23 4.90 0.05 -10.39
CA ALA A 23 3.65 -0.70 -10.34
C ALA A 23 2.66 -0.04 -9.38
N VAL A 24 3.17 0.45 -8.26
CA VAL A 24 2.33 1.10 -7.26
C VAL A 24 1.76 2.41 -7.80
N ARG A 25 2.61 3.21 -8.43
CA ARG A 25 2.18 4.49 -8.99
C ARG A 25 1.10 4.30 -10.04
N ARG A 26 1.23 3.23 -10.83
CA ARG A 26 0.26 2.94 -11.88
C ARG A 26 -1.14 2.76 -11.30
N TYR A 27 -1.22 2.12 -10.13
CA TYR A 27 -2.49 1.88 -9.47
C TYR A 27 -3.09 3.18 -8.94
N LEU A 28 -2.24 4.00 -8.30
CA LEU A 28 -2.67 5.26 -7.74
C LEU A 28 -3.02 6.26 -8.84
N THR A 29 -2.28 6.20 -9.94
CA THR A 29 -2.50 7.08 -11.07
C THR A 29 -3.90 6.90 -11.65
N ARG A 30 -4.47 5.71 -11.45
CA ARG A 30 -5.80 5.41 -11.96
C ARG A 30 -6.87 5.98 -11.03
N LYS A 31 -6.93 5.45 -9.82
CA LYS A 31 -7.90 5.90 -8.84
C LYS A 31 -7.32 5.84 -7.42
N PRO A 32 -7.79 6.74 -6.53
CA PRO A 32 -7.30 6.78 -5.15
C PRO A 32 -7.43 5.43 -4.44
N MET A 33 -6.39 5.04 -3.72
CA MET A 33 -6.38 3.77 -3.01
C MET A 33 -5.85 3.95 -1.59
N THR A 34 -6.41 3.18 -0.65
CA THR A 34 -5.99 3.26 0.74
C THR A 34 -4.86 2.26 1.02
N THR A 35 -4.15 2.49 2.12
CA THR A 35 -3.04 1.61 2.50
C THR A 35 -3.53 0.17 2.67
N LYS A 36 -4.65 0.01 3.37
CA LYS A 36 -5.21 -1.31 3.60
C LYS A 36 -5.57 -1.99 2.29
N ASP A 37 -6.17 -1.23 1.37
CA ASP A 37 -6.56 -1.75 0.07
C ASP A 37 -5.34 -2.18 -0.73
N LEU A 38 -4.28 -1.39 -0.63
CA LEU A 38 -3.05 -1.69 -1.36
C LEU A 38 -2.40 -2.97 -0.83
N LEU A 39 -2.42 -3.13 0.49
CA LEU A 39 -1.82 -4.31 1.13
C LEU A 39 -2.59 -5.57 0.72
N LYS A 40 -3.90 -5.47 0.66
CA LYS A 40 -4.74 -6.60 0.29
C LYS A 40 -4.44 -7.07 -1.12
N LYS A 41 -4.01 -6.14 -1.97
CA LYS A 41 -3.67 -6.45 -3.35
C LYS A 41 -2.58 -7.53 -3.43
N PHE A 42 -1.64 -7.46 -2.49
CA PHE A 42 -0.55 -8.43 -2.45
C PHE A 42 -0.34 -8.96 -1.03
N GLN A 43 -1.43 -9.02 -0.26
CA GLN A 43 -1.36 -9.51 1.12
C GLN A 43 -1.05 -10.99 1.15
N THR A 44 -1.75 -11.77 0.32
CA THR A 44 -1.55 -13.21 0.26
C THR A 44 -1.44 -13.70 -1.18
N LYS A 45 -1.01 -12.80 -2.07
CA LYS A 45 -0.87 -13.14 -3.48
C LYS A 45 0.43 -13.91 -3.72
N LYS A 46 0.41 -14.80 -4.72
CA LYS A 46 1.59 -15.59 -5.04
C LYS A 46 2.75 -14.70 -5.48
N THR A 47 3.50 -14.19 -4.50
CA THR A 47 4.63 -13.32 -4.77
C THR A 47 5.94 -13.97 -4.32
N GLY A 48 5.85 -14.88 -3.36
CA GLY A 48 7.03 -15.55 -2.85
C GLY A 48 7.47 -15.02 -1.50
N LEU A 49 7.06 -13.79 -1.19
CA LEU A 49 7.41 -13.18 0.08
C LEU A 49 6.29 -13.38 1.11
N SER A 50 6.67 -13.56 2.37
CA SER A 50 5.70 -13.76 3.44
C SER A 50 4.79 -12.54 3.58
N SER A 51 3.64 -12.74 4.20
CA SER A 51 2.67 -11.66 4.39
C SER A 51 3.30 -10.49 5.15
N GLU A 52 4.08 -10.81 6.18
CA GLU A 52 4.76 -9.79 6.97
C GLU A 52 5.87 -9.13 6.18
N GLN A 53 6.61 -9.94 5.42
CA GLN A 53 7.71 -9.43 4.61
C GLN A 53 7.20 -8.47 3.54
N THR A 54 6.01 -8.75 3.01
CA THR A 54 5.41 -7.91 1.98
C THR A 54 5.26 -6.47 2.47
N VAL A 55 4.82 -6.33 3.72
CA VAL A 55 4.63 -5.01 4.31
C VAL A 55 5.95 -4.26 4.43
N ASN A 56 7.00 -4.98 4.80
CA ASN A 56 8.33 -4.39 4.96
C ASN A 56 8.79 -3.74 3.66
N VAL A 57 8.59 -4.45 2.54
CA VAL A 57 8.99 -3.94 1.23
C VAL A 57 8.08 -2.79 0.80
N LEU A 58 6.78 -2.96 0.98
CA LEU A 58 5.81 -1.93 0.62
C LEU A 58 6.01 -0.67 1.45
N ALA A 59 6.31 -0.86 2.74
CA ALA A 59 6.52 0.27 3.64
C ALA A 59 7.74 1.08 3.23
N GLN A 60 8.79 0.38 2.79
CA GLN A 60 10.02 1.04 2.37
C GLN A 60 9.86 1.65 0.97
N ILE A 61 9.27 0.89 0.06
CA ILE A 61 9.05 1.35 -1.30
C ILE A 61 8.11 2.56 -1.32
N LEU A 62 7.02 2.45 -0.57
CA LEU A 62 6.03 3.52 -0.49
C LEU A 62 6.60 4.74 0.23
N LYS A 63 7.51 4.51 1.17
CA LYS A 63 8.12 5.59 1.93
C LYS A 63 8.61 6.71 1.01
N ARG A 64 9.36 6.33 -0.02
CA ARG A 64 9.89 7.31 -0.96
C ARG A 64 8.84 7.71 -2.00
N LEU A 65 7.76 6.93 -2.10
CA LEU A 65 6.70 7.19 -3.07
C LEU A 65 6.29 8.67 -3.11
N ASN A 66 5.95 9.21 -1.95
CA ASN A 66 5.52 10.61 -1.86
C ASN A 66 4.21 10.83 -2.61
N PRO A 67 3.21 9.96 -2.38
CA PRO A 67 1.90 10.08 -3.03
C PRO A 67 1.06 11.22 -2.46
N GLU A 68 -0.11 11.45 -3.06
CA GLU A 68 -1.00 12.50 -2.60
C GLU A 68 -2.00 11.96 -1.58
N ARG A 69 -2.59 12.87 -0.80
CA ARG A 69 -3.56 12.48 0.21
C ARG A 69 -4.91 13.16 -0.04
N LYS A 70 -5.97 12.37 -0.11
CA LYS A 70 -7.31 12.89 -0.34
C LYS A 70 -8.32 12.21 0.58
N MET A 71 -9.15 13.01 1.24
CA MET A 71 -10.17 12.49 2.14
C MET A 71 -11.43 12.10 1.37
N ILE A 72 -11.66 10.80 1.25
CA ILE A 72 -12.84 10.29 0.54
C ILE A 72 -13.73 9.48 1.47
N ASN A 73 -14.98 9.90 1.60
CA ASN A 73 -15.93 9.21 2.46
C ASN A 73 -15.42 9.13 3.90
N ASP A 74 -14.87 10.25 4.38
CA ASP A 74 -14.34 10.32 5.73
C ASP A 74 -13.22 9.29 5.93
N LYS A 75 -12.50 9.02 4.86
CA LYS A 75 -11.40 8.06 4.91
C LYS A 75 -10.17 8.59 4.18
N MET A 76 -8.99 8.14 4.60
CA MET A 76 -7.74 8.57 3.98
C MET A 76 -7.41 7.71 2.77
N HIS A 77 -7.25 8.36 1.62
CA HIS A 77 -6.93 7.66 0.38
C HIS A 77 -5.66 8.22 -0.26
N PHE A 78 -4.90 7.35 -0.91
CA PHE A 78 -3.65 7.76 -1.56
C PHE A 78 -3.85 7.84 -3.07
N SER A 79 -3.33 8.92 -3.67
CA SER A 79 -3.44 9.11 -5.10
C SER A 79 -2.19 9.80 -5.66
N LEU A 80 -1.80 9.41 -6.86
CA LEU A 80 -0.62 9.99 -7.50
C LEU A 80 -1.00 10.69 -8.81
N LYS A 81 -0.54 11.93 -8.96
CA LYS A 81 -0.83 12.70 -10.17
C LYS A 81 0.30 12.55 -11.19
N GLU A 82 -0.07 12.17 -12.41
CA GLU A 82 0.91 11.99 -13.47
C GLU A 82 1.93 10.92 -13.11
N GLY B 63 -11.37 -16.58 3.31
CA GLY B 63 -12.57 -16.50 4.18
C GLY B 63 -12.78 -15.12 4.77
N SER B 64 -12.10 -14.84 5.88
CA SER B 64 -12.21 -13.54 6.53
C SER B 64 -10.84 -12.89 6.68
N SER B 65 -10.83 -11.56 6.79
CA SER B 65 -9.58 -10.82 6.93
C SER B 65 -9.56 -10.06 8.26
N SER B 66 -8.41 -10.03 8.91
CA SER B 66 -8.25 -9.34 10.17
C SER B 66 -6.78 -9.10 10.49
N GLU B 67 -6.00 -10.18 10.52
CA GLU B 67 -4.57 -10.09 10.81
C GLU B 67 -3.85 -9.26 9.75
N ALA B 68 -4.32 -9.37 8.51
CA ALA B 68 -3.72 -8.63 7.40
C ALA B 68 -3.85 -7.12 7.62
N ASP B 69 -4.98 -6.70 8.18
CA ASP B 69 -5.23 -5.29 8.43
C ASP B 69 -4.22 -4.72 9.41
N GLU B 70 -3.83 -5.54 10.39
CA GLU B 70 -2.86 -5.12 11.39
C GLU B 70 -1.52 -4.78 10.75
N MET B 71 -1.09 -5.59 9.81
CA MET B 71 0.17 -5.37 9.12
C MET B 71 0.04 -4.22 8.11
N ALA B 72 -1.16 -4.07 7.55
CA ALA B 72 -1.40 -3.01 6.57
C ALA B 72 -1.38 -1.64 7.23
N LYS B 73 -1.84 -1.58 8.48
CA LYS B 73 -1.88 -0.33 9.22
C LYS B 73 -0.49 0.29 9.33
N ALA B 74 0.51 -0.56 9.54
CA ALA B 74 1.89 -0.10 9.68
C ALA B 74 2.36 0.58 8.39
N LEU B 75 1.86 0.11 7.26
CA LEU B 75 2.23 0.67 5.97
C LEU B 75 1.83 2.14 5.87
N GLU B 76 0.65 2.47 6.38
CA GLU B 76 0.15 3.84 6.35
C GLU B 76 1.01 4.75 7.22
N ALA B 77 1.36 4.27 8.40
CA ALA B 77 2.17 5.05 9.32
C ALA B 77 3.56 5.30 8.75
N GLU B 78 4.06 4.36 7.97
CA GLU B 78 5.38 4.49 7.36
C GLU B 78 5.42 5.65 6.37
N LEU B 79 4.38 5.74 5.54
CA LEU B 79 4.30 6.80 4.54
C LEU B 79 3.89 8.13 5.18
N ASN B 80 3.13 8.05 6.26
CA ASN B 80 2.67 9.24 6.96
C ASN B 80 3.85 10.13 7.37
N ASP B 81 5.03 9.53 7.49
CA ASP B 81 6.23 10.27 7.87
C ASP B 81 6.64 11.25 6.77
N LEU B 82 6.34 10.90 5.52
CA LEU B 82 6.69 11.76 4.39
C LEU B 82 6.19 13.19 4.61
N MET B 83 4.88 13.35 4.55
CA MET B 83 4.26 14.66 4.74
C MET B 83 4.73 15.64 3.67
N ASP A 16 7.88 -15.59 -12.19
CA ASP A 16 8.01 -14.89 -10.89
C ASP A 16 7.69 -13.40 -11.03
N VAL A 17 6.88 -12.88 -10.11
CA VAL A 17 6.50 -11.48 -10.13
C VAL A 17 7.20 -10.70 -9.03
N GLN A 18 7.69 -9.51 -9.37
CA GLN A 18 8.38 -8.66 -8.41
C GLN A 18 7.64 -7.34 -8.20
N VAL A 19 7.52 -6.92 -6.95
CA VAL A 19 6.83 -5.69 -6.62
C VAL A 19 7.67 -4.48 -7.01
N THR A 20 7.05 -3.54 -7.73
CA THR A 20 7.74 -2.34 -8.16
C THR A 20 6.95 -1.09 -7.77
N GLU A 21 7.66 0.01 -7.54
CA GLU A 21 7.03 1.26 -7.17
C GLU A 21 6.21 1.83 -8.32
N ASP A 22 6.75 1.73 -9.53
CA ASP A 22 6.07 2.22 -10.72
C ASP A 22 4.73 1.53 -10.93
N ALA A 23 4.70 0.22 -10.67
CA ALA A 23 3.48 -0.55 -10.82
C ALA A 23 2.39 -0.03 -9.90
N VAL A 24 2.74 0.27 -8.66
CA VAL A 24 1.78 0.78 -7.69
C VAL A 24 1.27 2.16 -8.10
N ARG A 25 2.16 2.99 -8.61
CA ARG A 25 1.80 4.34 -9.04
C ARG A 25 0.73 4.29 -10.12
N ARG A 26 0.82 3.30 -11.00
CA ARG A 26 -0.15 3.15 -12.09
C ARG A 26 -1.57 3.02 -11.55
N TYR A 27 -1.71 2.27 -10.45
CA TYR A 27 -3.03 2.07 -9.84
C TYR A 27 -3.53 3.36 -9.20
N LEU A 28 -2.67 4.02 -8.45
CA LEU A 28 -3.03 5.27 -7.77
C LEU A 28 -3.28 6.38 -8.78
N THR A 29 -2.53 6.36 -9.88
CA THR A 29 -2.67 7.37 -10.92
C THR A 29 -4.06 7.32 -11.54
N ARG A 30 -4.65 6.12 -11.58
CA ARG A 30 -5.98 5.94 -12.15
C ARG A 30 -7.05 6.42 -11.18
N LYS A 31 -7.08 5.81 -10.01
CA LYS A 31 -8.07 6.17 -8.99
C LYS A 31 -7.47 6.02 -7.59
N PRO A 32 -7.83 6.92 -6.67
CA PRO A 32 -7.32 6.89 -5.29
C PRO A 32 -7.56 5.53 -4.63
N MET A 33 -6.55 5.05 -3.90
CA MET A 33 -6.65 3.77 -3.21
C MET A 33 -6.10 3.86 -1.80
N THR A 34 -6.56 2.98 -0.92
CA THR A 34 -6.12 2.97 0.47
C THR A 34 -4.86 2.10 0.62
N THR A 35 -4.18 2.25 1.76
CA THR A 35 -2.98 1.50 2.03
C THR A 35 -3.24 0.00 1.97
N LYS A 36 -4.31 -0.43 2.62
CA LYS A 36 -4.69 -1.84 2.64
C LYS A 36 -4.91 -2.37 1.22
N ASP A 37 -5.54 -1.54 0.39
CA ASP A 37 -5.83 -1.92 -0.99
C ASP A 37 -4.53 -2.17 -1.76
N LEU A 38 -3.53 -1.35 -1.49
CA LEU A 38 -2.24 -1.48 -2.16
C LEU A 38 -1.58 -2.81 -1.81
N LEU A 39 -1.59 -3.15 -0.54
CA LEU A 39 -0.99 -4.40 -0.08
C LEU A 39 -1.75 -5.61 -0.63
N LYS A 40 -3.07 -5.44 -0.79
CA LYS A 40 -3.91 -6.51 -1.31
C LYS A 40 -3.45 -6.94 -2.70
N LYS A 41 -3.00 -5.97 -3.49
CA LYS A 41 -2.53 -6.25 -4.85
C LYS A 41 -1.36 -7.23 -4.83
N PHE A 42 -0.58 -7.20 -3.76
CA PHE A 42 0.57 -8.07 -3.62
C PHE A 42 0.58 -8.76 -2.25
N GLN A 43 -0.24 -9.79 -2.10
CA GLN A 43 -0.32 -10.52 -0.84
C GLN A 43 0.38 -11.87 -0.96
N THR A 44 0.49 -12.56 0.16
CA THR A 44 1.13 -13.88 0.19
C THR A 44 0.46 -14.84 -0.79
N LYS A 45 0.97 -14.86 -2.02
CA LYS A 45 0.41 -15.74 -3.05
C LYS A 45 1.53 -16.48 -3.79
N LYS A 46 2.22 -15.78 -4.68
CA LYS A 46 3.30 -16.37 -5.45
C LYS A 46 4.52 -15.45 -5.48
N THR A 47 4.54 -14.46 -4.62
CA THR A 47 5.66 -13.51 -4.55
C THR A 47 6.91 -14.19 -4.01
N GLY A 48 6.71 -15.21 -3.18
CA GLY A 48 7.84 -15.93 -2.61
C GLY A 48 8.15 -15.48 -1.19
N LEU A 49 7.79 -14.25 -0.87
CA LEU A 49 8.03 -13.70 0.46
C LEU A 49 6.76 -13.76 1.31
N SER A 50 6.93 -13.97 2.61
CA SER A 50 5.80 -14.05 3.53
C SER A 50 5.01 -12.74 3.51
N SER A 51 3.78 -12.79 4.04
CA SER A 51 2.93 -11.62 4.09
C SER A 51 3.60 -10.47 4.84
N GLU A 52 4.36 -10.83 5.88
CA GLU A 52 5.06 -9.83 6.68
C GLU A 52 6.22 -9.22 5.89
N GLN A 53 6.92 -10.06 5.13
CA GLN A 53 8.04 -9.62 4.33
C GLN A 53 7.59 -8.63 3.25
N THR A 54 6.42 -8.87 2.69
CA THR A 54 5.88 -8.01 1.65
C THR A 54 5.70 -6.58 2.17
N VAL A 55 5.26 -6.47 3.41
CA VAL A 55 5.04 -5.16 4.02
C VAL A 55 6.36 -4.41 4.17
N ASN A 56 7.44 -5.15 4.44
CA ASN A 56 8.76 -4.55 4.59
C ASN A 56 9.16 -3.78 3.34
N VAL A 57 8.98 -4.39 2.18
CA VAL A 57 9.32 -3.76 0.91
C VAL A 57 8.35 -2.64 0.58
N LEU A 58 7.05 -2.93 0.70
CA LEU A 58 6.02 -1.95 0.39
C LEU A 58 6.10 -0.76 1.34
N ALA A 59 6.41 -1.04 2.62
CA ALA A 59 6.52 0.01 3.62
C ALA A 59 7.69 0.94 3.30
N GLN A 60 8.78 0.37 2.82
CA GLN A 60 9.97 1.15 2.47
C GLN A 60 9.78 1.87 1.14
N ILE A 61 9.25 1.17 0.16
CA ILE A 61 9.02 1.74 -1.16
C ILE A 61 8.01 2.88 -1.08
N LEU A 62 6.92 2.64 -0.37
CA LEU A 62 5.86 3.63 -0.22
C LEU A 62 6.36 4.82 0.60
N LYS A 63 7.26 4.56 1.54
CA LYS A 63 7.83 5.62 2.38
C LYS A 63 8.33 6.77 1.54
N ARG A 64 9.11 6.45 0.51
CA ARG A 64 9.67 7.46 -0.37
C ARG A 64 8.65 7.92 -1.42
N LEU A 65 7.58 7.15 -1.58
CA LEU A 65 6.54 7.46 -2.57
C LEU A 65 6.14 8.92 -2.54
N ASN A 66 5.74 9.41 -1.38
CA ASN A 66 5.32 10.80 -1.23
C ASN A 66 4.03 11.06 -2.00
N PRO A 67 3.02 10.19 -1.84
CA PRO A 67 1.72 10.33 -2.52
C PRO A 67 0.87 11.42 -1.89
N GLU A 68 -0.25 11.73 -2.54
CA GLU A 68 -1.16 12.75 -2.04
C GLU A 68 -2.29 12.12 -1.25
N ARG A 69 -2.55 12.66 -0.06
CA ARG A 69 -3.61 12.14 0.80
C ARG A 69 -4.87 12.98 0.68
N LYS A 70 -6.00 12.31 0.46
CA LYS A 70 -7.28 12.99 0.33
C LYS A 70 -8.35 12.30 1.16
N MET A 71 -9.26 13.10 1.73
CA MET A 71 -10.34 12.57 2.55
C MET A 71 -11.55 12.19 1.69
N ILE A 72 -11.72 10.91 1.44
CA ILE A 72 -12.84 10.43 0.63
C ILE A 72 -13.71 9.47 1.43
N ASN A 73 -15.00 9.78 1.51
CA ASN A 73 -15.95 8.95 2.25
C ASN A 73 -15.52 8.80 3.71
N ASP A 74 -15.05 9.89 4.30
CA ASP A 74 -14.61 9.88 5.68
C ASP A 74 -13.49 8.85 5.89
N LYS A 75 -12.70 8.62 4.85
CA LYS A 75 -11.61 7.67 4.92
C LYS A 75 -10.39 8.19 4.16
N MET A 76 -9.20 7.97 4.72
CA MET A 76 -7.97 8.42 4.10
C MET A 76 -7.63 7.56 2.87
N HIS A 77 -7.43 8.21 1.73
CA HIS A 77 -7.11 7.52 0.49
C HIS A 77 -5.84 8.08 -0.13
N PHE A 78 -5.13 7.24 -0.88
CA PHE A 78 -3.89 7.65 -1.54
C PHE A 78 -4.12 7.86 -3.02
N SER A 79 -3.71 9.03 -3.52
CA SER A 79 -3.87 9.36 -4.94
C SER A 79 -2.60 9.97 -5.49
N LEU A 80 -2.18 9.51 -6.66
CA LEU A 80 -0.97 10.02 -7.30
C LEU A 80 -1.30 10.72 -8.62
N LYS A 81 -0.62 11.84 -8.87
CA LYS A 81 -0.84 12.60 -10.09
C LYS A 81 0.47 12.80 -10.85
N GLU A 82 0.72 11.92 -11.82
CA GLU A 82 1.93 12.00 -12.63
C GLU A 82 3.18 11.87 -11.74
N GLY B 63 -17.32 -8.49 8.24
CA GLY B 63 -15.99 -8.00 7.79
C GLY B 63 -14.90 -8.26 8.80
N SER B 64 -14.36 -9.48 8.78
CA SER B 64 -13.29 -9.86 9.70
C SER B 64 -12.03 -10.26 8.95
N SER B 65 -10.88 -9.88 9.48
CA SER B 65 -9.60 -10.19 8.85
C SER B 65 -8.50 -10.33 9.91
N SER B 66 -8.40 -9.33 10.78
CA SER B 66 -7.40 -9.33 11.84
C SER B 66 -5.99 -9.19 11.25
N GLU B 67 -5.53 -10.23 10.58
CA GLU B 67 -4.20 -10.22 9.98
C GLU B 67 -4.08 -9.10 8.94
N ALA B 68 -5.16 -8.85 8.23
CA ALA B 68 -5.18 -7.80 7.21
C ALA B 68 -5.14 -6.42 7.84
N ASP B 69 -5.81 -6.28 8.98
CA ASP B 69 -5.84 -5.00 9.69
C ASP B 69 -4.44 -4.55 10.08
N GLU B 70 -3.65 -5.48 10.61
CA GLU B 70 -2.28 -5.17 11.03
C GLU B 70 -1.36 -5.04 9.81
N MET B 71 -1.65 -5.82 8.78
CA MET B 71 -0.84 -5.80 7.56
C MET B 71 -0.91 -4.43 6.89
N ALA B 72 -2.12 -3.87 6.83
CA ALA B 72 -2.33 -2.56 6.21
C ALA B 72 -1.96 -1.43 7.18
N LYS B 73 -2.14 -1.69 8.47
CA LYS B 73 -1.83 -0.69 9.49
C LYS B 73 -0.37 -0.28 9.43
N ALA B 74 0.51 -1.26 9.26
CA ALA B 74 1.94 -1.00 9.18
C ALA B 74 2.29 -0.23 7.91
N LEU B 75 1.58 -0.53 6.83
CA LEU B 75 1.82 0.14 5.55
C LEU B 75 1.55 1.63 5.66
N GLU B 76 0.39 1.98 6.20
CA GLU B 76 0.00 3.37 6.35
C GLU B 76 0.81 4.05 7.47
N ALA B 77 1.10 3.28 8.52
CA ALA B 77 1.86 3.80 9.64
C ALA B 77 3.27 4.19 9.22
N GLU B 78 3.76 3.59 8.14
CA GLU B 78 5.10 3.87 7.65
C GLU B 78 5.10 5.10 6.73
N LEU B 79 4.12 5.18 5.84
CA LEU B 79 4.02 6.29 4.91
C LEU B 79 3.47 7.54 5.58
N ASN B 80 2.72 7.36 6.66
CA ASN B 80 2.14 8.49 7.38
C ASN B 80 3.21 9.46 7.86
N ASP B 81 4.46 8.98 7.94
CA ASP B 81 5.56 9.81 8.39
C ASP B 81 5.88 10.92 7.39
N LEU B 82 5.64 10.65 6.11
CA LEU B 82 5.90 11.65 5.07
C LEU B 82 5.16 12.94 5.36
N MET B 83 3.93 12.82 5.83
CA MET B 83 3.12 13.98 6.16
C MET B 83 2.92 14.87 4.93
N ASP A 16 7.44 -15.89 -12.29
CA ASP A 16 7.47 -15.20 -10.97
C ASP A 16 7.04 -13.75 -11.08
N VAL A 17 6.43 -13.23 -10.02
CA VAL A 17 5.95 -11.86 -10.00
C VAL A 17 6.83 -10.99 -9.11
N GLN A 18 7.15 -9.79 -9.59
CA GLN A 18 7.98 -8.85 -8.82
C GLN A 18 7.21 -7.57 -8.52
N VAL A 19 7.54 -6.95 -7.39
CA VAL A 19 6.89 -5.72 -6.98
C VAL A 19 7.83 -4.53 -7.10
N THR A 20 7.38 -3.49 -7.78
CA THR A 20 8.19 -2.28 -7.98
C THR A 20 7.40 -1.03 -7.60
N GLU A 21 8.12 0.05 -7.33
CA GLU A 21 7.48 1.32 -6.96
C GLU A 21 6.63 1.85 -8.10
N ASP A 22 7.15 1.74 -9.33
CA ASP A 22 6.44 2.21 -10.50
C ASP A 22 5.11 1.49 -10.66
N ALA A 23 5.10 0.19 -10.37
CA ALA A 23 3.90 -0.62 -10.48
C ALA A 23 2.83 -0.15 -9.50
N VAL A 24 3.25 0.11 -8.26
CA VAL A 24 2.33 0.56 -7.23
C VAL A 24 1.69 1.89 -7.60
N ARG A 25 2.52 2.84 -8.03
CA ARG A 25 2.04 4.16 -8.42
C ARG A 25 1.07 4.07 -9.59
N ARG A 26 1.35 3.14 -10.50
CA ARG A 26 0.49 2.95 -11.68
C ARG A 26 -0.94 2.64 -11.28
N TYR A 27 -1.10 1.83 -10.24
CA TYR A 27 -2.43 1.46 -9.75
C TYR A 27 -3.11 2.65 -9.09
N LEU A 28 -2.35 3.38 -8.29
CA LEU A 28 -2.88 4.55 -7.59
C LEU A 28 -3.25 5.66 -8.58
N THR A 29 -2.49 5.77 -9.65
CA THR A 29 -2.73 6.79 -10.67
C THR A 29 -4.06 6.53 -11.37
N ARG A 30 -4.44 5.27 -11.47
CA ARG A 30 -5.70 4.90 -12.13
C ARG A 30 -6.89 5.34 -11.30
N LYS A 31 -6.97 4.83 -10.07
CA LYS A 31 -8.06 5.17 -9.18
C LYS A 31 -7.59 5.20 -7.72
N PRO A 32 -8.16 6.10 -6.90
CA PRO A 32 -7.77 6.23 -5.49
C PRO A 32 -7.90 4.91 -4.74
N MET A 33 -6.87 4.57 -3.98
CA MET A 33 -6.86 3.33 -3.20
C MET A 33 -6.09 3.49 -1.90
N THR A 34 -6.50 2.78 -0.87
CA THR A 34 -5.85 2.85 0.43
C THR A 34 -4.57 2.00 0.45
N THR A 35 -3.71 2.26 1.42
CA THR A 35 -2.47 1.52 1.55
C THR A 35 -2.74 0.03 1.81
N LYS A 36 -3.81 -0.25 2.52
CA LYS A 36 -4.18 -1.63 2.83
C LYS A 36 -4.35 -2.45 1.55
N ASP A 37 -4.99 -1.86 0.55
CA ASP A 37 -5.22 -2.53 -0.72
C ASP A 37 -3.89 -2.82 -1.43
N LEU A 38 -2.95 -1.89 -1.30
CA LEU A 38 -1.64 -2.05 -1.91
C LEU A 38 -0.90 -3.26 -1.36
N LEU A 39 -1.00 -3.45 -0.04
CA LEU A 39 -0.34 -4.56 0.62
C LEU A 39 -1.00 -5.89 0.23
N LYS A 40 -2.31 -5.94 0.32
CA LYS A 40 -3.07 -7.13 -0.03
C LYS A 40 -2.92 -7.45 -1.52
N LYS A 41 -2.86 -6.41 -2.34
CA LYS A 41 -2.73 -6.57 -3.78
C LYS A 41 -1.47 -7.37 -4.12
N PHE A 42 -0.38 -7.10 -3.41
CA PHE A 42 0.87 -7.78 -3.64
C PHE A 42 1.41 -8.39 -2.35
N GLN A 43 0.73 -9.44 -1.88
CA GLN A 43 1.14 -10.12 -0.65
C GLN A 43 0.25 -11.34 -0.39
N THR A 44 -1.06 -11.11 -0.40
CA THR A 44 -2.01 -12.19 -0.16
C THR A 44 -2.46 -12.84 -1.46
N LYS A 45 -1.71 -12.59 -2.54
CA LYS A 45 -2.05 -13.15 -3.85
C LYS A 45 -1.22 -14.40 -4.13
N LYS A 46 0.07 -14.21 -4.34
CA LYS A 46 0.97 -15.33 -4.61
C LYS A 46 2.42 -14.85 -4.72
N THR A 47 2.85 -14.04 -3.76
CA THR A 47 4.20 -13.52 -3.75
C THR A 47 5.17 -14.49 -3.08
N GLY A 48 6.19 -14.91 -3.82
CA GLY A 48 7.16 -15.83 -3.28
C GLY A 48 7.83 -15.31 -2.03
N LEU A 49 7.81 -13.99 -1.86
CA LEU A 49 8.42 -13.35 -0.70
C LEU A 49 7.50 -13.44 0.51
N SER A 50 8.10 -13.51 1.70
CA SER A 50 7.34 -13.61 2.93
C SER A 50 6.39 -12.42 3.09
N SER A 51 5.28 -12.65 3.77
CA SER A 51 4.29 -11.60 3.98
C SER A 51 4.86 -10.44 4.78
N GLU A 52 5.74 -10.77 5.73
CA GLU A 52 6.37 -9.75 6.57
C GLU A 52 7.38 -8.94 5.76
N GLN A 53 8.19 -9.64 4.97
CA GLN A 53 9.21 -8.98 4.16
C GLN A 53 8.57 -8.11 3.08
N THR A 54 7.44 -8.58 2.55
CA THR A 54 6.73 -7.85 1.51
C THR A 54 6.31 -6.46 2.00
N VAL A 55 5.88 -6.39 3.25
CA VAL A 55 5.44 -5.13 3.83
C VAL A 55 6.59 -4.12 3.86
N ASN A 56 7.76 -4.57 4.29
CA ASN A 56 8.94 -3.71 4.36
C ASN A 56 9.33 -3.20 2.98
N VAL A 57 9.20 -4.07 1.98
CA VAL A 57 9.54 -3.70 0.61
C VAL A 57 8.66 -2.57 0.11
N LEU A 58 7.35 -2.75 0.25
CA LEU A 58 6.39 -1.74 -0.19
C LEU A 58 6.37 -0.54 0.75
N ALA A 59 6.55 -0.82 2.04
CA ALA A 59 6.55 0.25 3.04
C ALA A 59 7.72 1.20 2.84
N GLN A 60 8.91 0.63 2.66
CA GLN A 60 10.11 1.43 2.44
C GLN A 60 9.98 2.28 1.18
N ILE A 61 9.31 1.74 0.17
CA ILE A 61 9.12 2.45 -1.08
C ILE A 61 8.01 3.49 -0.94
N LEU A 62 6.86 3.07 -0.42
CA LEU A 62 5.72 3.95 -0.24
C LEU A 62 6.07 5.11 0.69
N LYS A 63 6.82 4.82 1.75
CA LYS A 63 7.22 5.82 2.72
C LYS A 63 7.78 7.08 2.03
N ARG A 64 8.76 6.88 1.16
CA ARG A 64 9.39 7.98 0.44
C ARG A 64 8.54 8.43 -0.73
N LEU A 65 7.57 7.61 -1.13
CA LEU A 65 6.69 7.91 -2.26
C LEU A 65 6.18 9.35 -2.23
N ASN A 66 5.72 9.79 -1.06
CA ASN A 66 5.19 11.15 -0.92
C ASN A 66 3.95 11.33 -1.77
N PRO A 67 2.94 10.45 -1.58
CA PRO A 67 1.68 10.50 -2.33
C PRO A 67 0.75 11.60 -1.82
N GLU A 68 -0.50 11.58 -2.28
CA GLU A 68 -1.48 12.57 -1.87
C GLU A 68 -2.53 11.95 -0.96
N ARG A 69 -3.17 12.78 -0.14
CA ARG A 69 -4.19 12.30 0.79
C ARG A 69 -5.56 12.82 0.40
N LYS A 70 -6.54 11.92 0.33
CA LYS A 70 -7.90 12.29 -0.02
C LYS A 70 -8.92 11.58 0.89
N MET A 71 -9.88 12.35 1.38
CA MET A 71 -10.91 11.80 2.26
C MET A 71 -12.00 11.11 1.47
N ILE A 72 -12.02 9.78 1.54
CA ILE A 72 -13.03 9.00 0.81
C ILE A 72 -13.88 8.18 1.79
N ASN A 73 -15.18 8.47 1.80
CA ASN A 73 -16.11 7.78 2.68
C ASN A 73 -15.67 7.89 4.15
N ASP A 74 -15.26 9.10 4.54
CA ASP A 74 -14.81 9.34 5.90
C ASP A 74 -13.61 8.47 6.24
N LYS A 75 -12.72 8.28 5.27
CA LYS A 75 -11.53 7.47 5.46
C LYS A 75 -10.36 8.02 4.64
N MET A 76 -9.18 8.05 5.25
CA MET A 76 -7.99 8.55 4.58
C MET A 76 -7.60 7.64 3.41
N HIS A 77 -7.51 8.22 2.23
CA HIS A 77 -7.15 7.47 1.02
C HIS A 77 -5.91 8.05 0.37
N PHE A 78 -5.14 7.19 -0.29
CA PHE A 78 -3.93 7.62 -0.98
C PHE A 78 -4.18 7.83 -2.47
N SER A 79 -3.64 8.92 -3.01
CA SER A 79 -3.81 9.23 -4.42
C SER A 79 -2.51 9.76 -5.01
N LEU A 80 -2.27 9.44 -6.28
CA LEU A 80 -1.06 9.87 -6.97
C LEU A 80 -1.41 10.55 -8.29
N LYS A 81 -0.76 11.68 -8.56
CA LYS A 81 -1.00 12.43 -9.78
C LYS A 81 0.22 12.37 -10.70
N GLU A 82 0.16 11.49 -11.69
CA GLU A 82 1.26 11.34 -12.64
C GLU A 82 1.52 12.64 -13.39
N GLY B 63 -12.11 -3.86 5.82
CA GLY B 63 -13.47 -4.45 5.67
C GLY B 63 -13.72 -5.61 6.60
N SER B 64 -14.22 -6.71 6.06
CA SER B 64 -14.49 -7.90 6.85
C SER B 64 -13.22 -8.44 7.50
N SER B 65 -12.09 -8.23 6.83
CA SER B 65 -10.81 -8.70 7.35
C SER B 65 -10.47 -8.02 8.67
N SER B 66 -9.68 -8.69 9.49
CA SER B 66 -9.28 -8.15 10.78
C SER B 66 -7.78 -8.30 11.01
N GLU B 67 -7.33 -9.56 11.07
CA GLU B 67 -5.91 -9.84 11.28
C GLU B 67 -5.07 -9.30 10.13
N ALA B 68 -5.63 -9.35 8.93
CA ALA B 68 -4.93 -8.86 7.74
C ALA B 68 -4.66 -7.37 7.84
N ASP B 69 -5.66 -6.63 8.33
CA ASP B 69 -5.53 -5.18 8.48
C ASP B 69 -4.37 -4.82 9.41
N GLU B 70 -4.16 -5.65 10.43
CA GLU B 70 -3.09 -5.41 11.39
C GLU B 70 -1.73 -5.38 10.70
N MET B 71 -1.58 -6.22 9.67
CA MET B 71 -0.34 -6.29 8.92
C MET B 71 -0.25 -5.16 7.89
N ALA B 72 -1.39 -4.80 7.32
CA ALA B 72 -1.43 -3.73 6.32
C ALA B 72 -1.19 -2.37 6.96
N LYS B 73 -1.67 -2.19 8.18
CA LYS B 73 -1.51 -0.93 8.89
C LYS B 73 -0.03 -0.59 9.08
N ALA B 74 0.81 -1.62 9.16
CA ALA B 74 2.23 -1.44 9.34
C ALA B 74 2.83 -0.62 8.19
N LEU B 75 2.40 -0.93 6.97
CA LEU B 75 2.88 -0.23 5.79
C LEU B 75 2.44 1.23 5.79
N GLU B 76 1.18 1.46 6.13
CA GLU B 76 0.64 2.81 6.18
C GLU B 76 1.28 3.63 7.29
N ALA B 77 1.67 2.94 8.36
CA ALA B 77 2.30 3.61 9.49
C ALA B 77 3.55 4.38 9.08
N GLU B 78 4.26 3.85 8.09
CA GLU B 78 5.47 4.48 7.59
C GLU B 78 5.15 5.65 6.67
N LEU B 79 4.35 5.39 5.64
CA LEU B 79 3.96 6.42 4.69
C LEU B 79 3.13 7.51 5.36
N ASN B 80 2.34 7.10 6.35
CA ASN B 80 1.49 8.05 7.07
C ASN B 80 2.34 9.13 7.75
N ASP B 81 3.49 8.72 8.27
CA ASP B 81 4.38 9.65 8.96
C ASP B 81 4.99 10.64 7.97
N LEU B 82 5.37 10.14 6.80
CA LEU B 82 5.97 10.98 5.76
C LEU B 82 5.00 12.08 5.35
N MET B 83 3.71 11.77 5.35
CA MET B 83 2.68 12.73 4.97
C MET B 83 2.89 13.23 3.55
N ASP A 16 8.01 -16.12 -8.47
CA ASP A 16 8.43 -15.08 -7.49
C ASP A 16 8.56 -13.72 -8.14
N VAL A 17 7.52 -12.90 -8.03
CA VAL A 17 7.52 -11.56 -8.62
C VAL A 17 7.65 -10.49 -7.54
N GLN A 18 8.42 -9.45 -7.84
CA GLN A 18 8.63 -8.36 -6.89
C GLN A 18 7.72 -7.18 -7.21
N VAL A 19 7.54 -6.29 -6.25
CA VAL A 19 6.68 -5.13 -6.43
C VAL A 19 7.52 -3.89 -6.72
N THR A 20 7.10 -3.12 -7.73
CA THR A 20 7.81 -1.91 -8.12
C THR A 20 6.95 -0.68 -7.89
N GLU A 21 7.60 0.48 -7.71
CA GLU A 21 6.88 1.72 -7.48
C GLU A 21 5.96 2.05 -8.65
N ASP A 22 6.43 1.75 -9.86
CA ASP A 22 5.65 2.02 -11.07
C ASP A 22 4.30 1.31 -11.03
N ALA A 23 4.34 0.01 -10.75
CA ALA A 23 3.12 -0.80 -10.68
C ALA A 23 2.15 -0.25 -9.64
N VAL A 24 2.71 0.25 -8.54
CA VAL A 24 1.88 0.79 -7.46
C VAL A 24 1.42 2.21 -7.79
N ARG A 25 2.31 2.99 -8.41
CA ARG A 25 1.98 4.37 -8.78
C ARG A 25 0.83 4.42 -9.78
N ARG A 26 0.90 3.57 -10.79
CA ARG A 26 -0.14 3.53 -11.82
C ARG A 26 -1.52 3.29 -11.21
N TYR A 27 -1.58 2.44 -10.18
CA TYR A 27 -2.83 2.14 -9.52
C TYR A 27 -3.44 3.38 -8.87
N LEU A 28 -2.60 4.16 -8.20
CA LEU A 28 -3.04 5.38 -7.54
C LEU A 28 -3.33 6.48 -8.54
N THR A 29 -2.49 6.55 -9.58
CA THR A 29 -2.66 7.57 -10.62
C THR A 29 -4.00 7.43 -11.32
N ARG A 30 -4.49 6.20 -11.42
CA ARG A 30 -5.77 5.94 -12.06
C ARG A 30 -6.92 6.20 -11.11
N LYS A 31 -6.82 5.65 -9.91
CA LYS A 31 -7.85 5.82 -8.89
C LYS A 31 -7.23 5.87 -7.49
N PRO A 32 -7.76 6.73 -6.61
CA PRO A 32 -7.24 6.87 -5.24
C PRO A 32 -7.61 5.67 -4.37
N MET A 33 -6.62 5.10 -3.71
CA MET A 33 -6.83 3.94 -2.85
C MET A 33 -6.09 4.10 -1.52
N THR A 34 -6.47 3.29 -0.54
CA THR A 34 -5.84 3.34 0.78
C THR A 34 -4.68 2.35 0.86
N THR A 35 -3.94 2.40 1.96
CA THR A 35 -2.81 1.51 2.16
C THR A 35 -3.23 0.04 2.08
N LYS A 36 -4.35 -0.27 2.73
CA LYS A 36 -4.87 -1.64 2.73
C LYS A 36 -5.15 -2.12 1.31
N ASP A 37 -5.66 -1.23 0.48
CA ASP A 37 -5.98 -1.57 -0.91
C ASP A 37 -4.72 -1.97 -1.66
N LEU A 38 -3.62 -1.30 -1.37
CA LEU A 38 -2.35 -1.59 -2.02
C LEU A 38 -1.90 -3.02 -1.73
N LEU A 39 -2.07 -3.44 -0.48
CA LEU A 39 -1.69 -4.79 -0.07
C LEU A 39 -2.57 -5.84 -0.74
N LYS A 40 -3.85 -5.52 -0.91
CA LYS A 40 -4.79 -6.43 -1.53
C LYS A 40 -4.34 -6.81 -2.94
N LYS A 41 -3.74 -5.84 -3.63
CA LYS A 41 -3.26 -6.06 -4.99
C LYS A 41 -2.19 -7.14 -5.02
N PHE A 42 -1.40 -7.22 -3.95
CA PHE A 42 -0.34 -8.22 -3.84
C PHE A 42 -0.07 -8.58 -2.38
N GLN A 43 -1.04 -9.22 -1.75
CA GLN A 43 -0.90 -9.62 -0.35
C GLN A 43 -0.28 -11.01 -0.24
N THR A 44 -1.04 -12.03 -0.66
CA THR A 44 -0.55 -13.40 -0.61
C THR A 44 -0.46 -13.99 -2.02
N LYS A 45 -0.15 -13.14 -2.99
CA LYS A 45 -0.04 -13.57 -4.38
C LYS A 45 1.13 -14.52 -4.56
N LYS A 46 1.41 -14.88 -5.81
CA LYS A 46 2.50 -15.79 -6.13
C LYS A 46 3.81 -15.36 -5.45
N THR A 47 3.92 -14.07 -5.17
CA THR A 47 5.13 -13.54 -4.52
C THR A 47 5.55 -14.40 -3.33
N GLY A 48 4.56 -15.01 -2.67
CA GLY A 48 4.85 -15.85 -1.53
C GLY A 48 5.48 -15.09 -0.38
N LEU A 49 5.15 -13.80 -0.28
CA LEU A 49 5.69 -12.96 0.78
C LEU A 49 4.74 -12.91 1.98
N SER A 50 5.29 -13.16 3.16
CA SER A 50 4.49 -13.14 4.39
C SER A 50 3.88 -11.77 4.62
N SER A 51 2.88 -11.70 5.50
CA SER A 51 2.21 -10.45 5.80
C SER A 51 3.21 -9.42 6.33
N GLU A 52 4.17 -9.88 7.13
CA GLU A 52 5.19 -9.00 7.69
C GLU A 52 6.23 -8.63 6.65
N GLN A 53 6.59 -9.59 5.80
CA GLN A 53 7.58 -9.37 4.75
C GLN A 53 7.01 -8.49 3.65
N THR A 54 5.75 -8.70 3.31
CA THR A 54 5.10 -7.92 2.26
C THR A 54 5.05 -6.44 2.63
N VAL A 55 4.63 -6.16 3.85
CA VAL A 55 4.55 -4.79 4.33
C VAL A 55 5.92 -4.12 4.35
N ASN A 56 6.92 -4.85 4.84
CA ASN A 56 8.28 -4.32 4.92
C ASN A 56 8.74 -3.76 3.58
N VAL A 57 8.31 -4.39 2.49
CA VAL A 57 8.69 -3.95 1.16
C VAL A 57 7.82 -2.80 0.68
N LEU A 58 6.52 -3.02 0.62
CA LEU A 58 5.57 -2.00 0.18
C LEU A 58 5.63 -0.77 1.08
N ALA A 59 5.66 -0.99 2.38
CA ALA A 59 5.71 0.12 3.34
C ALA A 59 6.95 0.96 3.13
N GLN A 60 8.07 0.30 2.88
CA GLN A 60 9.35 0.99 2.67
C GLN A 60 9.39 1.63 1.29
N ILE A 61 8.96 0.88 0.28
CA ILE A 61 8.95 1.39 -1.10
C ILE A 61 8.00 2.57 -1.23
N LEU A 62 6.82 2.43 -0.63
CA LEU A 62 5.81 3.49 -0.68
C LEU A 62 6.21 4.67 0.21
N LYS A 63 7.00 4.41 1.24
CA LYS A 63 7.44 5.45 2.15
C LYS A 63 7.97 6.67 1.40
N ARG A 64 8.95 6.44 0.53
CA ARG A 64 9.55 7.52 -0.25
C ARG A 64 8.65 7.93 -1.42
N LEU A 65 7.66 7.10 -1.75
CA LEU A 65 6.75 7.39 -2.86
C LEU A 65 6.21 8.82 -2.78
N ASN A 66 5.97 9.29 -1.57
CA ASN A 66 5.46 10.64 -1.36
C ASN A 66 4.13 10.84 -2.11
N PRO A 67 3.16 9.94 -1.88
CA PRO A 67 1.85 10.01 -2.52
C PRO A 67 0.95 11.06 -1.88
N GLU A 68 0.23 11.82 -2.71
CA GLU A 68 -0.66 12.86 -2.22
C GLU A 68 -1.79 12.24 -1.39
N ARG A 69 -2.13 12.89 -0.28
CA ARG A 69 -3.19 12.42 0.59
C ARG A 69 -4.46 13.24 0.42
N LYS A 70 -5.57 12.56 0.10
CA LYS A 70 -6.84 13.24 -0.10
C LYS A 70 -7.95 12.51 0.66
N MET A 71 -8.92 13.28 1.14
CA MET A 71 -10.04 12.71 1.89
C MET A 71 -11.22 12.41 0.96
N ILE A 72 -11.48 11.13 0.73
CA ILE A 72 -12.58 10.71 -0.13
C ILE A 72 -13.58 9.87 0.63
N ASN A 73 -14.85 10.25 0.56
CA ASN A 73 -15.92 9.53 1.24
C ASN A 73 -15.66 9.47 2.74
N ASP A 74 -15.22 10.59 3.30
CA ASP A 74 -14.94 10.67 4.73
C ASP A 74 -13.86 9.66 5.13
N LYS A 75 -12.95 9.38 4.19
CA LYS A 75 -11.86 8.45 4.44
C LYS A 75 -10.58 8.88 3.72
N MET A 76 -9.46 8.75 4.40
CA MET A 76 -8.17 9.15 3.84
C MET A 76 -7.72 8.14 2.78
N HIS A 77 -7.36 8.65 1.60
CA HIS A 77 -6.92 7.80 0.50
C HIS A 77 -5.62 8.33 -0.10
N PHE A 78 -4.97 7.50 -0.91
CA PHE A 78 -3.71 7.88 -1.55
C PHE A 78 -3.92 8.16 -3.03
N SER A 79 -3.38 9.28 -3.50
CA SER A 79 -3.51 9.66 -4.90
C SER A 79 -2.18 10.19 -5.44
N LEU A 80 -1.90 9.87 -6.70
CA LEU A 80 -0.66 10.31 -7.33
C LEU A 80 -0.94 11.00 -8.67
N LYS A 81 -0.17 12.03 -8.97
CA LYS A 81 -0.34 12.77 -10.21
C LYS A 81 0.96 12.84 -10.99
N GLU A 82 1.05 12.06 -12.06
CA GLU A 82 2.25 12.02 -12.89
C GLU A 82 2.09 12.92 -14.12
N GLY B 63 -12.16 -16.93 6.59
CA GLY B 63 -11.05 -15.99 6.88
C GLY B 63 -11.18 -15.33 8.24
N SER B 64 -10.15 -15.47 9.06
CA SER B 64 -10.16 -14.88 10.40
C SER B 64 -10.33 -13.37 10.33
N SER B 65 -9.76 -12.76 9.29
CA SER B 65 -9.84 -11.31 9.10
C SER B 65 -9.25 -10.57 10.30
N SER B 66 -7.93 -10.44 10.31
CA SER B 66 -7.24 -9.76 11.40
C SER B 66 -5.84 -9.33 10.97
N GLU B 67 -5.07 -10.28 10.45
CA GLU B 67 -3.71 -10.00 10.00
C GLU B 67 -3.71 -9.07 8.79
N ALA B 68 -4.76 -9.16 7.98
CA ALA B 68 -4.90 -8.32 6.79
C ALA B 68 -4.90 -6.84 7.16
N ASP B 69 -5.72 -6.48 8.14
CA ASP B 69 -5.82 -5.10 8.58
C ASP B 69 -4.51 -4.61 9.18
N GLU B 70 -3.81 -5.51 9.87
CA GLU B 70 -2.53 -5.19 10.48
C GLU B 70 -1.51 -4.78 9.43
N MET B 71 -1.54 -5.45 8.28
CA MET B 71 -0.61 -5.16 7.20
C MET B 71 -0.76 -3.72 6.72
N ALA B 72 -2.00 -3.22 6.72
CA ALA B 72 -2.27 -1.86 6.28
C ALA B 72 -1.69 -0.84 7.25
N LYS B 73 -1.75 -1.16 8.54
CA LYS B 73 -1.23 -0.26 9.57
C LYS B 73 0.27 0.01 9.35
N ALA B 74 1.01 -1.05 9.07
CA ALA B 74 2.45 -0.92 8.84
C ALA B 74 2.75 -0.16 7.56
N LEU B 75 1.93 -0.41 6.53
CA LEU B 75 2.10 0.25 5.24
C LEU B 75 1.81 1.74 5.34
N GLU B 76 0.73 2.09 6.04
CA GLU B 76 0.34 3.48 6.21
C GLU B 76 1.25 4.20 7.20
N ALA B 77 1.53 3.54 8.32
CA ALA B 77 2.38 4.13 9.35
C ALA B 77 3.76 4.48 8.80
N GLU B 78 4.22 3.72 7.80
CA GLU B 78 5.51 3.97 7.19
C GLU B 78 5.52 5.26 6.38
N LEU B 79 4.54 5.38 5.48
CA LEU B 79 4.42 6.56 4.63
C LEU B 79 4.01 7.79 5.46
N ASN B 80 3.29 7.55 6.55
CA ASN B 80 2.84 8.63 7.41
C ASN B 80 4.01 9.48 7.90
N ASP B 81 5.16 8.84 8.06
CA ASP B 81 6.36 9.55 8.52
C ASP B 81 6.85 10.53 7.46
N LEU B 82 6.81 10.11 6.20
CA LEU B 82 7.25 10.95 5.09
C LEU B 82 6.17 11.96 4.72
N MET B 83 4.90 11.55 4.85
CA MET B 83 3.79 12.43 4.52
C MET B 83 3.82 12.83 3.06
N ASP A 16 7.38 -10.56 -14.80
CA ASP A 16 7.63 -11.22 -13.48
C ASP A 16 6.59 -10.80 -12.45
N VAL A 17 6.70 -11.37 -11.25
CA VAL A 17 5.77 -11.06 -10.17
C VAL A 17 6.43 -10.21 -9.09
N GLN A 18 7.56 -9.62 -9.44
CA GLN A 18 8.30 -8.77 -8.53
C GLN A 18 7.59 -7.43 -8.32
N VAL A 19 7.76 -6.85 -7.13
CA VAL A 19 7.14 -5.58 -6.81
C VAL A 19 8.11 -4.42 -7.03
N THR A 20 7.67 -3.42 -7.79
CA THR A 20 8.49 -2.25 -8.08
C THR A 20 7.75 -0.97 -7.75
N GLU A 21 8.49 0.03 -7.26
CA GLU A 21 7.91 1.31 -6.90
C GLU A 21 7.24 1.97 -8.11
N ASP A 22 7.88 1.85 -9.27
CA ASP A 22 7.34 2.43 -10.50
C ASP A 22 6.00 1.80 -10.85
N ALA A 23 5.90 0.49 -10.66
CA ALA A 23 4.66 -0.22 -10.96
C ALA A 23 3.53 0.22 -10.04
N VAL A 24 3.84 0.37 -8.76
CA VAL A 24 2.84 0.80 -7.77
C VAL A 24 2.35 2.22 -8.07
N ARG A 25 3.30 3.11 -8.33
CA ARG A 25 2.96 4.51 -8.63
C ARG A 25 2.05 4.60 -9.85
N ARG A 26 2.25 3.68 -10.79
CA ARG A 26 1.45 3.67 -12.02
C ARG A 26 -0.05 3.59 -11.70
N TYR A 27 -0.38 2.85 -10.64
CA TYR A 27 -1.78 2.69 -10.24
C TYR A 27 -2.33 4.00 -9.67
N LEU A 28 -1.54 4.66 -8.83
CA LEU A 28 -1.95 5.91 -8.22
C LEU A 28 -2.04 7.03 -9.27
N THR A 29 -1.14 6.99 -10.24
CA THR A 29 -1.13 7.99 -11.30
C THR A 29 -2.41 7.94 -12.12
N ARG A 30 -3.02 6.76 -12.19
CA ARG A 30 -4.26 6.60 -12.95
C ARG A 30 -5.46 7.11 -12.15
N LYS A 31 -5.73 6.47 -11.02
CA LYS A 31 -6.84 6.86 -10.16
C LYS A 31 -6.49 6.63 -8.70
N PRO A 32 -7.15 7.37 -7.78
CA PRO A 32 -6.91 7.25 -6.34
C PRO A 32 -7.05 5.81 -5.86
N MET A 33 -6.15 5.40 -4.97
CA MET A 33 -6.17 4.04 -4.42
C MET A 33 -5.78 4.04 -2.95
N THR A 34 -6.45 3.21 -2.17
CA THR A 34 -6.16 3.11 -0.73
C THR A 34 -4.96 2.19 -0.49
N THR A 35 -4.36 2.33 0.69
CA THR A 35 -3.20 1.51 1.05
C THR A 35 -3.57 0.03 1.04
N LYS A 36 -4.71 -0.31 1.63
CA LYS A 36 -5.18 -1.68 1.69
C LYS A 36 -5.36 -2.25 0.29
N ASP A 37 -5.89 -1.44 -0.61
CA ASP A 37 -6.12 -1.87 -1.99
C ASP A 37 -4.82 -2.31 -2.65
N LEU A 38 -3.73 -1.61 -2.34
CA LEU A 38 -2.43 -1.92 -2.90
C LEU A 38 -1.95 -3.28 -2.42
N LEU A 39 -2.16 -3.56 -1.13
CA LEU A 39 -1.75 -4.83 -0.55
C LEU A 39 -2.62 -5.98 -1.04
N LYS A 40 -3.91 -5.68 -1.28
CA LYS A 40 -4.85 -6.68 -1.76
C LYS A 40 -4.40 -7.25 -3.10
N LYS A 41 -3.86 -6.40 -3.96
CA LYS A 41 -3.40 -6.82 -5.28
C LYS A 41 -2.30 -7.86 -5.16
N PHE A 42 -1.42 -7.68 -4.18
CA PHE A 42 -0.31 -8.62 -3.98
C PHE A 42 -0.30 -9.12 -2.53
N GLN A 43 -1.48 -9.43 -2.00
CA GLN A 43 -1.59 -9.93 -0.64
C GLN A 43 -0.86 -11.25 -0.48
N THR A 44 -1.31 -12.27 -1.20
CA THR A 44 -0.69 -13.58 -1.15
C THR A 44 -0.99 -14.39 -2.40
N LYS A 45 -1.22 -13.68 -3.51
CA LYS A 45 -1.52 -14.33 -4.79
C LYS A 45 -0.34 -15.16 -5.27
N LYS A 46 0.86 -14.57 -5.19
CA LYS A 46 2.07 -15.26 -5.63
C LYS A 46 3.30 -14.41 -5.33
N THR A 47 4.00 -14.74 -4.25
CA THR A 47 5.20 -14.01 -3.86
C THR A 47 6.12 -14.89 -3.03
N GLY A 48 5.54 -15.61 -2.07
CA GLY A 48 6.32 -16.48 -1.21
C GLY A 48 6.50 -15.92 0.18
N LEU A 49 6.37 -14.60 0.31
CA LEU A 49 6.52 -13.94 1.60
C LEU A 49 5.16 -13.78 2.29
N SER A 50 5.16 -13.93 3.61
CA SER A 50 3.92 -13.81 4.38
C SER A 50 3.31 -12.43 4.21
N SER A 51 2.04 -12.29 4.62
CA SER A 51 1.34 -11.01 4.50
C SER A 51 2.10 -9.91 5.25
N GLU A 52 2.74 -10.28 6.35
CA GLU A 52 3.49 -9.32 7.15
C GLU A 52 4.82 -8.97 6.47
N GLN A 53 5.47 -9.98 5.89
CA GLN A 53 6.73 -9.79 5.21
C GLN A 53 6.56 -8.92 3.97
N THR A 54 5.48 -9.16 3.24
CA THR A 54 5.19 -8.40 2.02
C THR A 54 5.05 -6.91 2.34
N VAL A 55 4.41 -6.61 3.47
CA VAL A 55 4.20 -5.24 3.89
C VAL A 55 5.53 -4.55 4.18
N ASN A 56 6.50 -5.32 4.63
CA ASN A 56 7.83 -4.79 4.96
C ASN A 56 8.44 -4.08 3.75
N VAL A 57 8.35 -4.71 2.58
CA VAL A 57 8.90 -4.15 1.36
C VAL A 57 8.07 -2.96 0.88
N LEU A 58 6.75 -3.17 0.79
CA LEU A 58 5.84 -2.12 0.35
C LEU A 58 5.86 -0.94 1.31
N ALA A 59 6.11 -1.24 2.58
CA ALA A 59 6.16 -0.20 3.61
C ALA A 59 7.33 0.74 3.39
N GLN A 60 8.49 0.18 3.10
CA GLN A 60 9.69 0.96 2.86
C GLN A 60 9.65 1.66 1.51
N ILE A 61 9.19 0.94 0.49
CA ILE A 61 9.11 1.49 -0.86
C ILE A 61 8.14 2.66 -0.91
N LEU A 62 6.98 2.48 -0.28
CA LEU A 62 5.95 3.51 -0.25
C LEU A 62 6.35 4.68 0.65
N LYS A 63 7.10 4.37 1.71
CA LYS A 63 7.55 5.38 2.66
C LYS A 63 8.13 6.59 1.93
N ARG A 64 9.08 6.34 1.03
CA ARG A 64 9.72 7.41 0.27
C ARG A 64 8.85 7.87 -0.90
N LEU A 65 7.83 7.08 -1.24
CA LEU A 65 6.94 7.42 -2.35
C LEU A 65 6.49 8.88 -2.31
N ASN A 66 6.10 9.34 -1.14
CA ASN A 66 5.63 10.71 -0.98
C ASN A 66 4.40 10.98 -1.84
N PRO A 67 3.38 10.12 -1.72
CA PRO A 67 2.13 10.26 -2.50
C PRO A 67 1.26 11.38 -1.96
N GLU A 68 0.01 11.43 -2.41
CA GLU A 68 -0.92 12.46 -1.98
C GLU A 68 -2.04 11.84 -1.14
N ARG A 69 -2.32 12.46 0.00
CA ARG A 69 -3.37 11.97 0.90
C ARG A 69 -4.65 12.79 0.75
N LYS A 70 -5.75 12.11 0.46
CA LYS A 70 -7.03 12.77 0.29
C LYS A 70 -8.14 12.00 1.01
N MET A 71 -9.11 12.73 1.55
CA MET A 71 -10.22 12.12 2.26
C MET A 71 -11.43 11.98 1.36
N ILE A 72 -11.73 10.74 0.97
CA ILE A 72 -12.87 10.47 0.10
C ILE A 72 -13.84 9.49 0.76
N ASN A 73 -15.10 9.90 0.85
CA ASN A 73 -16.14 9.06 1.46
C ASN A 73 -15.76 8.70 2.90
N ASP A 74 -15.21 9.67 3.62
CA ASP A 74 -14.80 9.44 5.00
C ASP A 74 -13.75 8.35 5.10
N LYS A 75 -12.87 8.29 4.10
CA LYS A 75 -11.81 7.29 4.06
C LYS A 75 -10.51 7.88 3.54
N MET A 76 -9.39 7.30 3.94
CA MET A 76 -8.08 7.78 3.51
C MET A 76 -7.70 7.15 2.17
N HIS A 77 -7.48 8.00 1.17
CA HIS A 77 -7.11 7.54 -0.15
C HIS A 77 -5.78 8.15 -0.60
N PHE A 78 -4.95 7.36 -1.26
CA PHE A 78 -3.66 7.84 -1.74
C PHE A 78 -3.69 8.08 -3.25
N SER A 79 -3.18 9.23 -3.66
CA SER A 79 -3.16 9.60 -5.08
C SER A 79 -1.80 10.14 -5.48
N LEU A 80 -1.46 10.00 -6.76
CA LEU A 80 -0.19 10.48 -7.27
C LEU A 80 -0.36 11.19 -8.61
N LYS A 81 0.35 12.30 -8.79
CA LYS A 81 0.27 13.06 -10.03
C LYS A 81 1.44 12.75 -10.94
N GLU A 82 1.13 12.39 -12.18
CA GLU A 82 2.17 12.05 -13.15
C GLU A 82 2.55 13.27 -13.99
N GLY B 63 -5.79 -14.73 16.77
CA GLY B 63 -6.03 -15.97 15.98
C GLY B 63 -6.47 -15.69 14.57
N SER B 64 -7.70 -15.18 14.42
CA SER B 64 -8.25 -14.86 13.11
C SER B 64 -8.71 -13.41 13.05
N SER B 65 -8.75 -12.86 11.84
CA SER B 65 -9.17 -11.48 11.65
C SER B 65 -8.28 -10.52 12.43
N SER B 66 -8.61 -9.23 12.39
CA SER B 66 -7.83 -8.20 13.08
C SER B 66 -6.47 -8.01 12.42
N GLU B 67 -5.64 -9.05 12.50
CA GLU B 67 -4.30 -9.00 11.92
C GLU B 67 -4.36 -8.67 10.43
N ALA B 68 -5.43 -9.12 9.77
CA ALA B 68 -5.61 -8.87 8.34
C ALA B 68 -5.66 -7.37 8.05
N ASP B 69 -6.46 -6.65 8.83
CA ASP B 69 -6.59 -5.21 8.66
C ASP B 69 -5.28 -4.50 8.96
N GLU B 70 -4.53 -5.04 9.90
CA GLU B 70 -3.24 -4.45 10.28
C GLU B 70 -2.29 -4.40 9.09
N MET B 71 -2.46 -5.34 8.16
CA MET B 71 -1.61 -5.41 6.97
C MET B 71 -1.67 -4.08 6.21
N ALA B 72 -2.87 -3.54 6.05
CA ALA B 72 -3.04 -2.28 5.35
C ALA B 72 -2.84 -1.09 6.27
N LYS B 73 -3.39 -1.19 7.48
CA LYS B 73 -3.27 -0.11 8.46
C LYS B 73 -1.81 0.23 8.73
N ALA B 74 -0.97 -0.79 8.79
CA ALA B 74 0.45 -0.59 9.04
C ALA B 74 1.11 0.18 7.90
N LEU B 75 0.60 -0.02 6.69
CA LEU B 75 1.13 0.66 5.51
C LEU B 75 0.89 2.17 5.59
N GLU B 76 -0.30 2.54 6.03
CA GLU B 76 -0.66 3.96 6.15
C GLU B 76 0.24 4.67 7.14
N ALA B 77 0.53 4.00 8.25
CA ALA B 77 1.39 4.57 9.29
C ALA B 77 2.78 4.89 8.74
N GLU B 78 3.22 4.09 7.77
CA GLU B 78 4.53 4.28 7.17
C GLU B 78 4.60 5.60 6.40
N LEU B 79 3.56 5.88 5.62
CA LEU B 79 3.50 7.11 4.84
C LEU B 79 2.98 8.27 5.67
N ASN B 80 2.32 7.96 6.79
CA ASN B 80 1.78 9.00 7.67
C ASN B 80 2.86 9.95 8.14
N ASP B 81 4.01 9.40 8.53
CA ASP B 81 5.14 10.21 9.00
C ASP B 81 5.73 11.03 7.85
N LEU B 82 5.99 10.38 6.74
CA LEU B 82 6.56 11.05 5.57
C LEU B 82 5.57 12.06 5.00
N MET B 83 4.28 11.75 5.09
CA MET B 83 3.24 12.63 4.59
C MET B 83 2.74 13.56 5.70
N ASP A 16 7.39 -13.93 -14.13
CA ASP A 16 7.47 -13.75 -12.67
C ASP A 16 6.99 -12.35 -12.25
N VAL A 17 6.55 -12.23 -11.01
CA VAL A 17 6.08 -10.96 -10.48
C VAL A 17 7.07 -10.36 -9.49
N GLN A 18 7.38 -9.08 -9.68
CA GLN A 18 8.32 -8.39 -8.80
C GLN A 18 7.75 -7.06 -8.34
N VAL A 19 7.71 -6.86 -7.02
CA VAL A 19 7.19 -5.64 -6.45
C VAL A 19 8.12 -4.46 -6.73
N THR A 20 7.55 -3.37 -7.26
CA THR A 20 8.33 -2.19 -7.59
C THR A 20 7.53 -0.92 -7.30
N GLU A 21 8.23 0.17 -7.02
CA GLU A 21 7.58 1.44 -6.72
C GLU A 21 6.72 1.90 -7.89
N ASP A 22 7.23 1.69 -9.10
CA ASP A 22 6.51 2.08 -10.31
C ASP A 22 5.16 1.39 -10.39
N ALA A 23 5.12 0.14 -9.95
CA ALA A 23 3.89 -0.64 -9.97
C ALA A 23 2.79 0.03 -9.15
N VAL A 24 3.19 0.70 -8.07
CA VAL A 24 2.25 1.39 -7.21
C VAL A 24 1.80 2.72 -7.83
N ARG A 25 2.76 3.44 -8.41
CA ARG A 25 2.47 4.72 -9.03
C ARG A 25 1.46 4.58 -10.16
N ARG A 26 1.64 3.56 -10.99
CA ARG A 26 0.74 3.31 -12.11
C ARG A 26 -0.69 3.08 -11.62
N TYR A 27 -0.83 2.30 -10.56
CA TYR A 27 -2.15 2.01 -10.00
C TYR A 27 -2.75 3.25 -9.34
N LEU A 28 -1.92 3.99 -8.61
CA LEU A 28 -2.37 5.20 -7.93
C LEU A 28 -2.72 6.30 -8.93
N THR A 29 -1.91 6.42 -9.98
CA THR A 29 -2.13 7.42 -11.00
C THR A 29 -3.46 7.20 -11.72
N ARG A 30 -3.88 5.94 -11.79
CA ARG A 30 -5.13 5.59 -12.45
C ARG A 30 -6.33 6.08 -11.63
N LYS A 31 -6.47 5.52 -10.43
CA LYS A 31 -7.56 5.90 -9.54
C LYS A 31 -7.12 5.85 -8.08
N PRO A 32 -7.66 6.74 -7.23
CA PRO A 32 -7.32 6.77 -5.81
C PRO A 32 -7.51 5.43 -5.13
N MET A 33 -6.51 5.00 -4.36
CA MET A 33 -6.57 3.73 -3.66
C MET A 33 -5.97 3.84 -2.26
N THR A 34 -6.48 3.05 -1.34
CA THR A 34 -5.99 3.06 0.04
C THR A 34 -4.81 2.10 0.21
N THR A 35 -4.14 2.19 1.36
CA THR A 35 -3.00 1.33 1.63
C THR A 35 -3.40 -0.15 1.60
N LYS A 36 -4.56 -0.45 2.17
CA LYS A 36 -5.06 -1.82 2.20
C LYS A 36 -5.22 -2.37 0.80
N ASP A 37 -5.67 -1.53 -0.13
CA ASP A 37 -5.87 -1.93 -1.52
C ASP A 37 -4.55 -2.37 -2.15
N LEU A 38 -3.48 -1.67 -1.78
CA LEU A 38 -2.16 -1.98 -2.31
C LEU A 38 -1.74 -3.40 -1.94
N LEU A 39 -1.95 -3.76 -0.67
CA LEU A 39 -1.59 -5.08 -0.18
C LEU A 39 -2.51 -6.14 -0.77
N LYS A 40 -3.76 -5.76 -1.05
CA LYS A 40 -4.73 -6.67 -1.62
C LYS A 40 -4.22 -7.26 -2.94
N LYS A 41 -3.51 -6.45 -3.70
CA LYS A 41 -2.98 -6.89 -4.98
C LYS A 41 -2.02 -8.07 -4.80
N PHE A 42 -1.23 -8.02 -3.73
CA PHE A 42 -0.28 -9.09 -3.44
C PHE A 42 -0.25 -9.41 -1.94
N GLN A 43 -1.42 -9.73 -1.40
CA GLN A 43 -1.53 -10.06 0.02
C GLN A 43 -0.74 -11.32 0.36
N THR A 44 -0.79 -12.30 -0.54
CA THR A 44 -0.08 -13.55 -0.35
C THR A 44 -0.23 -14.46 -1.57
N LYS A 45 -0.01 -13.88 -2.74
CA LYS A 45 -0.11 -14.63 -3.99
C LYS A 45 1.20 -15.33 -4.32
N LYS A 46 1.25 -16.00 -5.46
CA LYS A 46 2.44 -16.72 -5.88
C LYS A 46 3.56 -15.74 -6.25
N THR A 47 4.05 -15.01 -5.27
CA THR A 47 5.12 -14.04 -5.48
C THR A 47 6.42 -14.51 -4.85
N GLY A 48 6.32 -15.39 -3.87
CA GLY A 48 7.50 -15.91 -3.20
C GLY A 48 7.76 -15.24 -1.87
N LEU A 49 7.21 -14.04 -1.70
CA LEU A 49 7.38 -13.30 -0.45
C LEU A 49 6.17 -13.47 0.45
N SER A 50 6.42 -13.62 1.76
CA SER A 50 5.34 -13.79 2.72
C SER A 50 4.58 -12.49 2.93
N SER A 51 3.39 -12.59 3.50
CA SER A 51 2.56 -11.41 3.75
C SER A 51 3.30 -10.41 4.63
N GLU A 52 4.09 -10.92 5.57
CA GLU A 52 4.85 -10.06 6.48
C GLU A 52 6.03 -9.41 5.75
N GLN A 53 6.73 -10.22 4.95
CA GLN A 53 7.88 -9.73 4.20
C GLN A 53 7.46 -8.70 3.15
N THR A 54 6.32 -8.96 2.50
CA THR A 54 5.81 -8.06 1.48
C THR A 54 5.52 -6.68 2.06
N VAL A 55 4.93 -6.67 3.26
CA VAL A 55 4.60 -5.41 3.92
C VAL A 55 5.86 -4.61 4.25
N ASN A 56 6.91 -5.32 4.64
CA ASN A 56 8.18 -4.67 4.97
C ASN A 56 8.72 -3.86 3.79
N VAL A 57 8.63 -4.44 2.60
CA VAL A 57 9.10 -3.76 1.40
C VAL A 57 8.12 -2.69 0.95
N LEU A 58 6.84 -3.04 0.89
CA LEU A 58 5.81 -2.10 0.47
C LEU A 58 5.70 -0.94 1.46
N ALA A 59 5.97 -1.22 2.73
CA ALA A 59 5.90 -0.20 3.77
C ALA A 59 7.01 0.83 3.60
N GLN A 60 8.20 0.35 3.29
CA GLN A 60 9.35 1.22 3.10
C GLN A 60 9.27 1.97 1.77
N ILE A 61 8.84 1.26 0.73
CA ILE A 61 8.71 1.86 -0.59
C ILE A 61 7.62 2.92 -0.61
N LEU A 62 6.49 2.58 0.01
CA LEU A 62 5.35 3.51 0.07
C LEU A 62 5.65 4.69 0.99
N LYS A 63 6.50 4.46 1.99
CA LYS A 63 6.85 5.50 2.94
C LYS A 63 7.41 6.73 2.21
N ARG A 64 8.43 6.51 1.39
CA ARG A 64 9.05 7.59 0.63
C ARG A 64 8.20 8.00 -0.57
N LEU A 65 7.24 7.15 -0.94
CA LEU A 65 6.37 7.42 -2.08
C LEU A 65 5.83 8.85 -2.06
N ASN A 66 5.70 9.41 -0.86
CA ASN A 66 5.20 10.78 -0.69
C ASN A 66 3.99 11.05 -1.59
N PRO A 67 2.97 10.17 -1.54
CA PRO A 67 1.76 10.32 -2.35
C PRO A 67 0.81 11.36 -1.79
N GLU A 68 0.10 12.05 -2.68
CA GLU A 68 -0.84 13.08 -2.27
C GLU A 68 -2.01 12.47 -1.50
N ARG A 69 -2.38 13.10 -0.39
CA ARG A 69 -3.48 12.61 0.43
C ARG A 69 -4.82 13.21 -0.03
N LYS A 70 -5.81 12.35 -0.19
CA LYS A 70 -7.13 12.78 -0.62
C LYS A 70 -8.22 12.16 0.26
N MET A 71 -9.15 12.98 0.71
CA MET A 71 -10.25 12.51 1.55
C MET A 71 -11.44 12.06 0.71
N ILE A 72 -11.62 10.76 0.61
CA ILE A 72 -12.72 10.19 -0.16
C ILE A 72 -13.63 9.34 0.71
N ASN A 73 -14.92 9.63 0.68
CA ASN A 73 -15.90 8.88 1.47
C ASN A 73 -15.58 8.96 2.96
N ASP A 74 -15.15 10.14 3.40
CA ASP A 74 -14.80 10.35 4.80
C ASP A 74 -13.69 9.41 5.23
N LYS A 75 -12.73 9.18 4.34
CA LYS A 75 -11.61 8.30 4.63
C LYS A 75 -10.34 8.78 3.93
N MET A 76 -9.19 8.43 4.50
CA MET A 76 -7.91 8.83 3.93
C MET A 76 -7.54 7.94 2.73
N HIS A 77 -7.30 8.58 1.59
CA HIS A 77 -6.94 7.85 0.38
C HIS A 77 -5.67 8.41 -0.23
N PHE A 78 -4.90 7.55 -0.91
CA PHE A 78 -3.66 7.95 -1.53
C PHE A 78 -3.81 8.01 -3.05
N SER A 79 -3.30 9.08 -3.64
CA SER A 79 -3.38 9.26 -5.10
C SER A 79 -2.17 10.02 -5.62
N LEU A 80 -1.68 9.61 -6.78
CA LEU A 80 -0.52 10.26 -7.39
C LEU A 80 -0.89 10.90 -8.73
N LYS A 81 -0.38 12.10 -8.95
CA LYS A 81 -0.66 12.82 -10.19
C LYS A 81 0.63 13.05 -10.99
N GLU A 82 0.91 12.15 -11.93
CA GLU A 82 2.10 12.26 -12.76
C GLU A 82 1.76 12.05 -14.23
N GLY B 63 -15.92 -10.02 11.56
CA GLY B 63 -14.75 -9.49 10.80
C GLY B 63 -13.72 -10.56 10.50
N SER B 64 -12.99 -10.98 11.53
CA SER B 64 -11.97 -12.01 11.38
C SER B 64 -10.91 -11.58 10.37
N SER B 65 -10.01 -10.71 10.81
CA SER B 65 -8.94 -10.22 9.94
C SER B 65 -7.97 -9.34 10.72
N SER B 66 -7.71 -9.72 11.97
CA SER B 66 -6.80 -8.96 12.83
C SER B 66 -5.41 -8.90 12.22
N GLU B 67 -4.99 -10.00 11.58
CA GLU B 67 -3.68 -10.06 10.95
C GLU B 67 -3.54 -9.00 9.87
N ALA B 68 -4.64 -8.74 9.16
CA ALA B 68 -4.64 -7.74 8.09
C ALA B 68 -4.42 -6.34 8.63
N ASP B 69 -4.83 -6.12 9.88
CA ASP B 69 -4.68 -4.81 10.52
C ASP B 69 -3.21 -4.40 10.55
N GLU B 70 -2.34 -5.33 10.88
CA GLU B 70 -0.90 -5.06 10.96
C GLU B 70 -0.34 -4.78 9.57
N MET B 71 -0.85 -5.50 8.57
CA MET B 71 -0.39 -5.34 7.20
C MET B 71 -0.66 -3.92 6.70
N ALA B 72 -1.83 -3.40 7.02
CA ALA B 72 -2.21 -2.05 6.60
C ALA B 72 -1.72 -1.00 7.60
N LYS B 73 -1.94 -1.26 8.88
CA LYS B 73 -1.51 -0.35 9.93
C LYS B 73 -0.01 -0.10 9.87
N ALA B 74 0.76 -1.18 9.75
CA ALA B 74 2.22 -1.08 9.68
C ALA B 74 2.66 -0.34 8.42
N LEU B 75 2.00 -0.65 7.31
CA LEU B 75 2.32 -0.02 6.02
C LEU B 75 1.94 1.46 6.03
N GLU B 76 0.73 1.74 6.50
CA GLU B 76 0.23 3.11 6.54
C GLU B 76 0.94 3.91 7.64
N ALA B 77 1.29 3.23 8.72
CA ALA B 77 1.97 3.88 9.85
C ALA B 77 3.28 4.52 9.41
N GLU B 78 3.88 3.98 8.37
CA GLU B 78 5.15 4.50 7.86
C GLU B 78 4.91 5.66 6.88
N LEU B 79 4.04 5.44 5.91
CA LEU B 79 3.74 6.45 4.90
C LEU B 79 2.93 7.61 5.48
N ASN B 80 2.00 7.29 6.39
CA ASN B 80 1.17 8.31 7.02
C ASN B 80 2.01 9.36 7.72
N ASP B 81 3.24 9.00 8.06
CA ASP B 81 4.14 9.93 8.75
C ASP B 81 4.74 10.93 7.77
N LEU B 82 5.37 10.42 6.72
CA LEU B 82 6.00 11.27 5.72
C LEU B 82 4.95 12.11 4.99
N MET B 83 3.76 11.55 4.82
CA MET B 83 2.67 12.25 4.16
C MET B 83 1.82 13.04 5.15
N ASP A 16 7.81 -15.46 -13.35
CA ASP A 16 8.17 -14.88 -12.02
C ASP A 16 7.57 -13.50 -11.84
N VAL A 17 6.84 -13.31 -10.74
CA VAL A 17 6.21 -12.04 -10.45
C VAL A 17 6.91 -11.32 -9.32
N GLN A 18 7.13 -10.01 -9.49
CA GLN A 18 7.80 -9.21 -8.47
C GLN A 18 7.07 -7.89 -8.25
N VAL A 19 7.37 -7.23 -7.14
CA VAL A 19 6.75 -5.95 -6.81
C VAL A 19 7.71 -4.80 -7.03
N THR A 20 7.25 -3.79 -7.76
CA THR A 20 8.06 -2.61 -8.05
C THR A 20 7.31 -1.33 -7.75
N GLU A 21 8.02 -0.35 -7.20
CA GLU A 21 7.41 0.94 -6.86
C GLU A 21 6.84 1.62 -8.10
N ASP A 22 7.51 1.43 -9.23
CA ASP A 22 7.06 2.03 -10.49
C ASP A 22 5.66 1.57 -10.84
N ALA A 23 5.39 0.29 -10.63
CA ALA A 23 4.07 -0.27 -10.92
C ALA A 23 3.01 0.28 -9.98
N VAL A 24 3.39 0.46 -8.72
CA VAL A 24 2.47 0.99 -7.71
C VAL A 24 2.09 2.43 -8.01
N ARG A 25 3.09 3.25 -8.31
CA ARG A 25 2.87 4.66 -8.61
C ARG A 25 1.97 4.82 -9.83
N ARG A 26 2.21 4.00 -10.84
CA ARG A 26 1.41 4.05 -12.08
C ARG A 26 -0.06 3.77 -11.79
N TYR A 27 -0.31 2.83 -10.88
CA TYR A 27 -1.68 2.47 -10.52
C TYR A 27 -2.37 3.61 -9.78
N LEU A 28 -1.67 4.20 -8.82
CA LEU A 28 -2.22 5.30 -8.03
C LEU A 28 -2.46 6.53 -8.91
N THR A 29 -1.58 6.74 -9.88
CA THR A 29 -1.70 7.87 -10.79
C THR A 29 -2.98 7.77 -11.63
N ARG A 30 -3.37 6.55 -11.94
CA ARG A 30 -4.58 6.32 -12.73
C ARG A 30 -5.83 6.49 -11.87
N LYS A 31 -5.84 5.84 -10.72
CA LYS A 31 -6.97 5.91 -9.81
C LYS A 31 -6.51 5.85 -8.36
N PRO A 32 -7.21 6.56 -7.45
CA PRO A 32 -6.86 6.58 -6.03
C PRO A 32 -7.22 5.28 -5.32
N MET A 33 -6.26 4.71 -4.60
CA MET A 33 -6.49 3.46 -3.88
C MET A 33 -5.99 3.57 -2.44
N THR A 34 -6.57 2.77 -1.56
CA THR A 34 -6.18 2.77 -0.16
C THR A 34 -4.92 1.93 0.07
N THR A 35 -4.28 2.13 1.21
CA THR A 35 -3.06 1.39 1.54
C THR A 35 -3.33 -0.10 1.58
N LYS A 36 -4.49 -0.48 2.11
CA LYS A 36 -4.86 -1.89 2.21
C LYS A 36 -4.91 -2.54 0.82
N ASP A 37 -5.45 -1.81 -0.15
CA ASP A 37 -5.56 -2.31 -1.51
C ASP A 37 -4.18 -2.53 -2.12
N LEU A 38 -3.27 -1.60 -1.87
CA LEU A 38 -1.91 -1.70 -2.38
C LEU A 38 -1.22 -2.95 -1.87
N LEU A 39 -1.46 -3.28 -0.60
CA LEU A 39 -0.86 -4.46 0.02
C LEU A 39 -1.51 -5.74 -0.49
N LYS A 40 -2.84 -5.76 -0.47
CA LYS A 40 -3.59 -6.93 -0.94
C LYS A 40 -3.41 -7.14 -2.44
N LYS A 41 -3.23 -6.05 -3.17
CA LYS A 41 -3.05 -6.11 -4.62
C LYS A 41 -1.86 -6.99 -4.99
N PHE A 42 -0.89 -7.10 -4.08
CA PHE A 42 0.30 -7.91 -4.34
C PHE A 42 0.43 -9.03 -3.31
N GLN A 43 0.30 -8.69 -2.04
CA GLN A 43 0.41 -9.66 -0.96
C GLN A 43 -0.52 -10.85 -1.19
N THR A 44 -1.77 -10.57 -1.53
CA THR A 44 -2.75 -11.62 -1.76
C THR A 44 -2.90 -11.91 -3.25
N LYS A 45 -1.84 -11.64 -4.01
CA LYS A 45 -1.85 -11.87 -5.45
C LYS A 45 -1.07 -13.14 -5.80
N LYS A 46 0.25 -13.04 -5.77
CA LYS A 46 1.11 -14.19 -6.08
C LYS A 46 2.47 -14.05 -5.41
N THR A 47 2.49 -13.37 -4.28
CA THR A 47 3.73 -13.16 -3.53
C THR A 47 4.14 -14.43 -2.80
N GLY A 48 5.35 -14.91 -3.06
CA GLY A 48 5.83 -16.11 -2.41
C GLY A 48 6.27 -15.87 -0.98
N LEU A 49 6.56 -14.61 -0.65
CA LEU A 49 7.00 -14.26 0.70
C LEU A 49 5.80 -14.15 1.64
N SER A 50 6.07 -14.28 2.94
CA SER A 50 5.01 -14.19 3.95
C SER A 50 4.28 -12.85 3.87
N SER A 51 3.08 -12.80 4.43
CA SER A 51 2.28 -11.58 4.43
C SER A 51 3.02 -10.44 5.12
N GLU A 52 3.75 -10.77 6.18
CA GLU A 52 4.50 -9.77 6.93
C GLU A 52 5.67 -9.23 6.10
N GLN A 53 6.38 -10.13 5.44
CA GLN A 53 7.52 -9.73 4.62
C GLN A 53 7.07 -8.90 3.42
N THR A 54 5.92 -9.26 2.86
CA THR A 54 5.37 -8.54 1.71
C THR A 54 5.12 -7.08 2.05
N VAL A 55 4.59 -6.83 3.25
CA VAL A 55 4.31 -5.48 3.71
C VAL A 55 5.59 -4.67 3.83
N ASN A 56 6.63 -5.28 4.40
CA ASN A 56 7.91 -4.62 4.59
C ASN A 56 8.47 -4.13 3.26
N VAL A 57 8.38 -4.98 2.23
CA VAL A 57 8.90 -4.64 0.92
C VAL A 57 8.15 -3.44 0.34
N LEU A 58 6.82 -3.48 0.41
CA LEU A 58 5.99 -2.40 -0.10
C LEU A 58 6.12 -1.15 0.75
N ALA A 59 6.19 -1.33 2.07
CA ALA A 59 6.31 -0.22 2.99
C ALA A 59 7.60 0.56 2.74
N GLN A 60 8.70 -0.14 2.61
CA GLN A 60 10.00 0.48 2.37
C GLN A 60 9.98 1.29 1.07
N ILE A 61 9.27 0.78 0.07
CA ILE A 61 9.17 1.45 -1.22
C ILE A 61 8.17 2.61 -1.15
N LEU A 62 6.99 2.33 -0.62
CA LEU A 62 5.94 3.34 -0.49
C LEU A 62 6.34 4.43 0.48
N LYS A 63 7.14 4.06 1.49
CA LYS A 63 7.58 5.03 2.50
C LYS A 63 8.10 6.31 1.85
N ARG A 64 8.93 6.17 0.84
CA ARG A 64 9.48 7.32 0.14
C ARG A 64 8.48 7.90 -0.87
N LEU A 65 7.45 7.12 -1.18
CA LEU A 65 6.43 7.54 -2.14
C LEU A 65 5.86 8.92 -1.80
N ASN A 66 5.54 9.12 -0.53
CA ASN A 66 4.99 10.40 -0.09
C ASN A 66 3.72 10.76 -0.87
N PRO A 67 2.77 9.80 -0.97
CA PRO A 67 1.51 10.03 -1.69
C PRO A 67 0.55 10.91 -0.92
N GLU A 68 -0.15 11.78 -1.63
CA GLU A 68 -1.11 12.69 -1.00
C GLU A 68 -2.32 11.91 -0.49
N ARG A 69 -2.85 12.34 0.65
CA ARG A 69 -4.01 11.67 1.24
C ARG A 69 -5.30 12.38 0.84
N LYS A 70 -6.24 11.62 0.30
CA LYS A 70 -7.52 12.17 -0.12
C LYS A 70 -8.68 11.32 0.39
N MET A 71 -9.78 11.97 0.75
CA MET A 71 -10.96 11.26 1.26
C MET A 71 -12.03 11.17 0.19
N ILE A 72 -12.19 9.99 -0.40
CA ILE A 72 -13.19 9.78 -1.43
C ILE A 72 -14.18 8.69 -1.01
N ASN A 73 -15.47 9.00 -1.16
CA ASN A 73 -16.52 8.05 -0.80
C ASN A 73 -16.45 7.70 0.67
N ASP A 74 -16.13 8.69 1.50
CA ASP A 74 -16.03 8.48 2.94
C ASP A 74 -15.00 7.40 3.26
N LYS A 75 -13.94 7.34 2.47
CA LYS A 75 -12.89 6.35 2.67
C LYS A 75 -11.51 6.96 2.42
N MET A 76 -10.51 6.45 3.14
CA MET A 76 -9.15 6.95 3.00
C MET A 76 -8.49 6.37 1.75
N HIS A 77 -8.17 7.24 0.79
CA HIS A 77 -7.55 6.81 -0.45
C HIS A 77 -6.21 7.52 -0.65
N PHE A 78 -5.28 6.84 -1.30
CA PHE A 78 -3.95 7.40 -1.56
C PHE A 78 -3.79 7.75 -3.03
N SER A 79 -3.38 8.98 -3.30
CA SER A 79 -3.18 9.44 -4.67
C SER A 79 -2.08 10.48 -4.75
N LEU A 80 -1.37 10.51 -5.86
CA LEU A 80 -0.28 11.46 -6.06
C LEU A 80 -0.53 12.33 -7.29
N LYS A 81 0.05 13.52 -7.30
CA LYS A 81 -0.10 14.44 -8.42
C LYS A 81 1.16 14.50 -9.26
N GLU A 82 1.20 13.70 -10.32
CA GLU A 82 2.36 13.66 -11.21
C GLU A 82 2.50 14.98 -11.96
N GLY B 63 -7.78 -12.17 16.71
CA GLY B 63 -8.89 -12.02 15.73
C GLY B 63 -8.39 -12.00 14.30
N SER B 64 -9.04 -12.76 13.43
CA SER B 64 -8.65 -12.83 12.02
C SER B 64 -8.74 -11.45 11.38
N SER B 65 -9.74 -10.67 11.78
CA SER B 65 -9.93 -9.33 11.23
C SER B 65 -8.73 -8.44 11.55
N SER B 66 -8.10 -8.70 12.69
CA SER B 66 -6.94 -7.92 13.11
C SER B 66 -5.81 -8.01 12.08
N GLU B 67 -5.71 -9.16 11.43
CA GLU B 67 -4.68 -9.38 10.42
C GLU B 67 -4.79 -8.35 9.30
N ALA B 68 -6.01 -7.98 8.96
CA ALA B 68 -6.25 -7.00 7.90
C ALA B 68 -5.70 -5.63 8.29
N ASP B 69 -5.96 -5.22 9.53
CA ASP B 69 -5.49 -3.93 10.02
C ASP B 69 -3.97 -3.87 10.01
N GLU B 70 -3.34 -5.00 10.29
CA GLU B 70 -1.88 -5.07 10.32
C GLU B 70 -1.29 -4.71 8.95
N MET B 71 -1.99 -5.09 7.89
CA MET B 71 -1.53 -4.81 6.54
C MET B 71 -1.57 -3.30 6.25
N ALA B 72 -2.58 -2.62 6.76
CA ALA B 72 -2.73 -1.20 6.55
C ALA B 72 -1.95 -0.39 7.59
N LYS B 73 -2.18 -0.68 8.86
CA LYS B 73 -1.51 0.03 9.94
C LYS B 73 0.01 -0.07 9.82
N ALA B 74 0.49 -1.19 9.29
CA ALA B 74 1.92 -1.40 9.13
C ALA B 74 2.50 -0.49 8.05
N LEU B 75 1.96 -0.60 6.84
CA LEU B 75 2.43 0.22 5.73
C LEU B 75 2.02 1.67 5.90
N GLU B 76 0.77 1.90 6.28
CA GLU B 76 0.26 3.25 6.47
C GLU B 76 1.05 3.99 7.54
N ALA B 77 1.52 3.25 8.54
CA ALA B 77 2.30 3.84 9.62
C ALA B 77 3.57 4.48 9.10
N GLU B 78 4.22 3.82 8.15
CA GLU B 78 5.46 4.32 7.57
C GLU B 78 5.19 5.55 6.71
N LEU B 79 4.13 5.48 5.91
CA LEU B 79 3.77 6.59 5.03
C LEU B 79 3.26 7.77 5.83
N ASN B 80 2.63 7.49 6.96
CA ASN B 80 2.09 8.54 7.82
C ASN B 80 3.19 9.49 8.29
N ASP B 81 4.43 9.00 8.29
CA ASP B 81 5.57 9.80 8.71
C ASP B 81 5.84 10.96 7.74
N LEU B 82 5.64 10.69 6.45
CA LEU B 82 5.85 11.70 5.42
C LEU B 82 4.97 12.92 5.67
N MET B 83 3.76 12.67 6.16
CA MET B 83 2.81 13.75 6.45
C MET B 83 2.75 14.76 5.31
N ASP A 16 10.30 -15.80 -9.36
CA ASP A 16 9.45 -15.09 -8.38
C ASP A 16 8.98 -13.74 -8.93
N VAL A 17 8.29 -12.97 -8.11
CA VAL A 17 7.78 -11.66 -8.51
C VAL A 17 8.45 -10.55 -7.69
N GLN A 18 8.83 -9.48 -8.37
CA GLN A 18 9.47 -8.34 -7.71
C GLN A 18 8.52 -7.16 -7.63
N VAL A 19 8.75 -6.28 -6.65
CA VAL A 19 7.92 -5.10 -6.47
C VAL A 19 8.66 -3.84 -6.87
N THR A 20 7.98 -2.96 -7.60
CA THR A 20 8.58 -1.71 -8.04
C THR A 20 7.65 -0.53 -7.79
N GLU A 21 8.22 0.65 -7.64
CA GLU A 21 7.43 1.86 -7.40
C GLU A 21 6.52 2.17 -8.59
N ASP A 22 7.02 1.92 -9.79
CA ASP A 22 6.25 2.17 -11.00
C ASP A 22 4.93 1.39 -10.98
N ALA A 23 5.00 0.14 -10.55
CA ALA A 23 3.81 -0.70 -10.49
C ALA A 23 2.81 -0.16 -9.47
N VAL A 24 3.31 0.29 -8.33
CA VAL A 24 2.45 0.83 -7.28
C VAL A 24 1.85 2.18 -7.69
N ARG A 25 2.68 3.04 -8.26
CA ARG A 25 2.23 4.35 -8.69
C ARG A 25 1.13 4.24 -9.75
N ARG A 26 1.28 3.28 -10.66
CA ARG A 26 0.29 3.07 -11.71
C ARG A 26 -1.08 2.80 -11.13
N TYR A 27 -1.12 2.06 -10.03
CA TYR A 27 -2.39 1.73 -9.38
C TYR A 27 -3.06 2.99 -8.82
N LEU A 28 -2.26 3.88 -8.26
CA LEU A 28 -2.77 5.12 -7.70
C LEU A 28 -3.11 6.13 -8.79
N THR A 29 -2.22 6.25 -9.78
CA THR A 29 -2.42 7.18 -10.87
C THR A 29 -3.71 6.85 -11.64
N ARG A 30 -4.02 5.55 -11.73
CA ARG A 30 -5.21 5.11 -12.44
C ARG A 30 -6.45 5.28 -11.56
N LYS A 31 -6.37 4.76 -10.34
CA LYS A 31 -7.48 4.86 -9.40
C LYS A 31 -6.97 5.00 -7.97
N PRO A 32 -7.59 5.88 -7.17
CA PRO A 32 -7.19 6.10 -5.77
C PRO A 32 -7.61 4.94 -4.87
N MET A 33 -6.64 4.37 -4.16
CA MET A 33 -6.90 3.25 -3.27
C MET A 33 -6.17 3.44 -1.94
N THR A 34 -6.69 2.80 -0.89
CA THR A 34 -6.09 2.90 0.44
C THR A 34 -4.89 1.96 0.56
N THR A 35 -4.14 2.11 1.65
CA THR A 35 -2.98 1.27 1.89
C THR A 35 -3.35 -0.21 1.93
N LYS A 36 -4.51 -0.50 2.51
CA LYS A 36 -4.99 -1.87 2.60
C LYS A 36 -5.10 -2.52 1.23
N ASP A 37 -5.66 -1.77 0.28
CA ASP A 37 -5.82 -2.28 -1.08
C ASP A 37 -4.47 -2.43 -1.76
N LEU A 38 -3.57 -1.51 -1.49
CA LEU A 38 -2.23 -1.54 -2.07
C LEU A 38 -1.44 -2.74 -1.56
N LEU A 39 -1.53 -2.99 -0.26
CA LEU A 39 -0.84 -4.10 0.35
C LEU A 39 -1.46 -5.43 -0.06
N LYS A 40 -2.78 -5.52 0.06
CA LYS A 40 -3.50 -6.73 -0.30
C LYS A 40 -3.30 -7.08 -1.78
N LYS A 41 -3.29 -6.05 -2.62
CA LYS A 41 -3.10 -6.25 -4.04
C LYS A 41 -1.75 -6.89 -4.34
N PHE A 42 -0.73 -6.50 -3.60
CA PHE A 42 0.60 -7.04 -3.77
C PHE A 42 0.97 -8.01 -2.65
N GLN A 43 -0.05 -8.59 -2.03
CA GLN A 43 0.16 -9.53 -0.94
C GLN A 43 -0.60 -10.84 -1.18
N THR A 44 -1.92 -10.74 -1.27
CA THR A 44 -2.76 -11.90 -1.49
C THR A 44 -2.41 -12.57 -2.83
N LYS A 45 -1.98 -11.76 -3.79
CA LYS A 45 -1.61 -12.26 -5.10
C LYS A 45 -0.29 -13.01 -5.05
N LYS A 46 -0.17 -14.06 -5.86
CA LYS A 46 1.05 -14.86 -5.90
C LYS A 46 2.25 -14.01 -6.32
N THR A 47 3.05 -13.60 -5.34
CA THR A 47 4.23 -12.79 -5.61
C THR A 47 5.51 -13.57 -5.33
N GLY A 48 5.42 -14.59 -4.49
CA GLY A 48 6.59 -15.39 -4.17
C GLY A 48 7.11 -15.14 -2.78
N LEU A 49 6.84 -13.93 -2.26
CA LEU A 49 7.29 -13.56 -0.93
C LEU A 49 6.15 -13.67 0.08
N SER A 50 6.49 -13.97 1.32
CA SER A 50 5.50 -14.10 2.38
C SER A 50 4.70 -12.82 2.54
N SER A 51 3.51 -12.93 3.13
CA SER A 51 2.65 -11.77 3.34
C SER A 51 3.35 -10.72 4.19
N GLU A 52 4.10 -11.19 5.19
CA GLU A 52 4.82 -10.29 6.09
C GLU A 52 6.02 -9.65 5.37
N GLN A 53 6.68 -10.44 4.54
CA GLN A 53 7.84 -9.95 3.79
C GLN A 53 7.44 -8.83 2.83
N THR A 54 6.29 -8.99 2.19
CA THR A 54 5.80 -7.99 1.25
C THR A 54 5.56 -6.65 1.95
N VAL A 55 4.94 -6.72 3.13
CA VAL A 55 4.64 -5.51 3.90
C VAL A 55 5.92 -4.80 4.30
N ASN A 56 6.92 -5.57 4.72
CA ASN A 56 8.20 -5.00 5.14
C ASN A 56 8.86 -4.23 4.00
N VAL A 57 8.96 -4.87 2.84
CA VAL A 57 9.58 -4.24 1.67
C VAL A 57 8.66 -3.19 1.06
N LEU A 58 7.39 -3.57 0.86
CA LEU A 58 6.41 -2.65 0.28
C LEU A 58 6.25 -1.40 1.14
N ALA A 59 6.35 -1.56 2.45
CA ALA A 59 6.22 -0.44 3.37
C ALA A 59 7.34 0.58 3.14
N GLN A 60 8.54 0.07 2.88
CA GLN A 60 9.69 0.93 2.64
C GLN A 60 9.59 1.60 1.27
N ILE A 61 9.14 0.86 0.27
CA ILE A 61 9.00 1.39 -1.08
C ILE A 61 7.90 2.44 -1.13
N LEU A 62 6.81 2.18 -0.42
CA LEU A 62 5.68 3.10 -0.38
C LEU A 62 6.00 4.30 0.50
N LYS A 63 6.60 4.05 1.66
CA LYS A 63 6.95 5.12 2.59
C LYS A 63 7.65 6.28 1.88
N ARG A 64 8.57 5.95 0.99
CA ARG A 64 9.30 6.97 0.23
C ARG A 64 8.46 7.50 -0.93
N LEU A 65 7.40 6.77 -1.27
CA LEU A 65 6.52 7.17 -2.37
C LEU A 65 5.93 8.55 -2.14
N ASN A 66 5.47 8.80 -0.92
CA ASN A 66 4.87 10.09 -0.57
C ASN A 66 3.71 10.43 -1.49
N PRO A 67 2.70 9.55 -1.58
CA PRO A 67 1.52 9.78 -2.42
C PRO A 67 0.56 10.78 -1.80
N GLU A 68 -0.19 11.47 -2.66
CA GLU A 68 -1.15 12.47 -2.19
C GLU A 68 -2.20 11.82 -1.29
N ARG A 69 -2.51 12.47 -0.18
CA ARG A 69 -3.49 11.96 0.76
C ARG A 69 -4.76 12.82 0.75
N LYS A 70 -5.88 12.20 0.40
CA LYS A 70 -7.17 12.90 0.35
C LYS A 70 -8.26 12.10 1.06
N MET A 71 -9.17 12.80 1.72
CA MET A 71 -10.26 12.15 2.43
C MET A 71 -11.47 11.98 1.53
N ILE A 72 -11.79 10.73 1.20
CA ILE A 72 -12.92 10.41 0.34
C ILE A 72 -13.94 9.54 1.07
N ASN A 73 -15.17 10.05 1.19
CA ASN A 73 -16.23 9.30 1.87
C ASN A 73 -15.83 8.97 3.31
N ASP A 74 -15.23 9.94 3.99
CA ASP A 74 -14.81 9.75 5.37
C ASP A 74 -13.79 8.62 5.46
N LYS A 75 -12.93 8.51 4.47
CA LYS A 75 -11.91 7.47 4.44
C LYS A 75 -10.59 8.01 3.89
N MET A 76 -9.48 7.41 4.32
CA MET A 76 -8.16 7.83 3.87
C MET A 76 -7.77 7.11 2.58
N HIS A 77 -7.58 7.88 1.51
CA HIS A 77 -7.20 7.32 0.22
C HIS A 77 -5.95 8.01 -0.33
N PHE A 78 -5.13 7.24 -1.05
CA PHE A 78 -3.91 7.77 -1.63
C PHE A 78 -4.06 7.95 -3.14
N SER A 79 -3.66 9.12 -3.62
CA SER A 79 -3.74 9.42 -5.05
C SER A 79 -2.40 9.90 -5.60
N LEU A 80 -2.17 9.68 -6.88
CA LEU A 80 -0.93 10.10 -7.51
C LEU A 80 -1.20 10.80 -8.85
N LYS A 81 -0.38 11.80 -9.16
CA LYS A 81 -0.53 12.55 -10.41
C LYS A 81 0.80 12.68 -11.12
N GLU A 82 1.07 11.78 -12.05
CA GLU A 82 2.32 11.80 -12.81
C GLU A 82 2.12 12.44 -14.17
N GLY B 63 -13.55 -7.57 10.24
CA GLY B 63 -12.14 -8.03 10.43
C GLY B 63 -12.02 -9.54 10.43
N SER B 64 -12.06 -10.13 9.24
CA SER B 64 -11.95 -11.59 9.11
C SER B 64 -10.63 -12.08 9.70
N SER B 65 -9.56 -11.32 9.47
CA SER B 65 -8.25 -11.70 9.98
C SER B 65 -7.62 -10.55 10.76
N SER B 66 -7.08 -10.86 11.93
CA SER B 66 -6.45 -9.85 12.77
C SER B 66 -5.23 -9.24 12.07
N GLU B 67 -4.46 -10.09 11.40
CA GLU B 67 -3.27 -9.65 10.68
C GLU B 67 -3.64 -8.69 9.56
N ALA B 68 -4.83 -8.87 9.00
CA ALA B 68 -5.31 -8.03 7.92
C ALA B 68 -5.44 -6.57 8.37
N ASP B 69 -5.93 -6.38 9.59
CA ASP B 69 -6.10 -5.04 10.14
C ASP B 69 -4.76 -4.33 10.28
N GLU B 70 -3.77 -5.03 10.83
CA GLU B 70 -2.45 -4.46 11.02
C GLU B 70 -1.69 -4.37 9.70
N MET B 71 -2.04 -5.26 8.76
CA MET B 71 -1.38 -5.28 7.46
C MET B 71 -1.52 -3.93 6.76
N ALA B 72 -2.68 -3.31 6.89
CA ALA B 72 -2.93 -2.01 6.27
C ALA B 72 -2.45 -0.87 7.17
N LYS B 73 -2.76 -0.96 8.46
CA LYS B 73 -2.36 0.07 9.41
C LYS B 73 -0.85 0.23 9.44
N ALA B 74 -0.13 -0.87 9.23
CA ALA B 74 1.32 -0.84 9.23
C ALA B 74 1.86 -0.13 7.99
N LEU B 75 1.18 -0.30 6.87
CA LEU B 75 1.58 0.32 5.62
C LEU B 75 1.33 1.83 5.66
N GLU B 76 0.15 2.22 6.11
CA GLU B 76 -0.21 3.63 6.19
C GLU B 76 0.58 4.34 7.28
N ALA B 77 0.90 3.61 8.34
CA ALA B 77 1.66 4.16 9.45
C ALA B 77 3.04 4.64 9.00
N GLU B 78 3.66 3.88 8.12
CA GLU B 78 4.98 4.21 7.60
C GLU B 78 4.91 5.41 6.66
N LEU B 79 3.90 5.42 5.79
CA LEU B 79 3.73 6.51 4.83
C LEU B 79 3.33 7.80 5.55
N ASN B 80 2.65 7.66 6.68
CA ASN B 80 2.20 8.81 7.45
C ASN B 80 3.37 9.67 7.92
N ASP B 81 4.56 9.09 7.90
CA ASP B 81 5.77 9.81 8.33
C ASP B 81 6.10 10.94 7.36
N LEU B 82 5.76 10.76 6.09
CA LEU B 82 6.03 11.77 5.08
C LEU B 82 5.33 13.08 5.41
N MET B 83 4.10 12.97 5.92
CA MET B 83 3.31 14.14 6.29
C MET B 83 3.13 15.07 5.09
N ASP A 16 8.49 -15.98 -12.15
CA ASP A 16 8.81 -15.20 -10.93
C ASP A 16 8.09 -13.86 -10.93
N VAL A 17 7.72 -13.39 -9.74
CA VAL A 17 7.03 -12.11 -9.61
C VAL A 17 7.82 -11.14 -8.73
N GLN A 18 7.94 -9.90 -9.19
CA GLN A 18 8.68 -8.88 -8.45
C GLN A 18 7.81 -7.64 -8.23
N VAL A 19 8.15 -6.87 -7.21
CA VAL A 19 7.40 -5.66 -6.89
C VAL A 19 8.21 -4.41 -7.23
N THR A 20 7.59 -3.49 -7.97
CA THR A 20 8.24 -2.26 -8.36
C THR A 20 7.39 -1.05 -8.01
N GLU A 21 8.03 0.04 -7.60
CA GLU A 21 7.33 1.26 -7.24
C GLU A 21 6.51 1.79 -8.42
N ASP A 22 7.06 1.66 -9.62
CA ASP A 22 6.38 2.12 -10.82
C ASP A 22 5.07 1.36 -11.03
N ALA A 23 5.11 0.05 -10.81
CA ALA A 23 3.92 -0.79 -10.98
C ALA A 23 2.82 -0.38 -10.01
N VAL A 24 3.18 -0.23 -8.74
CA VAL A 24 2.21 0.15 -7.71
C VAL A 24 1.69 1.57 -7.96
N ARG A 25 2.57 2.45 -8.42
CA ARG A 25 2.19 3.84 -8.69
C ARG A 25 1.07 3.91 -9.73
N ARG A 26 1.09 2.99 -10.68
CA ARG A 26 0.07 2.96 -11.73
C ARG A 26 -1.32 2.79 -11.12
N TYR A 27 -1.42 2.00 -10.07
CA TYR A 27 -2.69 1.76 -9.40
C TYR A 27 -3.19 3.03 -8.71
N LEU A 28 -2.28 3.74 -8.07
CA LEU A 28 -2.64 4.97 -7.37
C LEU A 28 -2.96 6.10 -8.35
N THR A 29 -2.15 6.22 -9.40
CA THR A 29 -2.35 7.24 -10.40
C THR A 29 -3.69 7.06 -11.11
N ARG A 30 -4.18 5.83 -11.13
CA ARG A 30 -5.46 5.53 -11.78
C ARG A 30 -6.62 6.03 -10.94
N LYS A 31 -6.75 5.47 -9.74
CA LYS A 31 -7.82 5.86 -8.82
C LYS A 31 -7.35 5.77 -7.38
N PRO A 32 -7.98 6.55 -6.48
CA PRO A 32 -7.62 6.58 -5.05
C PRO A 32 -7.71 5.19 -4.42
N MET A 33 -6.69 4.83 -3.66
CA MET A 33 -6.66 3.53 -3.00
C MET A 33 -5.95 3.63 -1.64
N THR A 34 -6.45 2.86 -0.68
CA THR A 34 -5.86 2.86 0.66
C THR A 34 -4.67 1.91 0.74
N THR A 35 -3.92 2.00 1.83
CA THR A 35 -2.75 1.15 2.03
C THR A 35 -3.15 -0.32 1.97
N LYS A 36 -4.28 -0.66 2.60
CA LYS A 36 -4.76 -2.03 2.61
C LYS A 36 -5.01 -2.54 1.20
N ASP A 37 -5.49 -1.65 0.34
CA ASP A 37 -5.79 -2.01 -1.05
C ASP A 37 -4.51 -2.45 -1.77
N LEU A 38 -3.39 -1.84 -1.41
CA LEU A 38 -2.11 -2.17 -2.03
C LEU A 38 -1.55 -3.47 -1.46
N LEU A 39 -1.79 -3.70 -0.17
CA LEU A 39 -1.29 -4.91 0.50
C LEU A 39 -2.16 -6.12 0.17
N LYS A 40 -3.48 -5.92 0.13
CA LYS A 40 -4.40 -7.00 -0.16
C LYS A 40 -4.08 -7.65 -1.51
N LYS A 41 -3.53 -6.86 -2.43
CA LYS A 41 -3.17 -7.36 -3.75
C LYS A 41 -2.11 -8.46 -3.66
N PHE A 42 -1.18 -8.28 -2.72
CA PHE A 42 -0.11 -9.26 -2.52
C PHE A 42 -0.04 -9.71 -1.07
N GLN A 43 -1.20 -9.71 -0.40
CA GLN A 43 -1.26 -10.12 1.00
C GLN A 43 -1.01 -11.62 1.15
N THR A 44 -1.67 -12.42 0.31
CA THR A 44 -1.51 -13.87 0.36
C THR A 44 -1.46 -14.46 -1.05
N LYS A 45 -0.99 -13.66 -2.00
CA LYS A 45 -0.89 -14.11 -3.38
C LYS A 45 0.53 -14.58 -3.71
N LYS A 46 0.64 -15.56 -4.59
CA LYS A 46 1.93 -16.10 -4.98
C LYS A 46 2.77 -15.04 -5.69
N THR A 47 3.82 -14.58 -5.04
CA THR A 47 4.69 -13.57 -5.61
C THR A 47 6.12 -13.70 -5.08
N GLY A 48 6.46 -14.90 -4.60
CA GLY A 48 7.79 -15.13 -4.08
C GLY A 48 7.93 -14.66 -2.64
N LEU A 49 7.67 -13.38 -2.41
CA LEU A 49 7.77 -12.81 -1.08
C LEU A 49 6.51 -13.10 -0.26
N SER A 50 6.69 -13.36 1.03
CA SER A 50 5.57 -13.65 1.92
C SER A 50 4.88 -12.37 2.37
N SER A 51 3.84 -12.51 3.17
CA SER A 51 3.09 -11.36 3.67
C SER A 51 4.00 -10.42 4.46
N GLU A 52 4.89 -10.99 5.26
CA GLU A 52 5.82 -10.20 6.06
C GLU A 52 6.80 -9.45 5.17
N GLN A 53 7.37 -10.15 4.19
CA GLN A 53 8.32 -9.54 3.28
C GLN A 53 7.66 -8.49 2.40
N THR A 54 6.40 -8.74 2.05
CA THR A 54 5.64 -7.81 1.22
C THR A 54 5.53 -6.44 1.88
N VAL A 55 5.20 -6.44 3.17
CA VAL A 55 5.07 -5.20 3.92
C VAL A 55 6.41 -4.47 4.03
N ASN A 56 7.48 -5.23 4.25
CA ASN A 56 8.81 -4.65 4.37
C ASN A 56 9.20 -3.91 3.09
N VAL A 57 8.94 -4.54 1.95
CA VAL A 57 9.26 -3.93 0.66
C VAL A 57 8.35 -2.75 0.36
N LEU A 58 7.04 -2.97 0.49
CA LEU A 58 6.07 -1.92 0.24
C LEU A 58 6.22 -0.77 1.22
N ALA A 59 6.58 -1.10 2.45
CA ALA A 59 6.77 -0.08 3.48
C ALA A 59 7.96 0.81 3.16
N GLN A 60 9.03 0.19 2.68
CA GLN A 60 10.25 0.93 2.33
C GLN A 60 10.06 1.69 1.03
N ILE A 61 9.45 1.04 0.03
CA ILE A 61 9.23 1.65 -1.26
C ILE A 61 8.25 2.83 -1.14
N LEU A 62 7.18 2.62 -0.38
CA LEU A 62 6.18 3.66 -0.17
C LEU A 62 6.71 4.76 0.74
N LYS A 63 7.67 4.42 1.59
CA LYS A 63 8.26 5.38 2.51
C LYS A 63 8.65 6.67 1.80
N ARG A 64 9.42 6.55 0.74
CA ARG A 64 9.86 7.71 -0.05
C ARG A 64 8.77 8.20 -1.00
N LEU A 65 7.75 7.36 -1.22
CA LEU A 65 6.66 7.71 -2.13
C LEU A 65 6.15 9.13 -1.92
N ASN A 66 5.75 9.44 -0.69
CA ASN A 66 5.24 10.76 -0.37
C ASN A 66 3.99 11.07 -1.19
N PRO A 67 3.01 10.14 -1.19
CA PRO A 67 1.76 10.31 -1.94
C PRO A 67 0.80 11.29 -1.25
N GLU A 68 -0.22 11.72 -1.98
CA GLU A 68 -1.20 12.65 -1.44
C GLU A 68 -2.37 11.90 -0.81
N ARG A 69 -2.87 12.41 0.32
CA ARG A 69 -3.98 11.78 1.01
C ARG A 69 -5.25 12.60 0.86
N LYS A 70 -6.34 11.92 0.48
CA LYS A 70 -7.62 12.58 0.30
C LYS A 70 -8.74 11.81 1.01
N MET A 71 -9.70 12.55 1.55
CA MET A 71 -10.81 11.94 2.26
C MET A 71 -11.92 11.53 1.29
N ILE A 72 -12.04 10.23 1.04
CA ILE A 72 -13.05 9.72 0.13
C ILE A 72 -13.99 8.77 0.85
N ASN A 73 -15.29 9.09 0.80
CA ASN A 73 -16.30 8.27 1.45
C ASN A 73 -16.03 8.15 2.95
N ASP A 74 -15.63 9.26 3.56
CA ASP A 74 -15.34 9.28 4.99
C ASP A 74 -14.21 8.30 5.32
N LYS A 75 -13.28 8.14 4.39
CA LYS A 75 -12.15 7.22 4.58
C LYS A 75 -10.88 7.81 3.98
N MET A 76 -9.73 7.41 4.52
CA MET A 76 -8.45 7.88 4.03
C MET A 76 -7.97 7.04 2.85
N HIS A 77 -7.66 7.71 1.75
CA HIS A 77 -7.20 7.03 0.55
C HIS A 77 -5.90 7.65 0.03
N PHE A 78 -5.08 6.84 -0.64
CA PHE A 78 -3.82 7.30 -1.18
C PHE A 78 -3.90 7.47 -2.70
N SER A 79 -3.52 8.64 -3.19
CA SER A 79 -3.55 8.92 -4.62
C SER A 79 -2.55 10.00 -4.99
N LEU A 80 -1.92 9.85 -6.15
CA LEU A 80 -0.94 10.82 -6.61
C LEU A 80 -1.22 11.22 -8.06
N LYS A 81 -0.74 12.40 -8.45
CA LYS A 81 -0.94 12.89 -9.80
C LYS A 81 0.32 12.74 -10.64
N GLU A 82 0.21 12.00 -11.73
CA GLU A 82 1.35 11.77 -12.62
C GLU A 82 0.88 11.44 -14.04
N GLY B 63 -16.26 -5.59 6.42
CA GLY B 63 -14.98 -6.17 5.92
C GLY B 63 -14.44 -7.23 6.85
N SER B 64 -14.22 -6.86 8.11
CA SER B 64 -13.69 -7.79 9.10
C SER B 64 -12.33 -8.32 8.67
N SER B 65 -11.26 -7.63 9.09
CA SER B 65 -9.90 -8.04 8.75
C SER B 65 -9.07 -8.24 10.01
N SER B 66 -8.03 -9.08 9.90
CA SER B 66 -7.16 -9.35 11.02
C SER B 66 -5.69 -9.18 10.64
N GLU B 67 -5.17 -10.17 9.92
CA GLU B 67 -3.77 -10.12 9.48
C GLU B 67 -3.54 -8.96 8.52
N ALA B 68 -4.53 -8.68 7.68
CA ALA B 68 -4.43 -7.59 6.71
C ALA B 68 -4.31 -6.24 7.42
N ASP B 69 -5.05 -6.08 8.51
CA ASP B 69 -5.03 -4.84 9.27
C ASP B 69 -3.62 -4.55 9.79
N GLU B 70 -2.95 -5.57 10.30
CA GLU B 70 -1.61 -5.43 10.83
C GLU B 70 -0.61 -5.09 9.72
N MET B 71 -0.79 -5.72 8.57
CA MET B 71 0.08 -5.49 7.42
C MET B 71 0.00 -4.05 6.96
N ALA B 72 -1.21 -3.50 6.96
CA ALA B 72 -1.42 -2.11 6.54
C ALA B 72 -1.17 -1.14 7.69
N LYS B 73 -1.37 -1.60 8.91
CA LYS B 73 -1.16 -0.76 10.09
C LYS B 73 0.27 -0.22 10.13
N ALA B 74 1.22 -1.06 9.75
CA ALA B 74 2.62 -0.66 9.74
C ALA B 74 2.97 0.12 8.48
N LEU B 75 2.45 -0.35 7.35
CA LEU B 75 2.71 0.30 6.07
C LEU B 75 2.13 1.72 6.05
N GLU B 76 0.93 1.86 6.58
CA GLU B 76 0.27 3.17 6.63
C GLU B 76 0.98 4.11 7.59
N ALA B 77 1.49 3.57 8.69
CA ALA B 77 2.20 4.36 9.68
C ALA B 77 3.47 4.97 9.10
N GLU B 78 4.08 4.26 8.15
CA GLU B 78 5.31 4.73 7.52
C GLU B 78 5.07 6.02 6.74
N LEU B 79 3.90 6.12 6.11
CA LEU B 79 3.55 7.29 5.31
C LEU B 79 2.59 8.21 6.08
N ASN B 80 2.06 7.73 7.20
CA ASN B 80 1.13 8.51 8.00
C ASN B 80 1.77 9.82 8.44
N ASP B 81 3.08 9.78 8.69
CA ASP B 81 3.81 10.97 9.13
C ASP B 81 4.65 11.54 7.98
N LEU B 82 4.95 10.70 6.99
CA LEU B 82 5.75 11.12 5.84
C LEU B 82 5.14 12.36 5.18
N MET B 83 3.82 12.44 5.19
CA MET B 83 3.10 13.57 4.60
C MET B 83 3.56 14.89 5.22
N ASP A 16 7.55 -15.42 -11.83
CA ASP A 16 7.30 -14.82 -10.50
C ASP A 16 6.90 -13.36 -10.61
N VAL A 17 6.57 -12.75 -9.48
CA VAL A 17 6.17 -11.34 -9.45
C VAL A 17 7.14 -10.51 -8.61
N GLN A 18 7.60 -9.41 -9.17
CA GLN A 18 8.53 -8.53 -8.48
C GLN A 18 7.88 -7.18 -8.19
N VAL A 19 7.72 -6.86 -6.91
CA VAL A 19 7.11 -5.60 -6.49
C VAL A 19 8.02 -4.42 -6.83
N THR A 20 7.49 -3.47 -7.58
CA THR A 20 8.25 -2.29 -7.97
C THR A 20 7.44 -1.01 -7.70
N GLU A 21 8.15 0.09 -7.47
CA GLU A 21 7.50 1.36 -7.20
C GLU A 21 6.74 1.86 -8.42
N ASP A 22 7.34 1.67 -9.60
CA ASP A 22 6.72 2.10 -10.85
C ASP A 22 5.37 1.41 -11.06
N ALA A 23 5.33 0.12 -10.76
CA ALA A 23 4.09 -0.66 -10.92
C ALA A 23 3.04 -0.22 -9.91
N VAL A 24 3.46 -0.02 -8.66
CA VAL A 24 2.56 0.40 -7.61
C VAL A 24 1.93 1.74 -7.93
N ARG A 25 2.75 2.71 -8.32
CA ARG A 25 2.27 4.05 -8.66
C ARG A 25 1.31 4.00 -9.84
N ARG A 26 1.53 3.05 -10.75
CA ARG A 26 0.68 2.89 -11.91
C ARG A 26 -0.77 2.65 -11.52
N TYR A 27 -0.97 1.86 -10.46
CA TYR A 27 -2.30 1.55 -9.98
C TYR A 27 -2.94 2.77 -9.32
N LEU A 28 -2.17 3.47 -8.50
CA LEU A 28 -2.67 4.65 -7.81
C LEU A 28 -2.91 5.80 -8.79
N THR A 29 -2.07 5.87 -9.82
CA THR A 29 -2.19 6.92 -10.83
C THR A 29 -3.54 6.84 -11.54
N ARG A 30 -4.11 5.63 -11.59
CA ARG A 30 -5.39 5.42 -12.24
C ARG A 30 -6.53 6.00 -11.40
N LYS A 31 -6.66 5.49 -10.19
CA LYS A 31 -7.70 5.94 -9.28
C LYS A 31 -7.22 5.92 -7.84
N PRO A 32 -7.86 6.69 -6.94
CA PRO A 32 -7.49 6.75 -5.54
C PRO A 32 -7.48 5.37 -4.89
N MET A 33 -6.46 5.10 -4.08
CA MET A 33 -6.33 3.82 -3.40
C MET A 33 -5.92 4.00 -1.95
N THR A 34 -6.34 3.09 -1.09
CA THR A 34 -6.01 3.14 0.33
C THR A 34 -4.82 2.24 0.65
N THR A 35 -4.21 2.47 1.80
CA THR A 35 -3.06 1.68 2.23
C THR A 35 -3.39 0.19 2.24
N LYS A 36 -4.56 -0.15 2.79
CA LYS A 36 -4.99 -1.54 2.86
C LYS A 36 -5.16 -2.12 1.45
N ASP A 37 -5.66 -1.31 0.54
CA ASP A 37 -5.88 -1.76 -0.84
C ASP A 37 -4.56 -2.16 -1.49
N LEU A 38 -3.51 -1.40 -1.21
CA LEU A 38 -2.19 -1.68 -1.77
C LEU A 38 -1.65 -3.01 -1.25
N LEU A 39 -1.87 -3.27 0.04
CA LEU A 39 -1.41 -4.51 0.66
C LEU A 39 -2.16 -5.71 0.09
N LYS A 40 -3.47 -5.56 -0.08
CA LYS A 40 -4.29 -6.63 -0.62
C LYS A 40 -3.87 -6.99 -2.04
N LYS A 41 -3.34 -6.00 -2.77
CA LYS A 41 -2.90 -6.22 -4.14
C LYS A 41 -1.86 -7.32 -4.20
N PHE A 42 -1.08 -7.46 -3.14
CA PHE A 42 -0.04 -8.48 -3.06
C PHE A 42 0.15 -8.97 -1.63
N GLN A 43 -0.96 -9.16 -0.93
CA GLN A 43 -0.92 -9.62 0.46
C GLN A 43 -0.55 -11.10 0.53
N THR A 44 -1.44 -11.96 0.08
CA THR A 44 -1.20 -13.40 0.11
C THR A 44 -1.12 -13.97 -1.31
N LYS A 45 -0.69 -13.14 -2.25
CA LYS A 45 -0.57 -13.57 -3.65
C LYS A 45 0.83 -14.12 -3.92
N LYS A 46 0.91 -15.09 -4.83
CA LYS A 46 2.18 -15.70 -5.18
C LYS A 46 3.07 -14.72 -5.93
N THR A 47 4.03 -14.13 -5.24
CA THR A 47 4.94 -13.18 -5.84
C THR A 47 6.40 -13.52 -5.53
N GLY A 48 6.63 -14.66 -4.88
CA GLY A 48 7.98 -15.07 -4.53
C GLY A 48 8.35 -14.66 -3.12
N LEU A 49 7.73 -13.59 -2.63
CA LEU A 49 8.02 -13.10 -1.28
C LEU A 49 6.85 -13.38 -0.34
N SER A 50 7.16 -13.67 0.91
CA SER A 50 6.14 -13.95 1.91
C SER A 50 5.25 -12.73 2.16
N SER A 51 4.07 -12.96 2.70
CA SER A 51 3.13 -11.89 2.99
C SER A 51 3.75 -10.85 3.91
N GLU A 52 4.52 -11.32 4.89
CA GLU A 52 5.18 -10.43 5.85
C GLU A 52 6.29 -9.64 5.18
N GLN A 53 7.04 -10.30 4.32
CA GLN A 53 8.15 -9.66 3.60
C GLN A 53 7.62 -8.54 2.71
N THR A 54 6.43 -8.72 2.15
CA THR A 54 5.83 -7.72 1.28
C THR A 54 5.66 -6.39 2.00
N VAL A 55 5.25 -6.46 3.25
CA VAL A 55 5.05 -5.25 4.06
C VAL A 55 6.36 -4.48 4.22
N ASN A 56 7.45 -5.20 4.43
CA ASN A 56 8.76 -4.58 4.60
C ASN A 56 9.15 -3.80 3.36
N VAL A 57 8.97 -4.41 2.19
CA VAL A 57 9.31 -3.77 0.93
C VAL A 57 8.37 -2.60 0.63
N LEU A 58 7.07 -2.88 0.73
CA LEU A 58 6.06 -1.86 0.47
C LEU A 58 6.17 -0.70 1.47
N ALA A 59 6.62 -1.02 2.68
CA ALA A 59 6.78 -0.02 3.73
C ALA A 59 7.87 0.98 3.37
N GLN A 60 8.96 0.48 2.81
CA GLN A 60 10.09 1.32 2.42
C GLN A 60 9.78 2.05 1.12
N ILE A 61 9.22 1.34 0.15
CA ILE A 61 8.89 1.92 -1.14
C ILE A 61 7.88 3.04 -0.99
N LEU A 62 6.86 2.81 -0.18
CA LEU A 62 5.81 3.80 0.07
C LEU A 62 6.40 5.06 0.68
N LYS A 63 7.33 4.91 1.61
CA LYS A 63 7.95 6.06 2.26
C LYS A 63 8.38 7.11 1.26
N ARG A 64 9.05 6.68 0.19
CA ARG A 64 9.50 7.59 -0.84
C ARG A 64 8.37 7.96 -1.80
N LEU A 65 7.29 7.19 -1.76
CA LEU A 65 6.15 7.42 -2.65
C LEU A 65 5.71 8.88 -2.64
N ASN A 66 5.80 9.53 -1.50
CA ASN A 66 5.40 10.93 -1.38
C ASN A 66 4.03 11.18 -2.00
N PRO A 67 3.03 10.33 -1.67
CA PRO A 67 1.67 10.48 -2.22
C PRO A 67 0.87 11.55 -1.50
N GLU A 68 -0.35 11.79 -1.98
CA GLU A 68 -1.22 12.79 -1.38
C GLU A 68 -2.36 12.13 -0.63
N ARG A 69 -2.74 12.72 0.51
CA ARG A 69 -3.82 12.18 1.32
C ARG A 69 -5.14 12.88 1.02
N LYS A 70 -6.16 12.10 0.70
CA LYS A 70 -7.47 12.66 0.40
C LYS A 70 -8.57 11.88 1.13
N MET A 71 -9.53 12.61 1.69
CA MET A 71 -10.63 12.00 2.42
C MET A 71 -11.85 11.83 1.52
N ILE A 72 -12.17 10.58 1.19
CA ILE A 72 -13.31 10.29 0.34
C ILE A 72 -14.33 9.42 1.07
N ASN A 73 -15.55 9.95 1.22
CA ASN A 73 -16.62 9.22 1.91
C ASN A 73 -16.19 8.84 3.33
N ASP A 74 -15.56 9.79 4.02
CA ASP A 74 -15.11 9.56 5.38
C ASP A 74 -14.09 8.44 5.44
N LYS A 75 -13.25 8.37 4.42
CA LYS A 75 -12.22 7.33 4.35
C LYS A 75 -10.90 7.91 3.85
N MET A 76 -9.79 7.30 4.25
CA MET A 76 -8.48 7.76 3.83
C MET A 76 -8.09 7.14 2.50
N HIS A 77 -7.74 8.00 1.53
CA HIS A 77 -7.35 7.55 0.21
C HIS A 77 -6.06 8.23 -0.24
N PHE A 78 -5.24 7.51 -1.01
CA PHE A 78 -3.98 8.04 -1.50
C PHE A 78 -4.04 8.23 -3.02
N SER A 79 -3.49 9.35 -3.49
CA SER A 79 -3.48 9.65 -4.91
C SER A 79 -2.05 9.82 -5.42
N LEU A 80 -1.86 9.62 -6.73
CA LEU A 80 -0.55 9.75 -7.33
C LEU A 80 -0.66 10.27 -8.77
N LYS A 81 0.27 11.13 -9.15
CA LYS A 81 0.28 11.69 -10.49
C LYS A 81 1.67 11.60 -11.11
N GLU A 82 1.76 10.89 -12.24
CA GLU A 82 3.03 10.73 -12.94
C GLU A 82 3.17 11.75 -14.06
N GLY B 63 -16.32 -10.34 6.58
CA GLY B 63 -15.44 -9.19 6.95
C GLY B 63 -14.67 -9.45 8.23
N SER B 64 -14.33 -8.39 8.95
CA SER B 64 -13.59 -8.50 10.20
C SER B 64 -12.25 -9.18 9.97
N SER B 65 -11.18 -8.40 10.03
CA SER B 65 -9.83 -8.92 9.83
C SER B 65 -8.96 -8.68 11.06
N SER B 66 -7.98 -9.55 11.26
CA SER B 66 -7.07 -9.43 12.40
C SER B 66 -5.63 -9.28 11.93
N GLU B 67 -5.04 -10.37 11.47
CA GLU B 67 -3.66 -10.37 11.00
C GLU B 67 -3.51 -9.45 9.78
N ALA B 68 -4.53 -9.44 8.93
CA ALA B 68 -4.52 -8.61 7.73
C ALA B 68 -4.45 -7.13 8.09
N ASP B 69 -5.25 -6.74 9.07
CA ASP B 69 -5.28 -5.34 9.51
C ASP B 69 -3.92 -4.89 10.01
N GLU B 70 -3.23 -5.77 10.73
CA GLU B 70 -1.92 -5.46 11.26
C GLU B 70 -0.91 -5.22 10.14
N MET B 71 -1.02 -6.01 9.07
CA MET B 71 -0.12 -5.88 7.93
C MET B 71 -0.25 -4.50 7.30
N ALA B 72 -1.49 -4.00 7.23
CA ALA B 72 -1.75 -2.69 6.64
C ALA B 72 -1.52 -1.58 7.66
N LYS B 73 -1.79 -1.87 8.92
CA LYS B 73 -1.61 -0.90 9.99
C LYS B 73 -0.17 -0.41 10.04
N ALA B 74 0.76 -1.34 9.91
CA ALA B 74 2.19 -1.01 9.94
C ALA B 74 2.59 -0.16 8.74
N LEU B 75 2.04 -0.51 7.58
CA LEU B 75 2.33 0.21 6.35
C LEU B 75 1.85 1.66 6.43
N GLU B 76 0.69 1.86 7.06
CA GLU B 76 0.12 3.18 7.20
C GLU B 76 1.03 4.09 8.02
N ALA B 77 1.55 3.57 9.12
CA ALA B 77 2.44 4.33 9.99
C ALA B 77 3.73 4.72 9.27
N GLU B 78 4.16 3.87 8.35
CA GLU B 78 5.38 4.12 7.59
C GLU B 78 5.26 5.37 6.74
N LEU B 79 4.08 5.56 6.14
CA LEU B 79 3.83 6.73 5.30
C LEU B 79 3.03 7.80 6.04
N ASN B 80 2.53 7.47 7.22
CA ASN B 80 1.74 8.41 8.01
C ASN B 80 2.52 9.71 8.23
N ASP B 81 3.82 9.57 8.51
CA ASP B 81 4.67 10.73 8.74
C ASP B 81 4.86 11.53 7.45
N LEU B 82 4.89 10.81 6.32
CA LEU B 82 5.05 11.44 5.02
C LEU B 82 3.93 12.44 4.75
N MET B 83 2.74 12.13 5.25
CA MET B 83 1.58 12.99 5.05
C MET B 83 1.22 13.10 3.57
N ASP A 16 9.32 -15.95 -10.94
CA ASP A 16 8.69 -15.38 -9.72
C ASP A 16 8.12 -13.98 -9.99
N VAL A 17 7.37 -13.46 -9.02
CA VAL A 17 6.76 -12.15 -9.16
C VAL A 17 7.39 -11.15 -8.18
N GLN A 18 7.71 -9.97 -8.69
CA GLN A 18 8.32 -8.93 -7.86
C GLN A 18 7.46 -7.67 -7.86
N VAL A 19 7.62 -6.86 -6.81
CA VAL A 19 6.85 -5.62 -6.68
C VAL A 19 7.75 -4.40 -6.85
N THR A 20 7.31 -3.44 -7.65
CA THR A 20 8.06 -2.22 -7.89
C THR A 20 7.23 -0.99 -7.60
N GLU A 21 7.89 0.12 -7.29
CA GLU A 21 7.21 1.36 -6.98
C GLU A 21 6.49 1.91 -8.21
N ASP A 22 7.09 1.70 -9.38
CA ASP A 22 6.51 2.16 -10.63
C ASP A 22 5.11 1.58 -10.83
N ALA A 23 4.93 0.33 -10.40
CA ALA A 23 3.64 -0.34 -10.55
C ALA A 23 2.56 0.35 -9.71
N VAL A 24 2.82 0.46 -8.41
CA VAL A 24 1.87 1.10 -7.50
C VAL A 24 1.64 2.55 -7.89
N ARG A 25 2.71 3.24 -8.25
CA ARG A 25 2.63 4.65 -8.65
C ARG A 25 1.69 4.82 -9.83
N ARG A 26 1.77 3.89 -10.78
CA ARG A 26 0.93 3.95 -11.97
C ARG A 26 -0.55 3.87 -11.61
N TYR A 27 -0.87 3.09 -10.59
CA TYR A 27 -2.25 2.93 -10.15
C TYR A 27 -2.79 4.23 -9.57
N LEU A 28 -2.00 4.90 -8.74
CA LEU A 28 -2.41 6.15 -8.13
C LEU A 28 -2.56 7.25 -9.17
N THR A 29 -1.68 7.24 -10.17
CA THR A 29 -1.72 8.25 -11.23
C THR A 29 -3.05 8.18 -11.98
N ARG A 30 -3.62 6.99 -12.06
CA ARG A 30 -4.90 6.80 -12.75
C ARG A 30 -6.07 7.17 -11.85
N LYS A 31 -6.14 6.51 -10.70
CA LYS A 31 -7.21 6.77 -9.73
C LYS A 31 -6.70 6.63 -8.31
N PRO A 32 -7.25 7.43 -7.37
CA PRO A 32 -6.85 7.38 -5.96
C PRO A 32 -7.00 5.99 -5.36
N MET A 33 -6.07 5.62 -4.48
CA MET A 33 -6.09 4.31 -3.85
C MET A 33 -5.76 4.43 -2.36
N THR A 34 -6.03 3.36 -1.62
CA THR A 34 -5.76 3.34 -0.18
C THR A 34 -4.68 2.31 0.15
N THR A 35 -4.15 2.38 1.37
CA THR A 35 -3.11 1.46 1.82
C THR A 35 -3.60 0.02 1.76
N LYS A 36 -4.81 -0.21 2.26
CA LYS A 36 -5.39 -1.55 2.26
C LYS A 36 -5.55 -2.08 0.84
N ASP A 37 -5.90 -1.18 -0.08
CA ASP A 37 -6.09 -1.55 -1.48
C ASP A 37 -4.79 -2.09 -2.08
N LEU A 38 -3.66 -1.51 -1.65
CA LEU A 38 -2.36 -1.93 -2.15
C LEU A 38 -2.11 -3.41 -1.88
N LEU A 39 -2.43 -3.85 -0.67
CA LEU A 39 -2.25 -5.24 -0.29
C LEU A 39 -3.20 -6.15 -1.06
N LYS A 40 -4.41 -5.64 -1.33
CA LYS A 40 -5.41 -6.40 -2.06
C LYS A 40 -4.91 -6.78 -3.45
N LYS A 41 -4.18 -5.85 -4.08
CA LYS A 41 -3.64 -6.09 -5.41
C LYS A 41 -2.72 -7.31 -5.43
N PHE A 42 -1.97 -7.49 -4.34
CA PHE A 42 -1.04 -8.62 -4.24
C PHE A 42 -0.89 -9.05 -2.78
N GLN A 43 -1.97 -9.57 -2.21
CA GLN A 43 -1.94 -10.03 -0.82
C GLN A 43 -1.03 -11.24 -0.66
N THR A 44 -1.23 -12.24 -1.51
CA THR A 44 -0.42 -13.45 -1.46
C THR A 44 -0.71 -14.34 -2.68
N LYS A 45 -0.41 -13.82 -3.86
CA LYS A 45 -0.63 -14.56 -5.09
C LYS A 45 0.50 -15.56 -5.34
N LYS A 46 1.65 -15.06 -5.75
CA LYS A 46 2.81 -15.91 -6.02
C LYS A 46 4.11 -15.14 -5.85
N THR A 47 4.09 -14.13 -4.99
CA THR A 47 5.27 -13.31 -4.74
C THR A 47 6.37 -14.12 -4.08
N GLY A 48 5.97 -15.14 -3.31
CA GLY A 48 6.94 -15.98 -2.63
C GLY A 48 7.14 -15.59 -1.18
N LEU A 49 6.91 -14.31 -0.88
CA LEU A 49 7.06 -13.82 0.48
C LEU A 49 5.72 -13.75 1.19
N SER A 50 5.72 -14.07 2.48
CA SER A 50 4.49 -14.05 3.27
C SER A 50 3.92 -12.65 3.34
N SER A 51 2.66 -12.55 3.80
CA SER A 51 1.99 -11.26 3.91
C SER A 51 2.80 -10.31 4.80
N GLU A 52 3.36 -10.84 5.87
CA GLU A 52 4.15 -10.04 6.80
C GLU A 52 5.41 -9.51 6.11
N GLN A 53 6.06 -10.36 5.33
CA GLN A 53 7.27 -9.98 4.62
C GLN A 53 6.96 -8.94 3.54
N THR A 54 5.82 -9.09 2.89
CA THR A 54 5.40 -8.17 1.83
C THR A 54 5.28 -6.75 2.38
N VAL A 55 4.81 -6.64 3.61
CA VAL A 55 4.63 -5.33 4.25
C VAL A 55 5.97 -4.60 4.37
N ASN A 56 7.03 -5.36 4.63
CA ASN A 56 8.37 -4.79 4.78
C ASN A 56 8.77 -4.05 3.51
N VAL A 57 8.56 -4.69 2.36
CA VAL A 57 8.91 -4.09 1.08
C VAL A 57 7.93 -2.98 0.71
N LEU A 58 6.64 -3.27 0.86
CA LEU A 58 5.60 -2.29 0.54
C LEU A 58 5.68 -1.09 1.46
N ALA A 59 6.15 -1.31 2.69
CA ALA A 59 6.28 -0.23 3.66
C ALA A 59 7.43 0.71 3.29
N GLN A 60 8.50 0.13 2.78
CA GLN A 60 9.67 0.90 2.38
C GLN A 60 9.44 1.60 1.04
N ILE A 61 8.83 0.88 0.10
CA ILE A 61 8.55 1.43 -1.21
C ILE A 61 7.65 2.65 -1.11
N LEU A 62 6.61 2.54 -0.29
CA LEU A 62 5.66 3.62 -0.08
C LEU A 62 6.35 4.84 0.52
N LYS A 63 7.27 4.59 1.46
CA LYS A 63 7.99 5.67 2.12
C LYS A 63 8.52 6.68 1.11
N ARG A 64 9.11 6.20 0.03
CA ARG A 64 9.63 7.09 -0.99
C ARG A 64 8.53 7.60 -1.91
N LEU A 65 7.37 6.94 -1.87
CA LEU A 65 6.26 7.31 -2.72
C LEU A 65 5.85 8.77 -2.53
N ASN A 66 5.58 9.14 -1.29
CA ASN A 66 5.18 10.50 -0.97
C ASN A 66 3.88 10.87 -1.68
N PRO A 67 2.82 10.05 -1.52
CA PRO A 67 1.52 10.31 -2.16
C PRO A 67 0.83 11.54 -1.58
N GLU A 68 -0.32 11.89 -2.16
CA GLU A 68 -1.08 13.04 -1.70
C GLU A 68 -2.40 12.59 -1.07
N ARG A 69 -2.68 13.10 0.13
CA ARG A 69 -3.89 12.74 0.84
C ARG A 69 -5.13 13.29 0.14
N LYS A 70 -6.18 12.48 0.07
CA LYS A 70 -7.43 12.87 -0.58
C LYS A 70 -8.61 12.17 0.06
N MET A 71 -9.56 12.95 0.57
CA MET A 71 -10.75 12.39 1.21
C MET A 71 -11.83 12.08 0.16
N ILE A 72 -12.03 10.79 -0.10
CA ILE A 72 -13.04 10.37 -1.07
C ILE A 72 -14.00 9.36 -0.45
N ASN A 73 -15.30 9.65 -0.56
CA ASN A 73 -16.33 8.78 -0.01
C ASN A 73 -16.14 8.59 1.49
N ASP A 74 -15.81 9.68 2.18
CA ASP A 74 -15.59 9.62 3.62
C ASP A 74 -14.49 8.63 3.99
N LYS A 75 -13.45 8.59 3.16
CA LYS A 75 -12.34 7.68 3.39
C LYS A 75 -11.02 8.31 2.95
N MET A 76 -9.92 7.85 3.54
CA MET A 76 -8.60 8.37 3.20
C MET A 76 -8.04 7.70 1.95
N HIS A 77 -7.61 8.51 0.99
CA HIS A 77 -7.05 8.00 -0.26
C HIS A 77 -5.77 8.74 -0.62
N PHE A 78 -4.94 8.10 -1.43
CA PHE A 78 -3.68 8.70 -1.86
C PHE A 78 -3.71 9.04 -3.34
N SER A 79 -3.18 10.20 -3.70
CA SER A 79 -3.14 10.63 -5.09
C SER A 79 -1.76 11.13 -5.47
N LEU A 80 -1.38 10.93 -6.73
CA LEU A 80 -0.07 11.36 -7.21
C LEU A 80 -0.22 12.32 -8.39
N LYS A 81 0.70 13.29 -8.48
CA LYS A 81 0.68 14.27 -9.55
C LYS A 81 2.02 14.29 -10.28
N GLU A 82 2.09 13.54 -11.38
CA GLU A 82 3.31 13.46 -12.18
C GLU A 82 4.55 13.32 -11.30
N GLY B 63 -7.73 -14.00 17.27
CA GLY B 63 -8.79 -13.08 16.77
C GLY B 63 -9.05 -13.24 15.29
N SER B 64 -10.01 -12.47 14.77
CA SER B 64 -10.35 -12.53 13.36
C SER B 64 -10.15 -11.17 12.70
N SER B 65 -9.84 -11.18 11.41
CA SER B 65 -9.62 -9.95 10.66
C SER B 65 -8.53 -9.11 11.30
N SER B 66 -7.63 -9.75 12.03
CA SER B 66 -6.54 -9.05 12.70
C SER B 66 -5.30 -9.02 11.82
N GLU B 67 -5.02 -10.14 11.14
CA GLU B 67 -3.86 -10.24 10.27
C GLU B 67 -3.95 -9.23 9.13
N ALA B 68 -5.15 -9.01 8.62
CA ALA B 68 -5.37 -8.06 7.54
C ALA B 68 -5.12 -6.63 7.99
N ASP B 69 -5.73 -6.26 9.13
CA ASP B 69 -5.56 -4.92 9.68
C ASP B 69 -4.11 -4.64 10.00
N GLU B 70 -3.43 -5.61 10.60
CA GLU B 70 -2.04 -5.47 10.98
C GLU B 70 -1.16 -5.31 9.73
N MET B 71 -1.49 -6.04 8.69
CA MET B 71 -0.74 -5.98 7.44
C MET B 71 -0.76 -4.57 6.86
N ALA B 72 -1.92 -3.92 6.91
CA ALA B 72 -2.07 -2.57 6.39
C ALA B 72 -1.69 -1.53 7.43
N LYS B 73 -1.88 -1.89 8.71
CA LYS B 73 -1.55 -0.98 9.81
C LYS B 73 -0.09 -0.57 9.76
N ALA B 74 0.79 -1.55 9.61
CA ALA B 74 2.23 -1.29 9.54
C ALA B 74 2.60 -0.53 8.28
N LEU B 75 1.97 -0.90 7.17
CA LEU B 75 2.23 -0.26 5.89
C LEU B 75 1.88 1.22 5.94
N GLU B 76 0.63 1.51 6.31
CA GLU B 76 0.15 2.89 6.40
C GLU B 76 0.92 3.66 7.46
N ALA B 77 1.29 2.98 8.54
CA ALA B 77 2.01 3.60 9.63
C ALA B 77 3.35 4.17 9.16
N GLU B 78 4.00 3.47 8.25
CA GLU B 78 5.29 3.89 7.71
C GLU B 78 5.14 5.19 6.91
N LEU B 79 4.16 5.22 6.03
CA LEU B 79 3.92 6.39 5.19
C LEU B 79 3.05 7.42 5.91
N ASN B 80 2.50 7.04 7.06
CA ASN B 80 1.66 7.94 7.85
C ASN B 80 2.37 9.27 8.13
N ASP B 81 3.62 9.17 8.59
CA ASP B 81 4.41 10.36 8.90
C ASP B 81 4.75 11.12 7.62
N LEU B 82 4.91 10.37 6.53
CA LEU B 82 5.24 10.96 5.24
C LEU B 82 4.10 11.87 4.76
N MET B 83 2.87 11.47 5.07
CA MET B 83 1.70 12.24 4.67
C MET B 83 1.41 13.36 5.67
N ASP A 16 6.83 -17.10 -8.76
CA ASP A 16 7.94 -16.12 -8.81
C ASP A 16 7.44 -14.74 -9.22
N VAL A 17 6.88 -14.02 -8.25
CA VAL A 17 6.36 -12.67 -8.50
C VAL A 17 7.13 -11.62 -7.71
N GLN A 18 7.47 -10.52 -8.36
CA GLN A 18 8.21 -9.44 -7.71
C GLN A 18 7.38 -8.17 -7.67
N VAL A 19 7.72 -7.26 -6.76
CA VAL A 19 7.01 -6.00 -6.62
C VAL A 19 7.87 -4.84 -7.12
N THR A 20 7.26 -3.97 -7.93
CA THR A 20 7.96 -2.81 -8.47
C THR A 20 7.24 -1.52 -8.12
N GLU A 21 7.99 -0.51 -7.71
CA GLU A 21 7.42 0.78 -7.34
C GLU A 21 6.72 1.42 -8.53
N ASP A 22 7.32 1.27 -9.71
CA ASP A 22 6.75 1.84 -10.93
C ASP A 22 5.36 1.29 -11.20
N ALA A 23 5.19 -0.01 -10.98
CA ALA A 23 3.91 -0.67 -11.21
C ALA A 23 2.86 -0.14 -10.24
N VAL A 24 3.26 0.06 -8.99
CA VAL A 24 2.34 0.56 -7.95
C VAL A 24 1.86 1.97 -8.28
N ARG A 25 2.78 2.81 -8.77
CA ARG A 25 2.45 4.19 -9.11
C ARG A 25 1.35 4.22 -10.19
N ARG A 26 1.43 3.29 -11.14
CA ARG A 26 0.46 3.23 -12.23
C ARG A 26 -0.96 3.07 -11.68
N TYR A 27 -1.11 2.21 -10.68
CA TYR A 27 -2.41 1.96 -10.08
C TYR A 27 -2.90 3.20 -9.32
N LEU A 28 -2.00 3.80 -8.54
CA LEU A 28 -2.34 4.99 -7.77
C LEU A 28 -2.59 6.18 -8.69
N THR A 29 -1.81 6.28 -9.76
CA THR A 29 -1.95 7.37 -10.72
C THR A 29 -3.26 7.27 -11.47
N ARG A 30 -3.73 6.05 -11.68
CA ARG A 30 -4.98 5.82 -12.39
C ARG A 30 -6.17 6.05 -11.47
N LYS A 31 -6.16 5.38 -10.33
CA LYS A 31 -7.24 5.51 -9.35
C LYS A 31 -6.69 5.39 -7.93
N PRO A 32 -7.18 6.24 -7.00
CA PRO A 32 -6.74 6.23 -5.61
C PRO A 32 -7.25 5.00 -4.86
N MET A 33 -6.35 4.33 -4.14
CA MET A 33 -6.72 3.14 -3.38
C MET A 33 -6.15 3.21 -1.96
N THR A 34 -6.77 2.48 -1.04
CA THR A 34 -6.33 2.46 0.35
C THR A 34 -5.06 1.62 0.49
N THR A 35 -4.39 1.77 1.64
CA THR A 35 -3.16 1.03 1.90
C THR A 35 -3.41 -0.47 1.83
N LYS A 36 -4.50 -0.92 2.42
CA LYS A 36 -4.85 -2.34 2.42
C LYS A 36 -4.96 -2.87 1.00
N ASP A 37 -5.54 -2.07 0.11
CA ASP A 37 -5.71 -2.47 -1.28
C ASP A 37 -4.36 -2.65 -1.95
N LEU A 38 -3.39 -1.83 -1.55
CA LEU A 38 -2.04 -1.91 -2.12
C LEU A 38 -1.43 -3.28 -1.88
N LEU A 39 -1.59 -3.79 -0.66
CA LEU A 39 -1.05 -5.10 -0.30
C LEU A 39 -1.79 -6.22 -1.03
N LYS A 40 -3.12 -6.16 -1.00
CA LYS A 40 -3.95 -7.16 -1.65
C LYS A 40 -3.59 -7.28 -3.13
N LYS A 41 -3.24 -6.16 -3.74
CA LYS A 41 -2.88 -6.14 -5.16
C LYS A 41 -1.60 -6.93 -5.40
N PHE A 42 -0.70 -6.91 -4.42
CA PHE A 42 0.56 -7.63 -4.53
C PHE A 42 1.01 -8.17 -3.17
N GLN A 43 0.31 -9.19 -2.68
CA GLN A 43 0.63 -9.80 -1.40
C GLN A 43 -0.28 -10.98 -1.11
N THR A 44 -1.59 -10.72 -1.05
CA THR A 44 -2.56 -11.75 -0.79
C THR A 44 -2.51 -12.85 -1.85
N LYS A 45 -2.13 -12.46 -3.06
CA LYS A 45 -2.04 -13.40 -4.17
C LYS A 45 -0.77 -14.23 -4.06
N LYS A 46 -0.73 -15.35 -4.79
CA LYS A 46 0.43 -16.23 -4.77
C LYS A 46 1.67 -15.52 -5.32
N THR A 47 2.33 -14.73 -4.47
CA THR A 47 3.52 -14.00 -4.87
C THR A 47 4.79 -14.77 -4.52
N GLY A 48 4.70 -15.60 -3.48
CA GLY A 48 5.85 -16.38 -3.06
C GLY A 48 6.53 -15.81 -1.83
N LEU A 49 6.41 -14.50 -1.64
CA LEU A 49 7.02 -13.83 -0.51
C LEU A 49 6.03 -13.71 0.65
N SER A 50 6.54 -13.84 1.87
CA SER A 50 5.71 -13.75 3.06
C SER A 50 5.03 -12.38 3.15
N SER A 51 3.86 -12.34 3.78
CA SER A 51 3.12 -11.10 3.94
C SER A 51 3.92 -10.08 4.75
N GLU A 52 4.68 -10.58 5.72
CA GLU A 52 5.49 -9.71 6.57
C GLU A 52 6.59 -9.03 5.76
N GLN A 53 7.25 -9.80 4.89
CA GLN A 53 8.31 -9.27 4.06
C GLN A 53 7.77 -8.25 3.07
N THR A 54 6.57 -8.50 2.56
CA THR A 54 5.94 -7.59 1.60
C THR A 54 5.75 -6.21 2.20
N VAL A 55 5.31 -6.16 3.45
CA VAL A 55 5.09 -4.90 4.15
C VAL A 55 6.40 -4.12 4.30
N ASN A 56 7.45 -4.82 4.67
CA ASN A 56 8.77 -4.20 4.85
C ASN A 56 9.25 -3.57 3.55
N VAL A 57 9.11 -4.31 2.45
CA VAL A 57 9.53 -3.83 1.15
C VAL A 57 8.61 -2.73 0.65
N LEU A 58 7.30 -2.96 0.75
CA LEU A 58 6.31 -1.99 0.31
C LEU A 58 6.37 -0.72 1.16
N ALA A 59 6.65 -0.89 2.45
CA ALA A 59 6.73 0.23 3.37
C ALA A 59 7.83 1.20 2.96
N GLN A 60 8.98 0.65 2.55
CA GLN A 60 10.11 1.46 2.14
C GLN A 60 9.80 2.22 0.86
N ILE A 61 9.06 1.57 -0.05
CA ILE A 61 8.70 2.19 -1.32
C ILE A 61 7.54 3.16 -1.14
N LEU A 62 6.47 2.69 -0.50
CA LEU A 62 5.30 3.51 -0.26
C LEU A 62 5.65 4.76 0.55
N LYS A 63 6.23 4.56 1.72
CA LYS A 63 6.60 5.68 2.58
C LYS A 63 7.37 6.74 1.80
N ARG A 64 8.12 6.30 0.80
CA ARG A 64 8.90 7.20 -0.04
C ARG A 64 8.03 7.88 -1.10
N LEU A 65 6.94 7.21 -1.48
CA LEU A 65 6.03 7.74 -2.50
C LEU A 65 5.52 9.12 -2.16
N ASN A 66 5.14 9.32 -0.90
CA ASN A 66 4.62 10.61 -0.47
C ASN A 66 3.40 11.02 -1.29
N PRO A 67 2.41 10.12 -1.39
CA PRO A 67 1.18 10.39 -2.15
C PRO A 67 0.26 11.39 -1.45
N GLU A 68 -0.54 12.10 -2.24
CA GLU A 68 -1.46 13.09 -1.70
C GLU A 68 -2.46 12.44 -0.74
N ARG A 69 -2.80 13.15 0.32
CA ARG A 69 -3.74 12.64 1.30
C ARG A 69 -5.15 13.17 1.05
N LYS A 70 -6.08 12.26 0.76
CA LYS A 70 -7.46 12.64 0.48
C LYS A 70 -8.43 11.73 1.24
N MET A 71 -9.50 12.32 1.77
CA MET A 71 -10.50 11.56 2.52
C MET A 71 -11.72 11.26 1.64
N ILE A 72 -11.94 9.97 1.38
CA ILE A 72 -13.07 9.55 0.56
C ILE A 72 -13.99 8.60 1.34
N ASN A 73 -15.27 8.96 1.40
CA ASN A 73 -16.24 8.14 2.11
C ASN A 73 -15.84 7.96 3.57
N ASP A 74 -15.37 9.03 4.20
CA ASP A 74 -14.94 8.99 5.59
C ASP A 74 -13.83 7.96 5.78
N LYS A 75 -12.92 7.90 4.83
CA LYS A 75 -11.80 6.97 4.91
C LYS A 75 -10.53 7.59 4.35
N MET A 76 -9.39 7.19 4.89
CA MET A 76 -8.10 7.72 4.44
C MET A 76 -7.68 7.08 3.13
N HIS A 77 -7.51 7.91 2.10
CA HIS A 77 -7.11 7.42 0.79
C HIS A 77 -5.94 8.22 0.25
N PHE A 78 -5.04 7.54 -0.46
CA PHE A 78 -3.87 8.20 -1.04
C PHE A 78 -4.00 8.32 -2.55
N SER A 79 -3.73 9.52 -3.08
CA SER A 79 -3.82 9.75 -4.51
C SER A 79 -2.49 10.27 -5.06
N LEU A 80 -2.19 9.91 -6.30
CA LEU A 80 -0.95 10.33 -6.95
C LEU A 80 -1.23 10.88 -8.35
N LYS A 81 -0.52 11.95 -8.72
CA LYS A 81 -0.69 12.56 -10.02
C LYS A 81 0.65 12.64 -10.76
N GLU A 82 0.90 11.65 -11.61
CA GLU A 82 2.14 11.60 -12.37
C GLU A 82 3.36 11.56 -11.45
N GLY B 63 -10.55 -9.81 3.67
CA GLY B 63 -11.86 -9.35 4.20
C GLY B 63 -12.06 -9.71 5.66
N SER B 64 -12.07 -8.71 6.53
CA SER B 64 -12.24 -8.93 7.95
C SER B 64 -11.12 -9.80 8.51
N SER B 65 -9.89 -9.38 8.28
CA SER B 65 -8.72 -10.12 8.76
C SER B 65 -7.98 -9.34 9.84
N SER B 66 -7.83 -9.96 11.01
CA SER B 66 -7.14 -9.31 12.12
C SER B 66 -5.66 -9.16 11.83
N GLU B 67 -5.09 -10.16 11.15
CA GLU B 67 -3.67 -10.14 10.81
C GLU B 67 -3.40 -9.17 9.65
N ALA B 68 -4.31 -9.14 8.69
CA ALA B 68 -4.18 -8.26 7.54
C ALA B 68 -4.27 -6.80 7.95
N ASP B 69 -5.14 -6.51 8.91
CA ASP B 69 -5.31 -5.15 9.39
C ASP B 69 -4.02 -4.61 9.98
N GLU B 70 -3.26 -5.48 10.63
CA GLU B 70 -2.00 -5.09 11.25
C GLU B 70 -1.03 -4.54 10.20
N MET B 71 -1.02 -5.16 9.03
CA MET B 71 -0.14 -4.73 7.95
C MET B 71 -0.50 -3.32 7.48
N ALA B 72 -1.79 -3.02 7.47
CA ALA B 72 -2.26 -1.71 7.04
C ALA B 72 -1.85 -0.62 8.03
N LYS B 73 -1.98 -0.92 9.32
CA LYS B 73 -1.63 0.03 10.36
C LYS B 73 -0.14 0.41 10.26
N ALA B 74 0.70 -0.57 9.98
CA ALA B 74 2.13 -0.33 9.87
C ALA B 74 2.45 0.44 8.59
N LEU B 75 1.84 0.02 7.48
CA LEU B 75 2.06 0.67 6.19
C LEU B 75 1.52 2.10 6.20
N GLU B 76 0.35 2.27 6.81
CA GLU B 76 -0.28 3.59 6.89
C GLU B 76 0.55 4.54 7.74
N ALA B 77 1.10 4.03 8.83
CA ALA B 77 1.92 4.83 9.73
C ALA B 77 3.24 5.22 9.08
N GLU B 78 3.76 4.33 8.24
CA GLU B 78 5.02 4.58 7.55
C GLU B 78 4.90 5.77 6.60
N LEU B 79 3.86 5.76 5.77
CA LEU B 79 3.64 6.85 4.82
C LEU B 79 3.23 8.13 5.54
N ASN B 80 2.59 7.97 6.69
CA ASN B 80 2.14 9.12 7.48
C ASN B 80 3.33 9.97 7.95
N ASP B 81 4.53 9.41 7.89
CA ASP B 81 5.73 10.12 8.32
C ASP B 81 6.05 11.28 7.38
N LEU B 82 5.72 11.11 6.10
CA LEU B 82 5.98 12.15 5.11
C LEU B 82 5.25 13.44 5.48
N MET B 83 4.07 13.29 6.07
CA MET B 83 3.27 14.45 6.47
C MET B 83 4.04 15.32 7.46
N ASP A 16 6.47 -15.51 -12.38
CA ASP A 16 7.36 -14.64 -11.59
C ASP A 16 6.85 -13.20 -11.57
N VAL A 17 6.47 -12.73 -10.38
CA VAL A 17 5.96 -11.37 -10.23
C VAL A 17 6.88 -10.53 -9.35
N GLN A 18 7.20 -9.32 -9.81
CA GLN A 18 8.07 -8.42 -9.06
C GLN A 18 7.36 -7.12 -8.75
N VAL A 19 7.74 -6.50 -7.63
CA VAL A 19 7.13 -5.23 -7.23
C VAL A 19 8.08 -4.06 -7.46
N THR A 20 7.59 -3.04 -8.15
CA THR A 20 8.39 -1.86 -8.46
C THR A 20 7.66 -0.58 -8.07
N GLU A 21 8.39 0.38 -7.52
CA GLU A 21 7.81 1.65 -7.10
C GLU A 21 7.17 2.37 -8.28
N ASP A 22 7.82 2.29 -9.44
CA ASP A 22 7.31 2.93 -10.65
C ASP A 22 5.93 2.39 -11.02
N ALA A 23 5.75 1.08 -10.88
CA ALA A 23 4.49 0.44 -11.20
C ALA A 23 3.39 0.88 -10.23
N VAL A 24 3.77 1.10 -8.98
CA VAL A 24 2.82 1.53 -7.96
C VAL A 24 2.20 2.88 -8.32
N ARG A 25 3.03 3.80 -8.79
CA ARG A 25 2.57 5.13 -9.16
C ARG A 25 1.50 5.05 -10.24
N ARG A 26 1.65 4.09 -11.15
CA ARG A 26 0.70 3.90 -12.24
C ARG A 26 -0.70 3.65 -11.70
N TYR A 27 -0.79 2.86 -10.64
CA TYR A 27 -2.07 2.53 -10.03
C TYR A 27 -2.68 3.76 -9.35
N LEU A 28 -1.86 4.50 -8.63
CA LEU A 28 -2.33 5.70 -7.93
C LEU A 28 -2.75 6.78 -8.93
N THR A 29 -2.03 6.84 -10.06
CA THR A 29 -2.34 7.82 -11.09
C THR A 29 -3.68 7.52 -11.76
N ARG A 30 -4.03 6.25 -11.81
CA ARG A 30 -5.28 5.82 -12.42
C ARG A 30 -6.46 6.04 -11.47
N LYS A 31 -6.40 5.38 -10.33
CA LYS A 31 -7.45 5.51 -9.32
C LYS A 31 -6.87 5.42 -7.91
N PRO A 32 -7.40 6.22 -6.96
CA PRO A 32 -6.93 6.23 -5.58
C PRO A 32 -7.20 4.90 -4.88
N MET A 33 -6.24 4.44 -4.10
CA MET A 33 -6.37 3.18 -3.36
C MET A 33 -5.83 3.31 -1.95
N THR A 34 -6.37 2.50 -1.04
CA THR A 34 -5.93 2.52 0.35
C THR A 34 -4.65 1.71 0.52
N THR A 35 -3.96 1.94 1.64
CA THR A 35 -2.72 1.23 1.93
C THR A 35 -2.93 -0.28 1.92
N LYS A 36 -4.01 -0.73 2.54
CA LYS A 36 -4.33 -2.16 2.60
C LYS A 36 -4.46 -2.75 1.21
N ASP A 37 -5.19 -2.05 0.34
CA ASP A 37 -5.39 -2.51 -1.04
C ASP A 37 -4.07 -2.62 -1.78
N LEU A 38 -3.16 -1.68 -1.50
CA LEU A 38 -1.85 -1.66 -2.16
C LEU A 38 -1.04 -2.90 -1.76
N LEU A 39 -1.05 -3.23 -0.48
CA LEU A 39 -0.31 -4.37 0.02
C LEU A 39 -0.87 -5.68 -0.54
N LYS A 40 -2.18 -5.85 -0.43
CA LYS A 40 -2.85 -7.06 -0.93
C LYS A 40 -2.59 -7.23 -2.42
N LYS A 41 -2.47 -6.11 -3.14
CA LYS A 41 -2.23 -6.15 -4.57
C LYS A 41 -0.91 -6.86 -4.88
N PHE A 42 0.08 -6.65 -4.04
CA PHE A 42 1.39 -7.27 -4.22
C PHE A 42 1.74 -8.18 -3.06
N GLN A 43 0.72 -8.69 -2.37
CA GLN A 43 0.93 -9.58 -1.24
C GLN A 43 0.00 -10.78 -1.30
N THR A 44 -1.28 -10.52 -1.58
CA THR A 44 -2.27 -11.58 -1.67
C THR A 44 -2.45 -12.05 -3.11
N LYS A 45 -1.46 -11.78 -3.96
CA LYS A 45 -1.51 -12.18 -5.35
C LYS A 45 -0.78 -13.51 -5.57
N LYS A 46 0.54 -13.48 -5.44
CA LYS A 46 1.35 -14.68 -5.62
C LYS A 46 2.82 -14.39 -5.35
N THR A 47 3.08 -13.56 -4.36
CA THR A 47 4.45 -13.20 -4.00
C THR A 47 5.12 -14.31 -3.20
N GLY A 48 6.31 -14.71 -3.63
CA GLY A 48 7.03 -15.77 -2.94
C GLY A 48 7.34 -15.40 -1.50
N LEU A 49 7.37 -14.11 -1.20
CA LEU A 49 7.66 -13.64 0.15
C LEU A 49 6.44 -13.74 1.04
N SER A 50 6.66 -13.97 2.33
CA SER A 50 5.57 -14.09 3.29
C SER A 50 4.78 -12.79 3.38
N SER A 51 3.59 -12.87 3.96
CA SER A 51 2.73 -11.70 4.10
C SER A 51 3.44 -10.60 4.90
N GLU A 52 4.16 -11.00 5.94
CA GLU A 52 4.89 -10.05 6.77
C GLU A 52 6.06 -9.44 6.02
N GLN A 53 6.79 -10.29 5.30
CA GLN A 53 7.95 -9.84 4.52
C GLN A 53 7.52 -8.92 3.39
N THR A 54 6.38 -9.23 2.78
CA THR A 54 5.86 -8.43 1.67
C THR A 54 5.62 -6.99 2.11
N VAL A 55 5.07 -6.83 3.32
CA VAL A 55 4.79 -5.50 3.85
C VAL A 55 6.07 -4.69 4.03
N ASN A 56 7.11 -5.35 4.53
CA ASN A 56 8.39 -4.70 4.76
C ASN A 56 8.94 -4.09 3.46
N VAL A 57 8.76 -4.81 2.35
CA VAL A 57 9.24 -4.35 1.06
C VAL A 57 8.37 -3.22 0.53
N LEU A 58 7.07 -3.46 0.44
CA LEU A 58 6.14 -2.45 -0.05
C LEU A 58 6.11 -1.22 0.84
N ALA A 59 6.05 -1.45 2.15
CA ALA A 59 6.02 -0.36 3.12
C ALA A 59 7.23 0.56 2.96
N GLN A 60 8.39 -0.04 2.72
CA GLN A 60 9.62 0.72 2.56
C GLN A 60 9.49 1.69 1.38
N ILE A 61 8.91 1.21 0.29
CA ILE A 61 8.72 2.01 -0.90
C ILE A 61 7.54 2.96 -0.71
N LEU A 62 6.47 2.43 -0.14
CA LEU A 62 5.25 3.20 0.11
C LEU A 62 5.54 4.44 0.93
N LYS A 63 6.42 4.31 1.93
CA LYS A 63 6.76 5.43 2.78
C LYS A 63 7.49 6.51 2.00
N ARG A 64 8.36 6.10 1.09
CA ARG A 64 9.12 7.03 0.27
C ARG A 64 8.29 7.56 -0.90
N LEU A 65 7.18 6.90 -1.19
CA LEU A 65 6.31 7.29 -2.30
C LEU A 65 5.89 8.74 -2.21
N ASN A 66 5.64 9.22 -1.00
CA ASN A 66 5.21 10.59 -0.80
C ASN A 66 3.91 10.87 -1.56
N PRO A 67 2.92 9.97 -1.46
CA PRO A 67 1.63 10.13 -2.14
C PRO A 67 0.75 11.20 -1.48
N GLU A 68 -0.45 11.37 -2.02
CA GLU A 68 -1.38 12.36 -1.49
C GLU A 68 -2.51 11.67 -0.73
N ARG A 69 -3.19 12.43 0.13
CA ARG A 69 -4.30 11.90 0.92
C ARG A 69 -5.64 12.41 0.40
N LYS A 70 -6.55 11.49 0.13
CA LYS A 70 -7.88 11.85 -0.38
C LYS A 70 -8.97 11.11 0.40
N MET A 71 -10.09 11.78 0.62
CA MET A 71 -11.21 11.19 1.33
C MET A 71 -12.28 10.69 0.37
N ILE A 72 -12.38 9.39 0.21
CA ILE A 72 -13.37 8.79 -0.67
C ILE A 72 -14.28 7.82 0.08
N ASN A 73 -15.59 8.06 -0.03
CA ASN A 73 -16.57 7.21 0.65
C ASN A 73 -16.32 7.18 2.15
N ASP A 74 -16.02 8.34 2.71
CA ASP A 74 -15.76 8.45 4.15
C ASP A 74 -14.59 7.55 4.56
N LYS A 75 -13.61 7.44 3.68
CA LYS A 75 -12.44 6.61 3.95
C LYS A 75 -11.17 7.28 3.45
N MET A 76 -10.04 6.95 4.07
CA MET A 76 -8.75 7.53 3.69
C MET A 76 -8.13 6.74 2.54
N HIS A 77 -7.86 7.43 1.44
CA HIS A 77 -7.26 6.80 0.27
C HIS A 77 -6.03 7.56 -0.18
N PHE A 78 -5.20 6.91 -0.99
CA PHE A 78 -3.97 7.52 -1.50
C PHE A 78 -4.06 7.76 -2.99
N SER A 79 -3.51 8.88 -3.45
CA SER A 79 -3.52 9.23 -4.87
C SER A 79 -2.24 9.94 -5.26
N LEU A 80 -1.77 9.65 -6.47
CA LEU A 80 -0.54 10.27 -6.98
C LEU A 80 -0.75 10.82 -8.38
N LYS A 81 -0.48 12.12 -8.55
CA LYS A 81 -0.64 12.78 -9.84
C LYS A 81 0.73 13.08 -10.47
N GLU A 82 0.89 12.69 -11.72
CA GLU A 82 2.14 12.92 -12.44
C GLU A 82 3.30 12.22 -11.74
N GLY B 63 -15.54 -7.55 14.48
CA GLY B 63 -14.07 -7.78 14.57
C GLY B 63 -13.62 -9.00 13.80
N SER B 64 -13.53 -8.86 12.47
CA SER B 64 -13.11 -9.96 11.62
C SER B 64 -11.84 -9.60 10.84
N SER B 65 -10.97 -10.58 10.67
CA SER B 65 -9.72 -10.36 9.95
C SER B 65 -8.88 -9.27 10.62
N SER B 66 -8.84 -9.30 11.94
CA SER B 66 -8.07 -8.31 12.70
C SER B 66 -6.60 -8.34 12.31
N GLU B 67 -6.09 -9.54 12.03
CA GLU B 67 -4.69 -9.70 11.65
C GLU B 67 -4.40 -8.97 10.35
N ALA B 68 -5.37 -8.94 9.45
CA ALA B 68 -5.22 -8.27 8.17
C ALA B 68 -5.06 -6.76 8.35
N ASP B 69 -5.67 -6.24 9.41
CA ASP B 69 -5.59 -4.80 9.70
C ASP B 69 -4.15 -4.37 9.91
N GLU B 70 -3.38 -5.20 10.60
CA GLU B 70 -1.98 -4.89 10.87
C GLU B 70 -1.19 -4.76 9.58
N MET B 71 -1.57 -5.55 8.57
CA MET B 71 -0.90 -5.52 7.28
C MET B 71 -0.97 -4.13 6.66
N ALA B 72 -2.10 -3.46 6.85
CA ALA B 72 -2.30 -2.11 6.31
C ALA B 72 -1.74 -1.04 7.24
N LYS B 73 -1.96 -1.23 8.54
CA LYS B 73 -1.50 -0.28 9.54
C LYS B 73 0.02 -0.10 9.46
N ALA B 74 0.73 -1.18 9.16
CA ALA B 74 2.19 -1.14 9.05
C ALA B 74 2.62 -0.33 7.83
N LEU B 75 1.95 -0.55 6.70
CA LEU B 75 2.28 0.16 5.47
C LEU B 75 1.96 1.64 5.59
N GLU B 76 0.80 1.95 6.14
CA GLU B 76 0.38 3.34 6.31
C GLU B 76 1.14 4.01 7.45
N ALA B 77 1.54 3.21 8.43
CA ALA B 77 2.26 3.74 9.59
C ALA B 77 3.56 4.40 9.16
N GLU B 78 4.19 3.86 8.12
CA GLU B 78 5.46 4.40 7.62
C GLU B 78 5.23 5.71 6.87
N LEU B 79 4.27 5.70 5.95
CA LEU B 79 3.97 6.89 5.17
C LEU B 79 3.53 8.05 6.07
N ASN B 80 2.97 7.70 7.24
CA ASN B 80 2.52 8.70 8.19
C ASN B 80 3.65 9.64 8.59
N ASP B 81 4.84 9.08 8.77
CA ASP B 81 6.01 9.87 9.15
C ASP B 81 6.43 10.79 8.02
N LEU B 82 6.53 10.23 6.82
CA LEU B 82 6.92 11.00 5.64
C LEU B 82 5.83 12.00 5.27
N MET B 83 4.57 11.62 5.50
CA MET B 83 3.44 12.48 5.19
C MET B 83 3.41 12.83 3.70
N ASP A 16 12.02 -15.53 -9.90
CA ASP A 16 11.00 -15.08 -8.92
C ASP A 16 10.45 -13.71 -9.29
N VAL A 17 9.46 -13.25 -8.53
CA VAL A 17 8.83 -11.96 -8.77
C VAL A 17 9.01 -11.03 -7.57
N GLN A 18 9.25 -9.75 -7.86
CA GLN A 18 9.43 -8.76 -6.80
C GLN A 18 8.50 -7.57 -7.00
N VAL A 19 8.44 -6.69 -6.00
CA VAL A 19 7.59 -5.52 -6.07
C VAL A 19 8.38 -4.29 -6.50
N THR A 20 7.79 -3.48 -7.37
CA THR A 20 8.44 -2.27 -7.87
C THR A 20 7.59 -1.03 -7.57
N GLU A 21 8.26 0.07 -7.28
CA GLU A 21 7.57 1.32 -6.98
C GLU A 21 6.69 1.75 -8.13
N ASP A 22 7.17 1.52 -9.35
CA ASP A 22 6.41 1.88 -10.55
C ASP A 22 5.06 1.19 -10.58
N ALA A 23 5.03 -0.06 -10.12
CA ALA A 23 3.79 -0.83 -10.10
C ALA A 23 2.74 -0.17 -9.23
N VAL A 24 3.13 0.22 -8.02
CA VAL A 24 2.21 0.87 -7.10
C VAL A 24 1.73 2.21 -7.65
N ARG A 25 2.66 2.97 -8.22
CA ARG A 25 2.33 4.27 -8.80
C ARG A 25 1.28 4.14 -9.90
N ARG A 26 1.36 3.05 -10.66
CA ARG A 26 0.41 2.81 -11.75
C ARG A 26 -1.01 2.73 -11.22
N TYR A 27 -1.19 2.09 -10.07
CA TYR A 27 -2.51 1.95 -9.47
C TYR A 27 -3.03 3.28 -8.96
N LEU A 28 -2.14 4.06 -8.34
CA LEU A 28 -2.52 5.36 -7.81
C LEU A 28 -2.86 6.34 -8.93
N THR A 29 -2.14 6.22 -10.05
CA THR A 29 -2.38 7.09 -11.20
C THR A 29 -3.78 6.86 -11.76
N ARG A 30 -4.28 5.64 -11.64
CA ARG A 30 -5.61 5.31 -12.13
C ARG A 30 -6.69 5.88 -11.23
N LYS A 31 -6.74 5.39 -10.00
CA LYS A 31 -7.72 5.85 -9.03
C LYS A 31 -7.14 5.82 -7.61
N PRO A 32 -7.46 6.85 -6.79
CA PRO A 32 -6.96 6.94 -5.41
C PRO A 32 -7.32 5.71 -4.59
N MET A 33 -6.33 5.15 -3.90
CA MET A 33 -6.55 3.98 -3.07
C MET A 33 -5.78 4.08 -1.76
N THR A 34 -6.34 3.50 -0.70
CA THR A 34 -5.71 3.54 0.61
C THR A 34 -4.65 2.44 0.74
N THR A 35 -3.79 2.56 1.75
CA THR A 35 -2.74 1.58 1.98
C THR A 35 -3.30 0.16 2.04
N LYS A 36 -4.41 0.00 2.77
CA LYS A 36 -5.04 -1.30 2.90
C LYS A 36 -5.44 -1.86 1.55
N ASP A 37 -6.09 -1.03 0.74
CA ASP A 37 -6.53 -1.45 -0.59
C ASP A 37 -5.33 -1.85 -1.46
N LEU A 38 -4.23 -1.12 -1.31
CA LEU A 38 -3.03 -1.39 -2.08
C LEU A 38 -2.49 -2.79 -1.79
N LEU A 39 -2.52 -3.18 -0.52
CA LEU A 39 -2.03 -4.49 -0.11
C LEU A 39 -2.96 -5.60 -0.62
N LYS A 40 -4.25 -5.31 -0.65
CA LYS A 40 -5.24 -6.28 -1.12
C LYS A 40 -4.97 -6.68 -2.57
N LYS A 41 -4.62 -5.70 -3.40
CA LYS A 41 -4.33 -5.94 -4.80
C LYS A 41 -3.13 -6.86 -4.96
N PHE A 42 -2.15 -6.70 -4.06
CA PHE A 42 -0.94 -7.52 -4.11
C PHE A 42 -0.62 -8.09 -2.72
N GLN A 43 -1.59 -8.79 -2.14
CA GLN A 43 -1.41 -9.38 -0.81
C GLN A 43 -0.26 -10.37 -0.81
N THR A 44 -0.32 -11.35 -1.71
CA THR A 44 0.71 -12.37 -1.81
C THR A 44 0.37 -13.39 -2.88
N LYS A 45 -0.17 -12.90 -4.00
CA LYS A 45 -0.53 -13.78 -5.11
C LYS A 45 0.70 -14.23 -5.88
N LYS A 46 1.24 -13.33 -6.69
CA LYS A 46 2.44 -13.65 -7.49
C LYS A 46 3.66 -12.91 -6.96
N THR A 47 3.62 -12.52 -5.69
CA THR A 47 4.73 -11.80 -5.06
C THR A 47 5.87 -12.76 -4.72
N GLY A 48 5.50 -13.96 -4.26
CA GLY A 48 6.50 -14.94 -3.90
C GLY A 48 6.81 -14.93 -2.42
N LEU A 49 6.63 -13.78 -1.79
CA LEU A 49 6.91 -13.65 -0.36
C LEU A 49 5.60 -13.51 0.43
N SER A 50 5.66 -13.89 1.71
CA SER A 50 4.48 -13.81 2.57
C SER A 50 3.96 -12.38 2.65
N SER A 51 2.74 -12.23 3.17
CA SER A 51 2.12 -10.92 3.31
C SER A 51 2.96 -10.01 4.20
N GLU A 52 3.64 -10.62 5.16
CA GLU A 52 4.49 -9.86 6.09
C GLU A 52 5.68 -9.25 5.34
N GLN A 53 6.33 -10.05 4.51
CA GLN A 53 7.48 -9.59 3.75
C GLN A 53 7.07 -8.58 2.69
N THR A 54 5.89 -8.80 2.09
CA THR A 54 5.38 -7.89 1.07
C THR A 54 5.21 -6.48 1.61
N VAL A 55 4.71 -6.39 2.84
CA VAL A 55 4.50 -5.11 3.49
C VAL A 55 5.83 -4.40 3.78
N ASN A 56 6.85 -5.19 4.09
CA ASN A 56 8.17 -4.65 4.38
C ASN A 56 8.70 -3.83 3.22
N VAL A 57 8.80 -4.46 2.05
CA VAL A 57 9.30 -3.77 0.86
C VAL A 57 8.35 -2.66 0.43
N LEU A 58 7.06 -2.84 0.72
CA LEU A 58 6.05 -1.86 0.36
C LEU A 58 6.13 -0.65 1.29
N ALA A 59 6.39 -0.91 2.57
CA ALA A 59 6.49 0.16 3.55
C ALA A 59 7.65 1.08 3.22
N GLN A 60 8.78 0.49 2.85
CA GLN A 60 9.98 1.26 2.52
C GLN A 60 9.81 1.97 1.17
N ILE A 61 9.33 1.23 0.17
CA ILE A 61 9.13 1.79 -1.16
C ILE A 61 8.09 2.91 -1.12
N LEU A 62 6.99 2.67 -0.42
CA LEU A 62 5.92 3.64 -0.31
C LEU A 62 6.35 4.83 0.55
N LYS A 63 7.29 4.59 1.47
CA LYS A 63 7.78 5.65 2.35
C LYS A 63 8.31 6.83 1.54
N ARG A 64 9.19 6.54 0.59
CA ARG A 64 9.79 7.56 -0.26
C ARG A 64 8.83 7.98 -1.37
N LEU A 65 7.80 7.18 -1.60
CA LEU A 65 6.83 7.46 -2.66
C LEU A 65 6.38 8.92 -2.69
N ASN A 66 6.14 9.50 -1.52
CA ASN A 66 5.72 10.90 -1.45
C ASN A 66 4.43 11.11 -2.26
N PRO A 67 3.41 10.25 -2.05
CA PRO A 67 2.14 10.35 -2.75
C PRO A 67 1.26 11.47 -2.21
N GLU A 68 -0.01 11.48 -2.63
CA GLU A 68 -0.95 12.50 -2.18
C GLU A 68 -1.97 11.90 -1.22
N ARG A 69 -2.63 12.76 -0.46
CA ARG A 69 -3.64 12.31 0.50
C ARG A 69 -5.01 12.88 0.17
N LYS A 70 -6.01 12.01 0.15
CA LYS A 70 -7.38 12.42 -0.14
C LYS A 70 -8.37 11.70 0.77
N MET A 71 -9.38 12.42 1.24
CA MET A 71 -10.39 11.85 2.12
C MET A 71 -11.58 11.33 1.31
N ILE A 72 -11.60 10.02 1.09
CA ILE A 72 -12.69 9.39 0.34
C ILE A 72 -13.46 8.42 1.22
N ASN A 73 -14.78 8.57 1.23
CA ASN A 73 -15.64 7.70 2.03
C ASN A 73 -15.27 7.77 3.50
N ASP A 74 -15.00 8.98 3.99
CA ASP A 74 -14.63 9.18 5.38
C ASP A 74 -13.37 8.40 5.73
N LYS A 75 -12.48 8.23 4.74
CA LYS A 75 -11.23 7.51 4.94
C LYS A 75 -10.10 8.17 4.17
N MET A 76 -8.88 8.02 4.68
CA MET A 76 -7.71 8.60 4.04
C MET A 76 -7.18 7.67 2.95
N HIS A 77 -7.15 8.17 1.72
CA HIS A 77 -6.67 7.39 0.59
C HIS A 77 -5.42 8.02 -0.02
N PHE A 78 -4.73 7.25 -0.86
CA PHE A 78 -3.52 7.72 -1.51
C PHE A 78 -3.75 7.93 -3.01
N SER A 79 -3.20 9.01 -3.54
CA SER A 79 -3.35 9.32 -4.97
C SER A 79 -2.05 9.89 -5.55
N LEU A 80 -1.88 9.73 -6.85
CA LEU A 80 -0.67 10.22 -7.52
C LEU A 80 -0.99 10.64 -8.95
N LYS A 81 -0.95 11.94 -9.20
CA LYS A 81 -1.23 12.48 -10.53
C LYS A 81 0.06 12.62 -11.34
N GLU A 82 0.03 12.15 -12.58
CA GLU A 82 1.20 12.23 -13.46
C GLU A 82 0.78 12.26 -14.92
N GLY B 63 -16.24 -12.45 8.27
CA GLY B 63 -15.45 -13.02 9.40
C GLY B 63 -14.60 -11.97 10.09
N SER B 64 -14.42 -12.12 11.40
CA SER B 64 -13.62 -11.18 12.18
C SER B 64 -12.17 -11.20 11.70
N SER B 65 -11.47 -10.08 11.90
CA SER B 65 -10.07 -9.97 11.50
C SER B 65 -9.25 -9.26 12.57
N SER B 66 -7.94 -9.50 12.55
CA SER B 66 -7.05 -8.88 13.52
C SER B 66 -5.66 -8.67 12.93
N GLU B 67 -5.04 -9.77 12.49
CA GLU B 67 -3.71 -9.69 11.90
C GLU B 67 -3.77 -9.11 10.49
N ALA B 68 -4.88 -9.33 9.80
CA ALA B 68 -5.06 -8.83 8.44
C ALA B 68 -5.04 -7.30 8.42
N ASP B 69 -5.73 -6.68 9.37
CA ASP B 69 -5.78 -5.23 9.44
C ASP B 69 -4.40 -4.65 9.73
N GLU B 70 -3.60 -5.39 10.49
CA GLU B 70 -2.26 -4.94 10.83
C GLU B 70 -1.40 -4.78 9.59
N MET B 71 -1.67 -5.60 8.57
CA MET B 71 -0.93 -5.55 7.32
C MET B 71 -1.02 -4.17 6.68
N ALA B 72 -2.20 -3.55 6.78
CA ALA B 72 -2.41 -2.22 6.21
C ALA B 72 -2.00 -1.13 7.20
N LYS B 73 -2.42 -1.27 8.44
CA LYS B 73 -2.10 -0.28 9.47
C LYS B 73 -0.59 -0.10 9.61
N ALA B 74 0.15 -1.21 9.52
CA ALA B 74 1.60 -1.18 9.64
C ALA B 74 2.23 -0.43 8.47
N LEU B 75 1.76 -0.72 7.27
CA LEU B 75 2.27 -0.07 6.07
C LEU B 75 1.91 1.41 6.04
N GLU B 76 0.70 1.72 6.46
CA GLU B 76 0.23 3.11 6.48
C GLU B 76 1.06 3.95 7.45
N ALA B 77 1.30 3.41 8.64
CA ALA B 77 2.08 4.11 9.66
C ALA B 77 3.46 4.50 9.14
N GLU B 78 3.98 3.72 8.19
CA GLU B 78 5.30 3.98 7.62
C GLU B 78 5.25 5.19 6.70
N LEU B 79 4.50 5.07 5.61
CA LEU B 79 4.38 6.16 4.64
C LEU B 79 3.74 7.39 5.26
N ASN B 80 2.88 7.17 6.26
CA ASN B 80 2.20 8.27 6.94
C ASN B 80 3.20 9.26 7.53
N ASP B 81 4.36 8.75 7.92
CA ASP B 81 5.40 9.59 8.50
C ASP B 81 5.98 10.54 7.46
N LEU B 82 6.12 10.06 6.23
CA LEU B 82 6.65 10.86 5.13
C LEU B 82 5.64 11.91 4.69
N MET B 83 4.35 11.58 4.83
CA MET B 83 3.28 12.50 4.44
C MET B 83 3.54 13.13 3.07
#